data_2Q9I
#
_entry.id   2Q9I
#
_cell.length_a   54.380
_cell.length_b   147.230
_cell.length_c   231.480
_cell.angle_alpha   90.000
_cell.angle_beta   90.000
_cell.angle_gamma   90.000
#
_symmetry.space_group_name_H-M   'P 21 21 21'
#
loop_
_entity.id
_entity.type
_entity.pdbx_description
1 polymer 'Fibrinogen alpha chain'
2 polymer 'Fibrinogen beta chain'
3 polymer 'Fibrinogen, gamma polypeptide'
4 polymer 'Fibrin B Knob (GHRPam)'
5 polymer 'Fibrin B Knob (MHRPYam)'
6 branched 2-acetamido-2-deoxy-beta-D-glucopyranose-(1-4)-2-acetamido-2-deoxy-beta-D-glucopyranose
7 non-polymer 'CALCIUM ION'
#
loop_
_entity_poly.entity_id
_entity_poly.type
_entity_poly.pdbx_seq_one_letter_code
_entity_poly.pdbx_strand_id
1 'polypeptide(L)'
;VSEDLRSRIEVLKRKVIEKVQHIQLLQKNVRAQLVDMKRLEVDIDIKIRSCRGSCSRALAREVDLKDYEDQQKQLEQVIA
KDLLPSR
;
A,D
2 'polypeptide(L)'
;DNENVVNEYSSELEKHQLYIDETVNSNIPTNLRVLRSILENLRSKIQKLESDVSAQMEYCRTPCTVSCNIPVVSGKECEE
IIRKGGETSEMYLIQPDSSVKPYRVYCDMNTENGGWTVIQNRQDGSVDFGRKWDPYKQGFGNVATNTDGKNYCGLPGEYW
LGNDKISQLTRMGPTELLIEMEDWKGDKVKAHYGGFTVQNEANKYQISVNKYRGTAGNALMDGASQLMGENRTMTIHNGM
FFSTYDRDNDGWLTSDPRKQCSKEDGGGWWYNRCHAANPNGRYYWGGQYTWDMAKHGTDDGVVWMNWKGSWYSMRKMSMK
IRPFFPQQ
;
B,E
3 'polypeptide(L)'
;KMLEEIMKYEASILTHDSSIRYLQEIYNSNNQKIVNLKEKVAQLEAQCQEPCKDTVQIHDITGKDCQDIANKGAKQSGLY
FIKPLKANQQFLVYCEIDGSGNGWTVFQKRLDGSVDFKKNWIQYKEGFGHLSPTGTTEFWLGNEKIHLISTQSAIPYALR
VELEDWNGRTSTADYAMFKVGPEADKYRLTYAYFAGGDAGDAFDGFDFGDDPSDKFFTSHNGMQFSTWDNDNDKFEGNCA
EQDGSGWWMNKCHAGHLNGVYYQGGTYSKASTPNGYDNGIIWATWKTRWYSMKKTTMKIIPFNRLTIGEGQQHHLGGAKQ
AGDV
;
C,F
4 'polypeptide(L)' GHRP S,T
5 'polypeptide(L)' MHRPY M,N
#
loop_
_chem_comp.id
_chem_comp.type
_chem_comp.name
_chem_comp.formula
CA non-polymer 'CALCIUM ION' 'Ca 2'
NAG D-saccharide, beta linking 2-acetamido-2-deoxy-beta-D-glucopyranose 'C8 H15 N O6'
#
# COMPACT_ATOMS: atom_id res chain seq x y z
N VAL A 16 -20.11 71.09 83.09
CA VAL A 16 -21.13 71.74 82.22
C VAL A 16 -20.83 71.50 80.73
N ILE A 17 -19.53 71.50 80.40
CA ILE A 17 -19.07 71.30 79.03
C ILE A 17 -19.10 69.84 78.55
N GLU A 18 -20.23 69.17 78.82
CA GLU A 18 -20.43 67.77 78.45
C GLU A 18 -19.95 67.48 77.04
N LYS A 19 -20.12 68.46 76.15
CA LYS A 19 -19.72 68.31 74.77
C LYS A 19 -18.46 69.11 74.44
N VAL A 20 -17.30 68.46 74.53
CA VAL A 20 -16.00 69.08 74.26
C VAL A 20 -15.06 67.91 74.08
N GLN A 21 -14.78 67.26 75.21
CA GLN A 21 -13.90 66.10 75.26
C GLN A 21 -14.57 64.97 74.50
N HIS A 22 -15.88 65.10 74.28
CA HIS A 22 -16.64 64.10 73.55
C HIS A 22 -16.51 64.45 72.07
N ILE A 23 -16.84 65.69 71.72
CA ILE A 23 -16.75 66.13 70.32
C ILE A 23 -15.34 65.97 69.79
N GLN A 24 -14.34 66.40 70.56
CA GLN A 24 -12.96 66.29 70.13
C GLN A 24 -12.48 64.84 69.99
N LEU A 25 -13.13 63.92 70.69
CA LEU A 25 -12.75 62.51 70.60
C LEU A 25 -13.58 61.85 69.51
N LEU A 26 -14.85 62.21 69.43
CA LEU A 26 -15.72 61.65 68.40
C LEU A 26 -15.11 61.98 67.05
N GLN A 27 -14.53 63.19 66.95
CA GLN A 27 -13.90 63.62 65.70
C GLN A 27 -12.58 62.89 65.51
N LYS A 28 -11.82 62.80 66.60
CA LYS A 28 -10.54 62.10 66.60
C LYS A 28 -10.78 60.61 66.31
N ASN A 29 -12.05 60.22 66.36
CA ASN A 29 -12.45 58.85 66.12
C ASN A 29 -13.05 58.64 64.74
N VAL A 30 -13.70 59.66 64.20
CA VAL A 30 -14.29 59.56 62.86
C VAL A 30 -13.16 59.76 61.86
N ARG A 31 -12.14 60.49 62.30
CA ARG A 31 -10.98 60.75 61.48
C ARG A 31 -10.23 59.44 61.23
N ALA A 32 -10.46 58.46 62.11
CA ALA A 32 -9.83 57.16 61.95
C ALA A 32 -10.72 56.35 61.02
N GLN A 33 -12.03 56.64 61.04
CA GLN A 33 -12.97 55.95 60.18
C GLN A 33 -12.70 56.33 58.74
N LEU A 34 -12.17 57.52 58.53
CA LEU A 34 -11.82 57.99 57.18
C LEU A 34 -10.66 57.15 56.68
N VAL A 35 -9.54 57.26 57.38
CA VAL A 35 -8.32 56.52 57.04
C VAL A 35 -8.61 55.06 56.70
N ASP A 36 -9.50 54.47 57.49
CA ASP A 36 -9.91 53.07 57.34
C ASP A 36 -10.77 52.83 56.11
N MET A 37 -11.70 53.75 55.84
CA MET A 37 -12.57 53.64 54.68
C MET A 37 -11.74 53.75 53.41
N LYS A 38 -10.84 54.72 53.40
CA LYS A 38 -9.98 54.91 52.24
C LYS A 38 -9.32 53.59 51.87
N ARG A 39 -8.85 52.87 52.88
CA ARG A 39 -8.19 51.57 52.66
C ARG A 39 -9.17 50.52 52.18
N LEU A 40 -10.38 50.51 52.76
CA LEU A 40 -11.39 49.52 52.37
C LEU A 40 -11.92 49.89 51.00
N GLU A 41 -11.89 51.18 50.71
CA GLU A 41 -12.33 51.71 49.43
C GLU A 41 -11.39 51.08 48.40
N VAL A 42 -10.11 51.31 48.63
CA VAL A 42 -9.03 50.80 47.80
C VAL A 42 -9.04 49.28 47.79
N ASP A 43 -9.01 48.69 48.98
CA ASP A 43 -9.00 47.24 49.14
C ASP A 43 -10.10 46.60 48.31
N ILE A 44 -11.29 47.19 48.35
CA ILE A 44 -12.42 46.66 47.59
C ILE A 44 -12.18 46.85 46.09
N ASP A 45 -11.79 48.05 45.71
CA ASP A 45 -11.52 48.32 44.30
C ASP A 45 -10.62 47.24 43.73
N ILE A 46 -9.51 46.98 44.42
CA ILE A 46 -8.53 45.97 44.02
C ILE A 46 -9.15 44.57 44.04
N LYS A 47 -9.89 44.27 45.10
CA LYS A 47 -10.53 42.95 45.22
C LYS A 47 -11.46 42.68 44.04
N ILE A 48 -12.30 43.64 43.70
CA ILE A 48 -13.23 43.49 42.59
C ILE A 48 -12.53 43.20 41.27
N ARG A 49 -11.42 43.88 41.01
CA ARG A 49 -10.69 43.70 39.74
C ARG A 49 -10.00 42.36 39.62
N SER A 50 -9.57 41.81 40.75
CA SER A 50 -8.92 40.51 40.76
C SER A 50 -9.98 39.48 40.38
N CYS A 51 -11.20 39.99 40.16
CA CYS A 51 -12.33 39.15 39.78
C CYS A 51 -12.46 39.08 38.28
N ARG A 52 -12.15 40.17 37.59
CA ARG A 52 -12.29 40.18 36.14
C ARG A 52 -11.72 38.95 35.47
N GLY A 53 -10.61 38.44 35.99
CA GLY A 53 -10.00 37.26 35.41
C GLY A 53 -10.43 35.97 36.08
N SER A 54 -11.71 35.90 36.44
CA SER A 54 -12.24 34.73 37.12
C SER A 54 -13.77 34.57 36.91
N CYS A 55 -14.46 35.67 36.63
CA CYS A 55 -15.91 35.65 36.43
C CYS A 55 -16.29 36.06 35.02
N SER A 56 -17.58 35.94 34.70
CA SER A 56 -18.15 36.26 33.39
C SER A 56 -17.69 37.61 32.90
N ARG A 57 -17.73 38.57 33.82
CA ARG A 57 -17.29 39.93 33.54
C ARG A 57 -17.19 40.61 34.89
N ALA A 58 -16.38 41.65 34.98
CA ALA A 58 -16.23 42.34 36.24
C ALA A 58 -16.94 43.69 36.18
N LEU A 59 -17.40 44.13 37.34
CA LEU A 59 -18.10 45.40 37.46
C LEU A 59 -17.21 46.57 37.08
N ALA A 60 -17.64 47.35 36.10
CA ALA A 60 -16.87 48.53 35.71
C ALA A 60 -17.06 49.53 36.84
N ARG A 61 -16.01 49.77 37.63
CA ARG A 61 -16.10 50.70 38.74
C ARG A 61 -15.01 51.78 38.73
N GLU A 62 -15.27 52.87 39.46
CA GLU A 62 -14.38 54.02 39.59
C GLU A 62 -14.22 54.45 41.05
N VAL A 63 -12.99 54.47 41.54
CA VAL A 63 -12.72 54.87 42.93
C VAL A 63 -12.43 56.37 43.05
N ASP A 64 -13.29 57.06 43.78
CA ASP A 64 -13.13 58.49 44.00
C ASP A 64 -12.42 58.68 45.33
N LEU A 65 -11.09 58.72 45.30
CA LEU A 65 -10.32 58.89 46.52
C LEU A 65 -9.73 60.29 46.66
N LYS A 66 -10.09 61.19 45.74
CA LYS A 66 -9.61 62.58 45.81
C LYS A 66 -10.46 63.25 46.88
N ASP A 67 -11.72 62.81 46.93
CA ASP A 67 -12.65 63.35 47.89
C ASP A 67 -12.29 62.89 49.29
N TYR A 68 -11.69 61.69 49.40
CA TYR A 68 -11.30 61.18 50.70
C TYR A 68 -10.21 62.11 51.26
N GLU A 69 -9.24 62.49 50.42
CA GLU A 69 -8.20 63.40 50.90
C GLU A 69 -8.87 64.71 51.33
N ASP A 70 -9.77 65.22 50.50
CA ASP A 70 -10.48 66.48 50.78
C ASP A 70 -11.25 66.53 52.09
N GLN A 71 -11.69 65.38 52.59
CA GLN A 71 -12.45 65.35 53.84
C GLN A 71 -11.49 65.19 55.01
N GLN A 72 -10.37 64.52 54.76
CA GLN A 72 -9.37 64.35 55.79
C GLN A 72 -8.78 65.73 56.09
N LYS A 73 -8.31 66.40 55.05
CA LYS A 73 -7.73 67.74 55.16
C LYS A 73 -8.71 68.66 55.88
N GLN A 74 -9.95 68.69 55.40
CA GLN A 74 -10.98 69.52 56.00
C GLN A 74 -11.06 69.27 57.49
N LEU A 75 -11.14 67.99 57.85
CA LEU A 75 -11.24 67.57 59.24
C LEU A 75 -9.99 67.91 60.04
N GLU A 76 -8.82 67.60 59.50
CA GLU A 76 -7.57 67.88 60.18
C GLU A 76 -7.44 69.37 60.54
N GLN A 77 -7.98 70.22 59.66
CA GLN A 77 -7.96 71.66 59.91
C GLN A 77 -8.83 71.90 61.14
N VAL A 78 -10.03 71.31 61.13
CA VAL A 78 -10.99 71.42 62.23
C VAL A 78 -10.37 70.85 63.50
N ILE A 79 -9.74 69.67 63.37
CA ILE A 79 -9.08 69.03 64.50
C ILE A 79 -7.84 69.87 64.78
N ALA A 80 -8.06 71.05 65.33
CA ALA A 80 -6.98 71.97 65.64
C ALA A 80 -7.59 73.24 66.23
N LYS A 81 -8.86 73.16 66.60
CA LYS A 81 -9.53 74.30 67.19
C LYS A 81 -9.16 74.46 68.67
N ASP A 82 -9.74 73.62 69.53
CA ASP A 82 -9.43 73.69 70.96
C ASP A 82 -7.97 73.44 71.27
N VAL B 24 -19.11 84.70 74.31
CA VAL B 24 -17.76 84.14 73.99
C VAL B 24 -17.81 82.62 73.87
N ASN B 25 -17.83 81.94 75.03
CA ASN B 25 -17.88 80.48 75.11
C ASN B 25 -18.60 79.83 73.94
N SER B 26 -18.22 78.59 73.61
CA SER B 26 -18.85 77.88 72.51
C SER B 26 -18.63 78.71 71.26
N ASN B 27 -17.36 79.12 71.04
CA ASN B 27 -16.95 79.94 69.89
C ASN B 27 -17.29 79.23 68.58
N ILE B 28 -16.62 78.10 68.37
CA ILE B 28 -16.80 77.29 67.19
C ILE B 28 -17.35 75.91 67.59
N PRO B 29 -18.65 75.87 67.96
CA PRO B 29 -19.35 74.64 68.37
C PRO B 29 -20.01 73.95 67.18
N THR B 30 -21.03 74.62 66.63
CA THR B 30 -21.76 74.12 65.47
C THR B 30 -20.83 74.19 64.27
N ASN B 31 -19.68 74.80 64.48
CA ASN B 31 -18.66 74.90 63.45
C ASN B 31 -18.17 73.46 63.29
N LEU B 32 -17.73 72.86 64.40
CA LEU B 32 -17.24 71.46 64.40
C LEU B 32 -18.44 70.51 64.45
N ARG B 33 -19.35 70.76 63.53
CA ARG B 33 -20.56 69.98 63.36
C ARG B 33 -20.39 69.41 61.96
N VAL B 34 -19.22 69.72 61.37
CA VAL B 34 -18.87 69.25 60.02
C VAL B 34 -18.68 67.74 60.05
N LEU B 35 -18.79 67.17 61.25
CA LEU B 35 -18.66 65.74 61.43
C LEU B 35 -19.89 65.07 60.85
N ARG B 36 -21.00 65.79 60.81
CA ARG B 36 -22.26 65.29 60.26
C ARG B 36 -22.06 65.07 58.76
N SER B 37 -21.58 66.12 58.10
CA SER B 37 -21.29 66.08 56.67
C SER B 37 -20.36 64.91 56.35
N ILE B 38 -19.24 64.85 57.09
CA ILE B 38 -18.25 63.80 56.92
C ILE B 38 -18.86 62.41 57.06
N LEU B 39 -19.46 62.14 58.22
CA LEU B 39 -20.07 60.86 58.53
C LEU B 39 -21.20 60.45 57.59
N GLU B 40 -22.12 61.38 57.31
CA GLU B 40 -23.23 61.08 56.42
C GLU B 40 -22.68 60.57 55.09
N ASN B 41 -21.70 61.31 54.56
CA ASN B 41 -21.05 60.97 53.29
C ASN B 41 -20.48 59.57 53.32
N LEU B 42 -19.60 59.34 54.29
CA LEU B 42 -19.01 58.04 54.43
C LEU B 42 -20.13 57.03 54.47
N ARG B 43 -21.18 57.35 55.22
CA ARG B 43 -22.31 56.42 55.32
C ARG B 43 -22.86 56.17 53.93
N SER B 44 -22.64 57.13 53.03
CA SER B 44 -23.08 57.04 51.63
C SER B 44 -22.04 56.29 50.80
N LYS B 45 -20.76 56.51 51.12
CA LYS B 45 -19.66 55.84 50.43
C LYS B 45 -19.79 54.35 50.66
N ILE B 46 -20.29 53.98 51.84
CA ILE B 46 -20.46 52.58 52.23
C ILE B 46 -21.62 51.93 51.51
N GLN B 47 -22.69 52.69 51.30
CA GLN B 47 -23.86 52.16 50.61
C GLN B 47 -23.40 51.81 49.20
N LYS B 48 -22.37 52.53 48.73
CA LYS B 48 -21.83 52.31 47.40
C LYS B 48 -21.06 51.00 47.33
N LEU B 49 -20.03 50.87 48.16
CA LEU B 49 -19.22 49.68 48.18
C LEU B 49 -20.07 48.42 48.31
N GLU B 50 -21.06 48.45 49.19
CA GLU B 50 -21.94 47.30 49.39
C GLU B 50 -22.64 46.96 48.10
N SER B 51 -22.96 47.98 47.32
CA SER B 51 -23.61 47.78 46.04
C SER B 51 -22.66 47.05 45.11
N ASP B 52 -21.48 47.63 44.94
CA ASP B 52 -20.48 47.06 44.06
C ASP B 52 -20.16 45.60 44.37
N VAL B 53 -19.97 45.28 45.64
CA VAL B 53 -19.66 43.90 45.98
C VAL B 53 -20.83 42.99 45.62
N SER B 54 -22.07 43.47 45.74
CA SER B 54 -23.28 42.67 45.39
C SER B 54 -23.24 42.29 43.91
N ALA B 55 -23.08 43.30 43.07
CA ALA B 55 -23.03 43.11 41.64
C ALA B 55 -21.89 42.19 41.29
N GLN B 56 -20.70 42.51 41.78
CA GLN B 56 -19.55 41.66 41.47
C GLN B 56 -19.81 40.25 41.96
N MET B 57 -20.63 40.16 42.99
CA MET B 57 -20.99 38.86 43.56
C MET B 57 -21.89 38.12 42.56
N GLU B 58 -22.76 38.89 41.91
CA GLU B 58 -23.69 38.35 40.92
C GLU B 58 -22.99 38.05 39.61
N TYR B 59 -22.20 38.99 39.12
CA TYR B 59 -21.47 38.79 37.89
C TYR B 59 -20.67 37.51 37.98
N CYS B 60 -20.26 37.18 39.20
CA CYS B 60 -19.49 35.97 39.45
C CYS B 60 -20.37 34.74 39.64
N ARG B 61 -21.41 34.63 38.82
CA ARG B 61 -22.33 33.50 38.85
C ARG B 61 -21.97 32.65 37.65
N THR B 62 -21.36 33.30 36.67
CA THR B 62 -20.93 32.64 35.46
C THR B 62 -19.45 33.03 35.32
N PRO B 63 -18.54 32.03 35.29
CA PRO B 63 -17.10 32.23 35.17
C PRO B 63 -16.62 32.66 33.80
N CYS B 64 -15.48 33.36 33.75
CA CYS B 64 -14.91 33.74 32.47
C CYS B 64 -14.47 32.42 31.85
N THR B 65 -14.37 32.39 30.52
CA THR B 65 -13.96 31.19 29.83
C THR B 65 -13.05 31.54 28.68
N VAL B 66 -12.21 30.58 28.31
CA VAL B 66 -11.28 30.73 27.22
C VAL B 66 -11.34 29.45 26.40
N SER B 67 -10.71 29.45 25.25
CA SER B 67 -10.72 28.27 24.41
C SER B 67 -9.36 28.23 23.73
N CYS B 68 -8.36 27.73 24.47
CA CYS B 68 -7.00 27.64 23.99
C CYS B 68 -6.67 26.34 23.30
N ASN B 69 -6.92 26.31 21.99
CA ASN B 69 -6.61 25.12 21.23
C ASN B 69 -5.12 24.98 21.36
N ILE B 70 -4.69 23.74 21.53
CA ILE B 70 -3.29 23.47 21.75
C ILE B 70 -2.43 23.38 20.49
N PRO B 71 -1.36 24.19 20.43
CA PRO B 71 -0.44 24.21 19.30
C PRO B 71 0.13 22.82 19.10
N VAL B 72 0.25 22.37 17.85
CA VAL B 72 0.77 21.03 17.58
C VAL B 72 2.17 20.82 18.16
N VAL B 73 3.08 21.75 17.87
CA VAL B 73 4.46 21.65 18.36
C VAL B 73 4.59 21.82 19.90
N SER B 74 5.37 20.93 20.51
CA SER B 74 5.58 20.94 21.95
C SER B 74 7.08 20.77 22.24
N GLY B 75 7.44 20.74 23.52
CA GLY B 75 8.84 20.58 23.87
C GLY B 75 9.07 20.35 25.35
N LYS B 76 10.27 20.68 25.82
CA LYS B 76 10.62 20.51 27.23
C LYS B 76 10.39 21.84 27.90
N GLU B 77 10.50 22.89 27.08
CA GLU B 77 10.32 24.26 27.52
C GLU B 77 10.25 25.17 26.29
N CYS B 78 9.88 26.43 26.48
CA CYS B 78 9.75 27.35 25.36
C CYS B 78 10.93 27.45 24.41
N GLU B 79 12.14 27.52 24.96
CA GLU B 79 13.35 27.60 24.14
C GLU B 79 13.34 26.52 23.06
N GLU B 80 13.29 25.26 23.50
CA GLU B 80 13.26 24.14 22.56
C GLU B 80 12.17 24.31 21.50
N ILE B 81 10.98 24.68 21.93
CA ILE B 81 9.86 24.87 21.02
C ILE B 81 10.16 25.84 19.90
N ILE B 82 10.79 26.97 20.21
CA ILE B 82 11.09 27.94 19.17
C ILE B 82 12.09 27.35 18.18
N ARG B 83 12.89 26.41 18.64
CA ARG B 83 13.85 25.79 17.75
C ARG B 83 13.15 24.75 16.87
N LYS B 84 11.89 24.46 17.19
CA LYS B 84 11.14 23.47 16.43
C LYS B 84 10.09 24.14 15.56
N GLY B 85 10.27 25.42 15.32
CA GLY B 85 9.34 26.14 14.47
C GLY B 85 8.31 26.99 15.17
N GLY B 86 8.27 26.93 16.50
CA GLY B 86 7.33 27.74 17.25
C GLY B 86 7.67 29.21 17.13
N GLU B 87 7.26 29.83 16.01
CA GLU B 87 7.53 31.25 15.72
C GLU B 87 6.70 32.25 16.50
N THR B 88 5.45 31.91 16.83
CA THR B 88 4.61 32.86 17.54
C THR B 88 4.57 32.78 19.07
N SER B 89 4.29 33.92 19.70
CA SER B 89 4.18 33.99 21.15
C SER B 89 2.76 33.62 21.54
N GLU B 90 2.59 32.51 22.24
CA GLU B 90 1.27 32.07 22.68
C GLU B 90 1.41 30.92 23.66
N MET B 91 0.28 30.35 24.07
CA MET B 91 0.32 29.25 25.00
C MET B 91 0.72 27.99 24.27
N TYR B 92 1.63 27.26 24.88
CA TYR B 92 2.10 26.02 24.32
C TYR B 92 1.97 24.98 25.40
N LEU B 93 2.26 23.75 25.06
CA LEU B 93 2.20 22.68 26.01
C LEU B 93 3.61 22.14 26.08
N ILE B 94 4.22 22.15 27.27
CA ILE B 94 5.57 21.65 27.41
C ILE B 94 5.63 20.53 28.43
N GLN B 95 6.59 19.65 28.27
CA GLN B 95 6.78 18.54 29.20
C GLN B 95 8.25 18.53 29.54
N PRO B 96 8.66 19.36 30.51
CA PRO B 96 10.05 19.46 30.92
C PRO B 96 10.72 18.12 31.10
N ASP B 97 9.97 17.16 31.61
CA ASP B 97 10.51 15.82 31.87
C ASP B 97 9.48 14.74 31.61
N SER B 98 9.94 13.57 31.18
CA SER B 98 9.04 12.45 30.92
C SER B 98 8.16 12.13 32.12
N SER B 99 8.68 12.32 33.32
CA SER B 99 7.89 12.01 34.50
C SER B 99 6.85 13.08 34.78
N VAL B 100 7.07 14.28 34.27
CA VAL B 100 6.11 15.36 34.52
C VAL B 100 4.95 15.33 33.54
N LYS B 101 3.75 15.53 34.05
CA LYS B 101 2.58 15.58 33.20
C LYS B 101 2.76 16.87 32.37
N PRO B 102 2.63 16.76 31.03
CA PRO B 102 2.79 17.98 30.22
C PRO B 102 1.82 19.05 30.71
N TYR B 103 2.30 20.28 30.82
CA TYR B 103 1.45 21.36 31.27
C TYR B 103 1.47 22.61 30.37
N ARG B 104 0.43 23.43 30.51
CA ARG B 104 0.31 24.66 29.73
C ARG B 104 1.22 25.77 30.28
N VAL B 105 1.75 26.59 29.39
CA VAL B 105 2.62 27.71 29.73
C VAL B 105 2.62 28.70 28.57
N TYR B 106 2.90 29.96 28.87
CA TYR B 106 2.93 30.96 27.82
C TYR B 106 4.35 31.24 27.37
N CYS B 107 4.61 31.05 26.08
CA CYS B 107 5.93 31.26 25.50
C CYS B 107 6.10 32.60 24.80
N ASP B 108 7.12 33.35 25.17
CA ASP B 108 7.39 34.63 24.52
C ASP B 108 8.46 34.33 23.50
N MET B 109 8.11 34.37 22.23
CA MET B 109 9.07 34.07 21.18
C MET B 109 9.50 35.33 20.43
N ASN B 110 9.30 36.50 21.03
CA ASN B 110 9.69 37.76 20.38
C ASN B 110 10.71 38.57 21.17
N THR B 111 10.46 38.75 22.45
CA THR B 111 11.37 39.50 23.29
C THR B 111 12.74 38.87 23.25
N GLU B 112 13.73 39.67 22.84
CA GLU B 112 15.13 39.25 22.75
C GLU B 112 15.40 37.79 22.42
N ASN B 113 15.18 37.39 21.18
CA ASN B 113 15.46 36.01 20.76
C ASN B 113 14.44 34.94 21.11
N GLY B 114 13.39 35.30 21.85
CA GLY B 114 12.36 34.33 22.19
C GLY B 114 12.81 33.09 22.94
N GLY B 115 11.92 32.12 23.06
CA GLY B 115 12.25 30.89 23.78
C GLY B 115 12.07 31.12 25.27
N TRP B 116 11.40 32.22 25.59
CA TRP B 116 11.13 32.57 26.97
C TRP B 116 9.92 31.87 27.51
N THR B 117 10.09 31.26 28.66
CA THR B 117 8.99 30.57 29.33
C THR B 117 8.54 31.50 30.44
N VAL B 118 7.34 32.09 30.30
CA VAL B 118 6.82 33.00 31.30
C VAL B 118 6.47 32.24 32.57
N ILE B 119 7.03 32.71 33.67
CA ILE B 119 6.88 32.12 35.00
C ILE B 119 5.86 32.87 35.84
N GLN B 120 5.87 34.19 35.70
CA GLN B 120 4.96 35.05 36.46
C GLN B 120 4.64 36.21 35.55
N ASN B 121 3.41 36.71 35.63
CA ASN B 121 3.03 37.86 34.80
C ASN B 121 1.93 38.74 35.39
N ARG B 122 2.10 40.04 35.24
CA ARG B 122 1.12 41.02 35.73
C ARG B 122 0.92 42.06 34.62
N GLN B 123 -0.34 42.43 34.36
CA GLN B 123 -0.62 43.41 33.31
C GLN B 123 -1.95 44.12 33.44
N ASP B 124 -2.89 43.51 34.14
CA ASP B 124 -4.22 44.10 34.30
C ASP B 124 -4.86 43.93 35.68
N GLY B 125 -4.17 43.28 36.60
CA GLY B 125 -4.71 43.08 37.95
C GLY B 125 -5.96 42.21 37.97
N SER B 126 -6.06 41.31 36.98
CA SER B 126 -7.19 40.40 36.84
C SER B 126 -7.07 39.19 37.71
N VAL B 127 -5.89 39.01 38.31
CA VAL B 127 -5.70 37.84 39.15
C VAL B 127 -5.19 38.22 40.54
N ASP B 128 -5.73 37.54 41.55
CA ASP B 128 -5.36 37.75 42.95
C ASP B 128 -3.99 37.11 43.22
N PHE B 129 -3.00 37.92 43.58
CA PHE B 129 -1.70 37.33 43.85
C PHE B 129 -1.38 37.06 45.31
N GLY B 130 -2.30 37.42 46.19
CA GLY B 130 -2.09 37.15 47.60
C GLY B 130 -2.74 35.84 48.00
N ARG B 131 -2.13 34.72 47.61
CA ARG B 131 -2.70 33.41 47.95
C ARG B 131 -1.84 32.63 48.93
N LYS B 132 -2.39 31.54 49.48
CA LYS B 132 -1.67 30.72 50.44
C LYS B 132 -0.49 29.94 49.86
N TRP B 133 0.07 29.04 50.66
CA TRP B 133 1.20 28.25 50.24
C TRP B 133 0.91 27.24 49.12
N ASP B 134 -0.18 26.47 49.25
CA ASP B 134 -0.49 25.48 48.22
C ASP B 134 -0.76 26.06 46.82
N PRO B 135 -1.48 27.19 46.73
CA PRO B 135 -1.77 27.81 45.43
C PRO B 135 -0.50 28.31 44.75
N TYR B 136 0.50 28.68 45.53
CA TYR B 136 1.77 29.16 44.98
C TYR B 136 2.64 28.00 44.54
N LYS B 137 2.44 26.87 45.20
CA LYS B 137 3.14 25.63 44.91
C LYS B 137 2.58 25.05 43.61
N GLN B 138 1.25 24.95 43.55
CA GLN B 138 0.53 24.42 42.39
C GLN B 138 0.56 25.39 41.24
N GLY B 139 0.55 26.67 41.56
CA GLY B 139 0.53 27.68 40.51
C GLY B 139 -0.92 28.09 40.38
N PHE B 140 -1.15 29.31 39.92
CA PHE B 140 -2.49 29.81 39.77
C PHE B 140 -2.58 30.88 38.69
N GLY B 141 -3.80 31.31 38.40
CA GLY B 141 -4.03 32.34 37.41
C GLY B 141 -4.40 31.82 36.04
N ASN B 142 -4.31 32.72 35.07
CA ASN B 142 -4.64 32.39 33.70
C ASN B 142 -3.42 32.42 32.79
N VAL B 143 -3.02 31.24 32.32
CA VAL B 143 -1.88 31.13 31.45
C VAL B 143 -2.05 32.00 30.24
N ALA B 144 -3.24 31.95 29.63
CA ALA B 144 -3.50 32.76 28.44
C ALA B 144 -4.97 32.87 28.10
N THR B 145 -5.28 33.85 27.24
CA THR B 145 -6.63 34.15 26.76
C THR B 145 -6.61 34.31 25.23
N ASN B 146 -7.78 34.19 24.61
CA ASN B 146 -7.88 34.28 23.16
C ASN B 146 -7.74 35.70 22.63
N THR B 147 -7.07 35.81 21.48
CA THR B 147 -6.84 37.09 20.83
C THR B 147 -8.00 37.34 19.87
N ASP B 148 -8.90 38.26 20.23
CA ASP B 148 -10.05 38.58 19.39
C ASP B 148 -10.58 37.37 18.61
N GLY B 149 -10.62 37.48 17.27
CA GLY B 149 -11.11 36.40 16.42
C GLY B 149 -10.44 35.04 16.62
N LYS B 150 -9.18 34.94 16.20
CA LYS B 150 -8.36 33.72 16.32
C LYS B 150 -8.79 32.65 17.36
N ASN B 151 -8.57 31.39 17.00
CA ASN B 151 -8.94 30.25 17.85
C ASN B 151 -7.90 29.83 18.89
N TYR B 152 -6.73 30.46 18.88
CA TYR B 152 -5.70 30.14 19.87
C TYR B 152 -5.57 31.30 20.86
N CYS B 153 -5.03 31.01 22.05
CA CYS B 153 -4.82 32.04 23.09
C CYS B 153 -3.47 32.73 22.93
N GLY B 154 -3.46 33.83 22.19
CA GLY B 154 -2.23 34.55 21.92
C GLY B 154 -1.85 35.62 22.92
N LEU B 155 -2.75 35.96 23.83
CA LEU B 155 -2.43 36.95 24.84
C LEU B 155 -2.14 36.20 26.12
N PRO B 156 -1.19 36.69 26.93
CA PRO B 156 -0.91 36.00 28.18
C PRO B 156 -1.90 36.46 29.22
N GLY B 157 -2.02 35.74 30.32
CA GLY B 157 -2.93 36.15 31.37
C GLY B 157 -2.09 36.41 32.60
N GLU B 158 -2.70 36.83 33.70
CA GLU B 158 -1.92 37.04 34.89
C GLU B 158 -1.87 35.67 35.56
N TYR B 159 -0.66 35.21 35.90
CA TYR B 159 -0.51 33.92 36.53
C TYR B 159 0.84 33.72 37.13
N TRP B 160 0.93 32.62 37.87
CA TRP B 160 2.13 32.19 38.55
C TRP B 160 2.27 30.69 38.27
N LEU B 161 3.12 30.36 37.30
CA LEU B 161 3.33 28.98 36.88
C LEU B 161 3.22 27.89 37.93
N GLY B 162 3.85 28.10 39.08
CA GLY B 162 3.84 27.10 40.15
C GLY B 162 5.26 26.86 40.64
N ASN B 163 5.48 27.06 41.93
CA ASN B 163 6.81 26.89 42.52
C ASN B 163 7.53 25.60 42.16
N ASP B 164 6.80 24.49 42.04
CA ASP B 164 7.42 23.22 41.68
C ASP B 164 7.87 23.18 40.22
N LYS B 165 6.96 23.54 39.31
CA LYS B 165 7.25 23.56 37.89
C LYS B 165 8.42 24.49 37.67
N ILE B 166 8.34 25.67 38.30
CA ILE B 166 9.40 26.66 38.20
C ILE B 166 10.72 26.06 38.62
N SER B 167 10.77 25.58 39.86
CA SER B 167 11.97 24.95 40.40
C SER B 167 12.51 23.90 39.47
N GLN B 168 11.71 22.88 39.19
CA GLN B 168 12.12 21.80 38.31
C GLN B 168 12.70 22.30 37.00
N LEU B 169 12.23 23.47 36.56
CA LEU B 169 12.72 24.06 35.33
C LEU B 169 14.12 24.60 35.49
N THR B 170 14.29 25.56 36.39
CA THR B 170 15.60 26.17 36.63
C THR B 170 16.64 25.11 36.98
N ARG B 171 16.17 23.97 37.48
CA ARG B 171 17.04 22.89 37.87
C ARG B 171 17.37 21.88 36.77
N MET B 172 16.85 22.09 35.57
CA MET B 172 17.14 21.17 34.47
C MET B 172 18.55 21.41 33.96
N GLY B 173 19.03 22.64 34.13
CA GLY B 173 20.35 23.00 33.67
C GLY B 173 20.49 24.50 33.79
N PRO B 174 21.65 25.07 33.41
CA PRO B 174 21.81 26.51 33.51
C PRO B 174 20.59 27.26 32.97
N THR B 175 19.96 28.05 33.84
CA THR B 175 18.79 28.83 33.45
C THR B 175 18.98 30.30 33.73
N GLU B 176 18.56 31.14 32.79
CA GLU B 176 18.65 32.57 32.98
C GLU B 176 17.25 33.09 33.25
N LEU B 177 17.17 34.29 33.83
CA LEU B 177 15.89 34.88 34.19
C LEU B 177 15.77 36.33 33.76
N LEU B 178 14.72 36.64 33.01
CA LEU B 178 14.49 38.00 32.55
C LEU B 178 13.22 38.59 33.13
N ILE B 179 13.41 39.62 33.94
CA ILE B 179 12.29 40.28 34.58
C ILE B 179 12.05 41.61 33.90
N GLU B 180 10.78 41.91 33.61
CA GLU B 180 10.42 43.16 32.96
C GLU B 180 9.30 43.85 33.68
N MET B 181 9.24 45.17 33.53
CA MET B 181 8.21 45.94 34.18
C MET B 181 7.98 47.20 33.39
N GLU B 182 6.78 47.75 33.48
CA GLU B 182 6.45 48.96 32.75
C GLU B 182 5.61 49.85 33.66
N ASP B 183 5.89 51.15 33.68
CA ASP B 183 5.11 52.05 34.53
C ASP B 183 3.85 52.55 33.81
N TRP B 184 3.06 53.35 34.51
CA TRP B 184 1.83 53.85 33.93
C TRP B 184 2.11 55.03 33.04
N LYS B 185 3.36 55.20 32.66
CA LYS B 185 3.75 56.31 31.80
C LYS B 185 4.22 55.84 30.43
N GLY B 186 4.36 54.52 30.26
CA GLY B 186 4.81 53.98 28.99
C GLY B 186 6.25 53.49 28.99
N ASP B 187 7.05 54.01 29.92
CA ASP B 187 8.46 53.64 30.07
C ASP B 187 8.59 52.24 30.68
N LYS B 188 9.71 51.59 30.38
CA LYS B 188 9.97 50.26 30.89
C LYS B 188 11.46 50.09 31.19
N VAL B 189 11.78 49.09 31.99
CA VAL B 189 13.16 48.78 32.35
C VAL B 189 13.17 47.28 32.60
N LYS B 190 14.36 46.67 32.54
CA LYS B 190 14.43 45.24 32.76
C LYS B 190 15.52 44.87 33.74
N ALA B 191 15.46 43.62 34.17
CA ALA B 191 16.42 43.06 35.10
C ALA B 191 16.70 41.64 34.62
N HIS B 192 17.94 41.45 34.18
CA HIS B 192 18.41 40.20 33.65
C HIS B 192 19.30 39.51 34.64
N TYR B 193 19.15 38.19 34.78
CA TYR B 193 19.98 37.43 35.68
C TYR B 193 20.44 36.20 34.92
N GLY B 194 21.68 36.22 34.48
CA GLY B 194 22.24 35.11 33.73
C GLY B 194 22.14 33.79 34.45
N GLY B 195 21.97 33.84 35.77
CA GLY B 195 21.84 32.62 36.54
C GLY B 195 20.60 32.71 37.41
N PHE B 196 19.77 31.68 37.38
CA PHE B 196 18.56 31.67 38.19
C PHE B 196 18.33 30.24 38.69
N THR B 197 17.94 30.12 39.97
CA THR B 197 17.70 28.82 40.56
C THR B 197 16.77 28.82 41.76
N VAL B 198 15.69 28.04 41.65
CA VAL B 198 14.72 27.89 42.72
C VAL B 198 14.75 26.44 43.17
N GLN B 199 15.09 26.22 44.44
CA GLN B 199 15.16 24.86 44.96
C GLN B 199 13.76 24.29 45.20
N ASN B 200 13.68 23.01 45.55
CA ASN B 200 12.40 22.34 45.79
C ASN B 200 11.74 22.78 47.09
N GLU B 201 10.50 22.33 47.30
CA GLU B 201 9.73 22.68 48.49
C GLU B 201 10.47 22.31 49.76
N ALA B 202 11.11 21.15 49.76
CA ALA B 202 11.85 20.71 50.92
C ALA B 202 12.87 21.79 51.29
N ASN B 203 13.37 22.50 50.28
CA ASN B 203 14.34 23.57 50.48
C ASN B 203 13.64 24.93 50.41
N LYS B 204 12.33 24.92 50.67
CA LYS B 204 11.53 26.13 50.69
C LYS B 204 11.71 27.05 49.48
N TYR B 205 11.93 26.45 48.31
CA TYR B 205 12.09 27.20 47.06
C TYR B 205 13.08 28.35 47.19
N GLN B 206 14.18 28.08 47.88
CA GLN B 206 15.21 29.09 48.09
C GLN B 206 15.72 29.59 46.76
N ILE B 207 15.51 30.89 46.54
CA ILE B 207 15.93 31.51 45.31
C ILE B 207 17.42 31.79 45.27
N SER B 208 18.00 31.58 44.10
CA SER B 208 19.42 31.82 43.90
C SER B 208 19.59 32.53 42.56
N VAL B 209 20.11 33.75 42.56
CA VAL B 209 20.32 34.48 41.32
C VAL B 209 21.72 35.12 41.23
N ASN B 210 22.19 35.35 40.00
CA ASN B 210 23.50 35.96 39.76
C ASN B 210 23.59 36.47 38.34
N LYS B 211 24.74 37.02 37.98
CA LYS B 211 24.96 37.56 36.63
C LYS B 211 23.89 38.58 36.22
N TYR B 212 23.75 39.64 37.02
CA TYR B 212 22.77 40.69 36.74
C TYR B 212 23.23 41.65 35.64
N ARG B 213 22.27 42.41 35.10
CA ARG B 213 22.51 43.43 34.08
C ARG B 213 21.15 43.97 33.65
N GLY B 214 21.06 45.28 33.38
CA GLY B 214 19.77 45.82 32.99
C GLY B 214 19.55 47.30 33.29
N THR B 215 18.28 47.71 33.25
CA THR B 215 17.91 49.09 33.48
C THR B 215 17.11 49.35 34.74
N ALA B 216 16.52 48.32 35.30
CA ALA B 216 15.79 48.47 36.55
C ALA B 216 16.92 48.20 37.54
N GLY B 217 16.83 48.65 38.78
CA GLY B 217 17.93 48.37 39.71
C GLY B 217 18.19 46.90 40.02
N ASN B 218 19.36 46.57 40.58
CA ASN B 218 19.62 45.16 40.91
C ASN B 218 19.04 44.88 42.28
N ALA B 219 17.73 45.02 42.38
CA ALA B 219 17.03 44.82 43.63
C ALA B 219 17.19 43.42 44.21
N LEU B 220 17.20 42.41 43.35
CA LEU B 220 17.30 41.05 43.85
C LEU B 220 18.58 40.68 44.60
N MET B 221 19.73 41.10 44.06
CA MET B 221 21.02 40.81 44.65
C MET B 221 21.58 41.87 45.62
N ASP B 222 21.17 43.13 45.43
CA ASP B 222 21.68 44.22 46.26
C ASP B 222 20.73 44.89 47.26
N GLY B 223 19.43 44.88 46.96
CA GLY B 223 18.51 45.54 47.87
C GLY B 223 18.23 46.93 47.35
N ALA B 224 17.29 47.62 47.97
CA ALA B 224 16.90 48.96 47.53
C ALA B 224 18.01 49.99 47.69
N SER B 225 18.28 50.70 46.60
CA SER B 225 19.31 51.73 46.59
C SER B 225 18.93 52.88 47.51
N GLN B 226 17.63 53.13 47.67
CA GLN B 226 17.19 54.21 48.56
C GLN B 226 17.80 53.98 49.94
N LEU B 227 17.76 52.73 50.40
CA LEU B 227 18.25 52.33 51.71
C LEU B 227 19.75 52.24 51.88
N MET B 228 20.19 52.29 53.13
CA MET B 228 21.61 52.22 53.47
C MET B 228 21.83 51.20 54.60
N GLY B 229 23.06 51.09 55.07
CA GLY B 229 23.40 50.17 56.15
C GLY B 229 22.79 48.79 56.07
N GLU B 230 22.37 48.23 57.21
CA GLU B 230 21.78 46.90 57.20
C GLU B 230 20.37 46.97 56.65
N ASN B 231 19.85 48.19 56.48
CA ASN B 231 18.50 48.38 55.94
C ASN B 231 18.46 47.88 54.50
N ARG B 232 19.51 48.23 53.77
CA ARG B 232 19.65 47.84 52.38
C ARG B 232 19.76 46.34 52.27
N THR B 233 20.76 45.79 52.95
CA THR B 233 21.03 44.37 52.94
C THR B 233 19.91 43.43 53.39
N MET B 234 18.98 43.95 54.18
CA MET B 234 17.90 43.09 54.62
C MET B 234 16.76 43.07 53.60
N THR B 235 16.90 43.84 52.52
CA THR B 235 15.89 43.87 51.48
C THR B 235 16.43 43.08 50.29
N ILE B 236 17.49 42.31 50.54
CA ILE B 236 18.10 41.49 49.52
C ILE B 236 17.32 40.20 49.41
N HIS B 237 17.03 39.80 48.16
CA HIS B 237 16.24 38.61 47.93
C HIS B 237 17.05 37.38 47.61
N ASN B 238 18.19 37.59 46.98
CA ASN B 238 19.05 36.47 46.64
C ASN B 238 19.25 35.58 47.87
N GLY B 239 19.11 34.27 47.69
CA GLY B 239 19.29 33.35 48.81
C GLY B 239 18.11 33.16 49.75
N MET B 240 17.09 34.02 49.64
CA MET B 240 15.92 33.93 50.51
C MET B 240 15.03 32.70 50.30
N PHE B 241 14.12 32.48 51.23
CA PHE B 241 13.18 31.37 51.14
C PHE B 241 11.87 31.95 50.66
N PHE B 242 10.98 31.08 50.15
CA PHE B 242 9.69 31.53 49.67
C PHE B 242 8.65 31.57 50.77
N SER B 243 7.96 32.70 50.92
CA SER B 243 6.96 32.83 51.97
C SER B 243 5.56 33.22 51.46
N THR B 244 4.54 32.64 52.07
CA THR B 244 3.13 32.92 51.78
C THR B 244 2.55 33.34 53.13
N TYR B 245 1.42 34.02 53.14
CA TYR B 245 0.88 34.49 54.43
C TYR B 245 0.53 33.36 55.42
N ASP B 246 0.41 32.14 54.94
CA ASP B 246 0.10 31.06 55.85
C ASP B 246 1.36 30.20 56.05
N ARG B 247 2.50 30.74 55.61
CA ARG B 247 3.78 30.05 55.74
C ARG B 247 4.94 31.04 55.86
N ASP B 248 5.39 31.28 57.08
CA ASP B 248 6.48 32.22 57.35
C ASP B 248 7.85 31.62 57.07
N ASN B 249 8.61 32.28 56.20
CA ASN B 249 9.96 31.86 55.87
C ASN B 249 10.83 33.06 55.56
N ASP B 250 10.33 34.24 55.90
CA ASP B 250 11.09 35.44 55.69
C ASP B 250 12.13 35.58 56.79
N GLY B 251 13.17 36.37 56.48
CA GLY B 251 14.25 36.60 57.42
C GLY B 251 13.91 37.67 58.44
N TRP B 252 12.62 37.79 58.75
CA TRP B 252 12.16 38.76 59.75
C TRP B 252 11.90 38.01 61.04
N LEU B 253 12.97 37.64 61.72
CA LEU B 253 12.89 36.86 62.95
C LEU B 253 12.10 37.56 64.06
N THR B 254 10.86 37.12 64.26
CA THR B 254 9.98 37.67 65.28
C THR B 254 8.92 36.64 65.69
N SER B 255 8.55 36.64 66.96
CA SER B 255 7.56 35.71 67.48
C SER B 255 6.15 36.25 67.26
N ASP B 256 6.05 37.55 67.02
CA ASP B 256 4.75 38.17 66.77
C ASP B 256 4.20 37.55 65.48
N PRO B 257 3.01 36.94 65.55
CA PRO B 257 2.37 36.31 64.38
C PRO B 257 1.91 37.34 63.33
N ARG B 258 1.81 38.59 63.77
CA ARG B 258 1.40 39.68 62.90
C ARG B 258 2.54 40.18 62.04
N LYS B 259 3.75 40.14 62.60
CA LYS B 259 4.93 40.62 61.90
C LYS B 259 5.65 39.55 61.07
N GLN B 260 5.14 39.40 59.84
CA GLN B 260 5.66 38.48 58.84
C GLN B 260 5.55 39.28 57.54
N CYS B 261 6.56 39.19 56.69
CA CYS B 261 6.57 39.95 55.44
C CYS B 261 5.41 39.66 54.51
N SER B 262 5.25 38.39 54.14
CA SER B 262 4.19 37.99 53.23
C SER B 262 2.84 38.59 53.59
N LYS B 263 2.39 38.33 54.81
CA LYS B 263 1.12 38.85 55.31
C LYS B 263 0.93 40.34 55.03
N GLU B 264 1.92 41.15 55.40
CA GLU B 264 1.86 42.61 55.22
C GLU B 264 2.06 43.16 53.79
N ASP B 265 3.14 42.73 53.14
CA ASP B 265 3.48 43.25 51.82
C ASP B 265 2.78 42.73 50.58
N GLY B 266 1.79 41.87 50.72
CA GLY B 266 1.07 41.45 49.51
C GLY B 266 0.76 40.00 49.22
N GLY B 267 1.76 39.26 48.75
CA GLY B 267 1.54 37.87 48.43
C GLY B 267 2.80 37.07 48.57
N GLY B 268 2.84 35.91 47.92
CA GLY B 268 4.00 35.03 47.98
C GLY B 268 5.23 35.58 47.28
N TRP B 269 6.39 35.40 47.90
CA TRP B 269 7.62 35.92 47.33
C TRP B 269 8.79 35.53 48.21
N TRP B 270 10.00 35.67 47.69
CA TRP B 270 11.21 35.36 48.44
C TRP B 270 11.57 36.57 49.30
N TYR B 271 10.82 36.72 50.39
CA TYR B 271 11.00 37.83 51.32
C TYR B 271 12.17 37.66 52.26
N ASN B 272 12.83 38.78 52.53
CA ASN B 272 13.96 38.82 53.44
C ASN B 272 13.37 39.52 54.67
N ARG B 273 13.51 40.85 54.72
CA ARG B 273 12.97 41.66 55.81
C ARG B 273 12.96 43.15 55.42
N CYS B 274 12.15 43.52 54.43
CA CYS B 274 11.29 42.57 53.73
C CYS B 274 11.61 42.44 52.23
N HIS B 275 11.56 43.56 51.51
CA HIS B 275 11.82 43.51 50.08
C HIS B 275 12.42 44.77 49.46
N ALA B 276 12.81 44.61 48.19
CA ALA B 276 13.36 45.68 47.38
C ALA B 276 12.51 45.68 46.12
N ALA B 277 12.01 44.50 45.79
CA ALA B 277 11.16 44.27 44.64
C ALA B 277 10.03 43.38 45.13
N ASN B 278 8.82 43.60 44.66
CA ASN B 278 7.70 42.78 45.11
C ASN B 278 6.77 42.51 43.92
N PRO B 279 7.25 41.72 42.96
CA PRO B 279 6.49 41.36 41.75
C PRO B 279 5.10 40.82 42.00
N ASN B 280 4.91 40.14 43.13
CA ASN B 280 3.60 39.59 43.41
C ASN B 280 2.75 40.35 44.43
N GLY B 281 2.96 41.66 44.49
CA GLY B 281 2.20 42.47 45.41
C GLY B 281 0.79 42.74 44.92
N ARG B 282 0.21 43.79 45.47
CA ARG B 282 -1.14 44.23 45.15
C ARG B 282 -1.13 45.12 43.90
N TYR B 283 -2.04 44.88 42.96
CA TYR B 283 -2.09 45.68 41.74
C TYR B 283 -2.77 47.04 41.91
N TYR B 284 -2.02 48.00 42.42
CA TYR B 284 -2.52 49.35 42.62
C TYR B 284 -2.62 49.98 41.24
N TRP B 285 -3.77 50.59 40.97
CA TRP B 285 -4.03 51.24 39.69
C TRP B 285 -3.53 52.69 39.72
N GLY B 286 -2.94 53.12 38.62
CA GLY B 286 -2.40 54.48 38.53
C GLY B 286 -0.95 54.51 38.97
N GLY B 287 -0.50 53.37 39.52
CA GLY B 287 0.87 53.24 39.98
C GLY B 287 1.07 53.88 41.34
N GLN B 288 0.96 55.20 41.36
CA GLN B 288 1.16 55.97 42.57
C GLN B 288 0.18 55.61 43.69
N TYR B 289 0.71 55.12 44.81
CA TYR B 289 -0.13 54.78 45.96
C TYR B 289 0.55 55.24 47.23
N THR B 290 -0.22 55.23 48.33
CA THR B 290 0.26 55.67 49.63
C THR B 290 -0.04 54.68 50.75
N TRP B 291 0.58 54.90 51.89
CA TRP B 291 0.41 54.01 53.04
C TRP B 291 -1.02 53.98 53.58
N ASP B 292 -1.72 55.13 53.53
CA ASP B 292 -3.08 55.22 54.04
C ASP B 292 -4.09 54.58 53.10
N MET B 293 -3.55 53.97 52.03
CA MET B 293 -4.35 53.26 51.03
C MET B 293 -4.07 51.77 51.22
N ALA B 294 -2.82 51.47 51.60
CA ALA B 294 -2.35 50.10 51.81
C ALA B 294 -3.01 49.39 52.98
N LYS B 295 -3.54 48.21 52.72
CA LYS B 295 -4.21 47.42 53.75
C LYS B 295 -3.45 47.41 55.07
N HIS B 296 -2.14 47.26 55.01
CA HIS B 296 -1.34 47.22 56.22
C HIS B 296 -0.36 48.37 56.36
N GLY B 297 -0.62 49.46 55.65
CA GLY B 297 0.26 50.61 55.75
C GLY B 297 1.65 50.41 55.19
N THR B 298 1.94 49.23 54.65
CA THR B 298 3.26 48.97 54.07
C THR B 298 3.19 49.14 52.56
N ASP B 299 4.33 49.03 51.88
CA ASP B 299 4.34 49.12 50.42
C ASP B 299 4.10 47.72 49.81
N ASP B 300 2.84 47.27 49.89
CA ASP B 300 2.45 45.96 49.37
C ASP B 300 2.08 45.96 47.89
N GLY B 301 2.44 47.03 47.18
CA GLY B 301 2.14 47.10 45.75
C GLY B 301 3.07 46.23 44.91
N VAL B 302 3.00 46.37 43.59
CA VAL B 302 3.86 45.62 42.69
C VAL B 302 5.08 46.53 42.53
N VAL B 303 5.92 46.51 43.57
CA VAL B 303 7.08 47.39 43.63
C VAL B 303 8.41 46.85 43.16
N TRP B 304 9.26 47.79 42.75
CA TRP B 304 10.63 47.55 42.37
C TRP B 304 11.27 48.87 42.76
N MET B 305 11.48 49.01 44.06
CA MET B 305 12.03 50.20 44.66
C MET B 305 13.16 50.77 43.84
N ASN B 306 14.14 49.92 43.55
CA ASN B 306 15.31 50.32 42.78
C ASN B 306 15.01 51.14 41.54
N TRP B 307 13.75 51.17 41.10
CA TRP B 307 13.40 51.96 39.92
C TRP B 307 12.36 53.06 40.18
N LYS B 308 11.35 52.80 40.99
CA LYS B 308 10.34 53.83 41.23
C LYS B 308 9.95 54.02 42.69
N GLY B 309 10.91 53.83 43.58
CA GLY B 309 10.61 53.99 44.99
C GLY B 309 9.68 52.87 45.42
N SER B 310 9.25 52.93 46.67
CA SER B 310 8.38 51.89 47.17
C SER B 310 6.89 52.21 47.08
N TRP B 311 6.56 53.47 46.82
CA TRP B 311 5.15 53.86 46.72
C TRP B 311 4.71 54.01 45.29
N TYR B 312 5.05 53.00 44.49
CA TYR B 312 4.69 52.96 43.09
C TYR B 312 4.54 51.51 42.61
N SER B 313 3.31 51.16 42.26
CA SER B 313 2.94 49.82 41.78
C SER B 313 2.96 49.82 40.25
N MET B 314 3.86 49.02 39.66
CA MET B 314 4.00 48.92 38.19
C MET B 314 2.69 48.60 37.46
N ARG B 315 2.67 48.79 36.15
CA ARG B 315 1.47 48.46 35.37
C ARG B 315 1.67 47.10 34.70
N LYS B 316 2.92 46.78 34.42
CA LYS B 316 3.30 45.51 33.81
C LYS B 316 4.53 45.00 34.58
N MET B 317 4.55 43.69 34.84
CA MET B 317 5.64 43.06 35.57
C MET B 317 5.65 41.58 35.21
N SER B 318 6.75 41.10 34.65
CA SER B 318 6.77 39.71 34.25
C SER B 318 8.09 39.05 34.52
N MET B 319 8.05 37.73 34.65
CA MET B 319 9.25 36.94 34.90
C MET B 319 9.30 35.80 33.90
N LYS B 320 10.37 35.76 33.12
CA LYS B 320 10.56 34.72 32.11
C LYS B 320 11.86 33.98 32.36
N ILE B 321 11.92 32.73 31.94
CA ILE B 321 13.14 31.96 32.11
C ILE B 321 13.50 31.28 30.81
N ARG B 322 14.76 30.88 30.69
CA ARG B 322 15.22 30.24 29.47
C ARG B 322 16.55 29.62 29.74
N PRO B 323 16.85 28.50 29.07
CA PRO B 323 18.15 27.86 29.31
C PRO B 323 19.22 28.90 28.93
N PHE B 324 20.27 28.97 29.74
CA PHE B 324 21.33 29.96 29.53
C PHE B 324 22.20 29.78 28.28
N PHE B 325 22.86 28.64 28.19
CA PHE B 325 23.73 28.34 27.06
C PHE B 325 24.57 27.09 27.30
N PRO B 326 25.14 26.92 28.53
CA PRO B 326 25.96 25.74 28.87
C PRO B 326 25.19 24.52 29.39
N THR C 15 -29.22 71.33 75.68
CA THR C 15 -28.75 72.13 74.51
C THR C 15 -28.50 71.24 73.28
N HIS C 16 -27.40 71.50 72.58
CA HIS C 16 -27.03 70.74 71.38
C HIS C 16 -26.16 69.54 71.70
N ASP C 17 -26.80 68.47 72.10
CA ASP C 17 -26.12 67.24 72.43
C ASP C 17 -26.96 66.18 71.77
N SER C 18 -28.21 66.55 71.51
CA SER C 18 -29.16 65.66 70.85
C SER C 18 -28.55 65.37 69.50
N SER C 19 -27.59 66.23 69.12
CA SER C 19 -26.89 66.10 67.86
C SER C 19 -25.69 65.18 67.99
N ILE C 20 -24.91 65.36 69.06
CA ILE C 20 -23.73 64.54 69.31
C ILE C 20 -24.11 63.06 69.24
N ARG C 21 -25.42 62.81 69.39
CA ARG C 21 -25.97 61.47 69.34
C ARG C 21 -25.96 60.94 67.90
N TYR C 22 -26.52 61.73 66.98
CA TYR C 22 -26.61 61.36 65.56
C TYR C 22 -25.29 60.91 64.99
N LEU C 23 -24.25 61.69 65.27
CA LEU C 23 -22.93 61.39 64.76
C LEU C 23 -22.29 60.22 65.51
N GLN C 24 -23.11 59.56 66.33
CA GLN C 24 -22.67 58.39 67.07
C GLN C 24 -23.57 57.30 66.48
N GLU C 25 -24.87 57.62 66.40
CA GLU C 25 -25.88 56.74 65.82
C GLU C 25 -25.42 56.44 64.41
N ILE C 26 -24.76 57.44 63.82
CA ILE C 26 -24.24 57.34 62.46
C ILE C 26 -22.85 56.72 62.50
N TYR C 27 -21.97 57.29 63.31
CA TYR C 27 -20.61 56.77 63.41
C TYR C 27 -20.60 55.27 63.72
N ASN C 28 -21.18 54.90 64.85
CA ASN C 28 -21.23 53.49 65.24
C ASN C 28 -21.97 52.62 64.21
N SER C 29 -22.90 53.21 63.47
CA SER C 29 -23.67 52.44 62.47
C SER C 29 -22.81 52.10 61.26
N ASN C 30 -22.46 53.12 60.47
CA ASN C 30 -21.64 52.88 59.30
C ASN C 30 -20.30 52.28 59.70
N ASN C 31 -20.01 52.27 61.00
CA ASN C 31 -18.75 51.70 61.49
C ASN C 31 -18.90 50.19 61.55
N GLN C 32 -20.08 49.75 61.96
CA GLN C 32 -20.40 48.35 62.05
C GLN C 32 -20.59 47.89 60.63
N LYS C 33 -21.19 48.76 59.82
CA LYS C 33 -21.43 48.47 58.42
C LYS C 33 -20.09 48.15 57.77
N ILE C 34 -19.03 48.81 58.23
CA ILE C 34 -17.68 48.60 57.70
C ILE C 34 -17.25 47.17 57.97
N VAL C 35 -17.73 46.65 59.09
CA VAL C 35 -17.40 45.29 59.48
C VAL C 35 -18.12 44.24 58.67
N ASN C 36 -19.38 44.51 58.33
CA ASN C 36 -20.19 43.59 57.53
C ASN C 36 -19.80 43.63 56.07
N LEU C 37 -19.11 44.70 55.67
CA LEU C 37 -18.68 44.86 54.29
C LEU C 37 -17.45 43.99 54.07
N LYS C 38 -16.54 44.00 55.05
CA LYS C 38 -15.35 43.18 54.94
C LYS C 38 -15.75 41.70 54.98
N GLU C 39 -16.96 41.43 55.48
CA GLU C 39 -17.49 40.07 55.56
C GLU C 39 -17.79 39.67 54.13
N LYS C 40 -18.64 40.47 53.48
CA LYS C 40 -19.03 40.20 52.11
C LYS C 40 -17.85 40.34 51.18
N VAL C 41 -16.93 41.23 51.54
CA VAL C 41 -15.75 41.45 50.73
C VAL C 41 -14.95 40.15 50.76
N ALA C 42 -14.68 39.66 51.95
CA ALA C 42 -13.94 38.42 52.08
C ALA C 42 -14.64 37.30 51.35
N GLN C 43 -15.97 37.26 51.47
CA GLN C 43 -16.71 36.20 50.82
C GLN C 43 -16.52 36.26 49.30
N LEU C 44 -16.39 37.48 48.77
CA LEU C 44 -16.18 37.67 47.32
C LEU C 44 -14.78 37.24 46.99
N GLU C 45 -13.85 37.61 47.86
CA GLU C 45 -12.45 37.25 47.68
C GLU C 45 -12.37 35.74 47.48
N ALA C 46 -13.11 35.00 48.30
CA ALA C 46 -13.13 33.55 48.22
C ALA C 46 -13.78 33.09 46.92
N GLN C 47 -14.47 34.02 46.26
CA GLN C 47 -15.17 33.77 44.99
C GLN C 47 -14.31 33.94 43.75
N CYS C 48 -13.37 34.89 43.79
CA CYS C 48 -12.52 35.20 42.65
C CYS C 48 -11.10 34.61 42.75
N GLN C 49 -11.04 33.39 43.27
CA GLN C 49 -9.79 32.67 43.44
C GLN C 49 -9.53 31.70 42.28
N GLU C 50 -10.60 31.24 41.64
CA GLU C 50 -10.44 30.31 40.52
C GLU C 50 -9.89 30.96 39.24
N PRO C 51 -9.47 30.14 38.28
CA PRO C 51 -8.96 30.72 37.03
C PRO C 51 -10.15 30.59 36.10
N CYS C 52 -9.98 30.85 34.82
CA CYS C 52 -11.13 30.69 33.95
C CYS C 52 -11.11 29.27 33.46
N LYS C 53 -12.29 28.66 33.30
CA LYS C 53 -12.37 27.27 32.83
C LYS C 53 -11.99 27.22 31.34
N ASP C 54 -10.97 26.42 31.02
CA ASP C 54 -10.51 26.26 29.64
C ASP C 54 -11.37 25.17 29.02
N THR C 55 -12.08 25.50 27.94
CA THR C 55 -12.93 24.53 27.27
C THR C 55 -12.17 23.36 26.66
N VAL C 56 -10.87 23.52 26.38
CA VAL C 56 -10.10 22.43 25.81
C VAL C 56 -9.51 21.55 26.92
N GLN C 57 -9.78 20.25 26.81
CA GLN C 57 -9.31 19.29 27.79
C GLN C 57 -8.75 18.10 27.02
N ILE C 58 -7.76 17.45 27.61
CA ILE C 58 -7.13 16.30 27.00
C ILE C 58 -7.55 15.02 27.73
N HIS C 59 -8.03 14.04 26.98
CA HIS C 59 -8.48 12.79 27.59
C HIS C 59 -7.36 12.01 28.24
N ASP C 60 -7.70 11.26 29.28
CA ASP C 60 -6.72 10.46 30.00
C ASP C 60 -6.28 9.16 29.35
N ILE C 61 -6.92 8.75 28.27
CA ILE C 61 -6.49 7.52 27.66
C ILE C 61 -5.31 7.73 26.73
N THR C 62 -4.45 6.72 26.66
CA THR C 62 -3.27 6.77 25.82
C THR C 62 -3.15 5.43 25.11
N GLY C 63 -2.46 5.45 23.97
CA GLY C 63 -2.28 4.22 23.22
C GLY C 63 -1.18 4.46 22.21
N LYS C 64 -1.06 3.55 21.26
CA LYS C 64 -0.04 3.64 20.22
C LYS C 64 -0.59 4.45 19.04
N ASP C 65 -1.91 4.71 19.07
CA ASP C 65 -2.60 5.49 18.04
C ASP C 65 -4.08 5.59 18.36
N CYS C 66 -4.81 6.43 17.63
CA CYS C 66 -6.23 6.61 17.88
C CYS C 66 -7.03 5.31 17.87
N GLN C 67 -6.56 4.31 17.15
CA GLN C 67 -7.30 3.04 17.11
C GLN C 67 -7.13 2.35 18.42
N ASP C 68 -5.87 2.20 18.83
CA ASP C 68 -5.54 1.57 20.10
C ASP C 68 -6.40 2.21 21.18
N ILE C 69 -6.36 3.54 21.24
CA ILE C 69 -7.13 4.32 22.20
C ILE C 69 -8.63 4.03 22.11
N ALA C 70 -9.10 3.83 20.89
CA ALA C 70 -10.51 3.53 20.65
C ALA C 70 -10.79 2.15 21.20
N ASN C 71 -9.95 1.18 20.81
CA ASN C 71 -10.09 -0.20 21.26
C ASN C 71 -10.02 -0.26 22.77
N LYS C 72 -9.36 0.72 23.37
CA LYS C 72 -9.23 0.77 24.81
C LYS C 72 -10.48 1.31 25.49
N GLY C 73 -11.48 1.68 24.69
CA GLY C 73 -12.71 2.18 25.28
C GLY C 73 -13.17 3.56 24.91
N ALA C 74 -12.23 4.46 24.60
CA ALA C 74 -12.57 5.84 24.24
C ALA C 74 -13.79 5.90 23.33
N LYS C 75 -14.68 6.86 23.57
CA LYS C 75 -15.88 6.95 22.74
C LYS C 75 -16.15 8.24 21.96
N GLN C 76 -15.49 9.33 22.31
CA GLN C 76 -15.72 10.58 21.59
C GLN C 76 -14.45 11.11 20.93
N SER C 77 -14.65 11.93 19.91
CA SER C 77 -13.55 12.52 19.19
C SER C 77 -12.95 13.59 20.06
N GLY C 78 -11.64 13.79 19.94
CA GLY C 78 -10.99 14.80 20.75
C GLY C 78 -9.48 14.68 20.81
N LEU C 79 -8.89 15.41 21.76
CA LEU C 79 -7.44 15.43 21.92
C LEU C 79 -6.95 14.37 22.90
N TYR C 80 -6.05 13.52 22.42
CA TYR C 80 -5.47 12.44 23.22
C TYR C 80 -3.97 12.36 23.07
N PHE C 81 -3.34 11.69 24.02
CA PHE C 81 -1.90 11.52 23.96
C PHE C 81 -1.63 10.14 23.40
N ILE C 82 -0.76 10.07 22.39
CA ILE C 82 -0.41 8.77 21.85
C ILE C 82 1.10 8.67 21.89
N LYS C 83 1.59 7.47 22.08
CA LYS C 83 3.01 7.22 22.09
C LYS C 83 3.27 5.95 21.31
N PRO C 84 3.52 6.08 19.99
CA PRO C 84 3.79 4.95 19.10
C PRO C 84 4.93 4.12 19.67
N LEU C 85 5.13 2.95 19.11
CA LEU C 85 6.18 2.08 19.58
C LEU C 85 7.58 2.71 19.65
N LYS C 86 8.25 2.77 18.51
CA LYS C 86 9.61 3.32 18.47
C LYS C 86 9.74 4.83 18.73
N ALA C 87 8.80 5.40 19.49
CA ALA C 87 8.80 6.84 19.82
C ALA C 87 9.24 7.09 21.25
N ASN C 88 10.15 8.04 21.42
CA ASN C 88 10.69 8.35 22.74
C ASN C 88 9.98 9.45 23.50
N GLN C 89 8.73 9.72 23.15
CA GLN C 89 8.02 10.77 23.86
C GLN C 89 6.58 10.80 23.41
N GLN C 90 5.65 10.76 24.36
CA GLN C 90 4.24 10.81 24.03
C GLN C 90 3.95 12.20 23.46
N PHE C 91 2.97 12.29 22.56
CA PHE C 91 2.60 13.58 21.98
C PHE C 91 1.11 13.62 21.66
N LEU C 92 0.57 14.84 21.68
CA LEU C 92 -0.85 15.06 21.46
C LEU C 92 -1.29 14.98 19.99
N VAL C 93 -2.49 14.43 19.79
CA VAL C 93 -3.09 14.26 18.46
C VAL C 93 -4.60 14.41 18.55
N TYR C 94 -5.24 14.56 17.40
CA TYR C 94 -6.69 14.64 17.39
C TYR C 94 -7.21 13.30 16.90
N CYS C 95 -8.06 12.68 17.71
CA CYS C 95 -8.62 11.38 17.36
C CYS C 95 -10.08 11.48 16.91
N GLU C 96 -10.37 10.81 15.79
CA GLU C 96 -11.73 10.79 15.25
C GLU C 96 -12.33 9.43 15.54
N ILE C 97 -13.33 9.41 16.42
CA ILE C 97 -13.98 8.17 16.80
C ILE C 97 -15.47 8.19 16.52
N ASP C 98 -15.90 7.25 15.67
CA ASP C 98 -17.29 7.10 15.28
C ASP C 98 -17.97 6.03 16.13
N GLY C 99 -19.26 5.82 15.89
CA GLY C 99 -20.00 4.82 16.66
C GLY C 99 -19.43 3.42 16.51
N SER C 100 -19.14 3.03 15.28
CA SER C 100 -18.60 1.71 14.99
C SER C 100 -17.27 1.45 15.70
N GLY C 101 -16.80 2.42 16.50
CA GLY C 101 -15.56 2.26 17.25
C GLY C 101 -14.25 2.28 16.45
N ASN C 102 -14.15 3.23 15.52
CA ASN C 102 -12.95 3.40 14.68
C ASN C 102 -12.15 4.62 15.13
N GLY C 103 -10.85 4.44 15.30
CA GLY C 103 -10.00 5.53 15.73
C GLY C 103 -9.07 6.08 14.67
N TRP C 104 -9.54 7.12 13.97
CA TRP C 104 -8.74 7.74 12.93
C TRP C 104 -7.80 8.73 13.58
N THR C 105 -6.51 8.56 13.36
CA THR C 105 -5.53 9.48 13.91
C THR C 105 -5.36 10.51 12.80
N VAL C 106 -5.82 11.73 13.05
CA VAL C 106 -5.78 12.78 12.04
C VAL C 106 -4.47 13.54 12.06
N PHE C 107 -3.87 13.70 10.88
CA PHE C 107 -2.61 14.42 10.82
C PHE C 107 -2.62 15.69 10.00
N GLN C 108 -3.72 15.95 9.29
CA GLN C 108 -3.80 17.17 8.51
C GLN C 108 -5.24 17.66 8.53
N LYS C 109 -5.44 18.98 8.45
CA LYS C 109 -6.78 19.54 8.49
C LYS C 109 -6.84 20.95 7.93
N ARG C 110 -7.80 21.20 7.05
CA ARG C 110 -8.00 22.53 6.47
C ARG C 110 -9.50 22.79 6.47
N LEU C 111 -9.90 24.01 6.83
CA LEU C 111 -11.31 24.39 6.87
C LEU C 111 -11.54 25.90 6.61
N ASP C 112 -10.59 26.73 7.02
CA ASP C 112 -10.65 28.18 6.80
C ASP C 112 -9.19 28.60 6.67
N GLY C 113 -8.89 29.64 5.91
CA GLY C 113 -7.50 30.02 5.75
C GLY C 113 -6.81 30.50 7.01
N SER C 114 -7.21 29.98 8.18
CA SER C 114 -6.62 30.41 9.45
C SER C 114 -5.12 30.23 9.62
N VAL C 115 -4.62 29.01 9.43
CA VAL C 115 -3.19 28.74 9.58
C VAL C 115 -2.38 28.91 8.29
N ASP C 116 -1.20 29.50 8.41
CA ASP C 116 -0.32 29.73 7.26
C ASP C 116 0.49 28.47 7.03
N PHE C 117 0.30 27.84 5.86
CA PHE C 117 1.02 26.62 5.53
C PHE C 117 2.33 26.81 4.82
N LYS C 118 2.73 28.05 4.57
CA LYS C 118 4.02 28.24 3.92
C LYS C 118 5.07 28.17 5.03
N LYS C 119 5.49 26.95 5.35
CA LYS C 119 6.47 26.72 6.41
C LYS C 119 7.76 26.08 5.91
N ASN C 120 8.69 25.85 6.83
CA ASN C 120 9.98 25.26 6.49
C ASN C 120 10.09 23.81 6.91
N TRP C 121 11.24 23.21 6.59
CA TRP C 121 11.48 21.82 6.89
C TRP C 121 11.22 21.47 8.35
N ILE C 122 11.87 22.19 9.25
CA ILE C 122 11.72 21.95 10.69
C ILE C 122 10.26 22.05 11.10
N GLN C 123 9.60 23.12 10.69
CA GLN C 123 8.20 23.35 11.02
C GLN C 123 7.27 22.23 10.55
N TYR C 124 7.60 21.60 9.42
CA TYR C 124 6.77 20.52 8.88
C TYR C 124 7.15 19.19 9.50
N LYS C 125 8.39 19.11 9.96
CA LYS C 125 8.92 17.91 10.59
C LYS C 125 8.33 17.81 11.99
N GLU C 126 8.25 18.97 12.64
CA GLU C 126 7.74 19.08 13.99
C GLU C 126 6.24 19.27 14.06
N GLY C 127 5.69 19.97 13.07
CA GLY C 127 4.25 20.22 13.05
C GLY C 127 3.90 21.66 13.39
N PHE C 128 2.74 22.11 12.92
CA PHE C 128 2.31 23.47 13.23
C PHE C 128 0.79 23.53 13.25
N GLY C 129 0.25 24.70 13.60
CA GLY C 129 -1.19 24.86 13.69
C GLY C 129 -1.61 24.45 15.10
N HIS C 130 -2.90 24.33 15.35
CA HIS C 130 -3.36 23.93 16.67
C HIS C 130 -4.31 22.74 16.64
N LEU C 131 -4.53 22.14 17.82
CA LEU C 131 -5.41 21.00 17.97
C LEU C 131 -6.61 21.41 18.82
N SER C 132 -7.81 21.08 18.33
CA SER C 132 -9.04 21.41 19.04
C SER C 132 -9.82 20.14 19.29
N PRO C 133 -10.50 20.05 20.44
CA PRO C 133 -11.29 18.87 20.79
C PRO C 133 -12.46 18.74 19.80
N THR C 134 -12.88 19.90 19.32
CA THR C 134 -13.98 20.01 18.39
C THR C 134 -13.54 19.73 16.97
N GLY C 135 -12.24 19.62 16.77
CA GLY C 135 -11.71 19.36 15.44
C GLY C 135 -12.08 20.41 14.42
N THR C 136 -12.25 21.65 14.87
CA THR C 136 -12.62 22.74 13.98
C THR C 136 -11.40 23.63 13.82
N THR C 137 -10.24 23.00 13.97
CA THR C 137 -8.97 23.69 13.92
C THR C 137 -8.05 23.16 12.80
N GLU C 138 -7.32 24.08 12.17
CA GLU C 138 -6.38 23.73 11.09
C GLU C 138 -4.99 23.34 11.62
N PHE C 139 -4.38 22.31 11.03
CA PHE C 139 -3.06 21.92 11.49
C PHE C 139 -2.32 20.91 10.62
N TRP C 140 -1.09 20.63 11.05
CA TRP C 140 -0.24 19.66 10.40
C TRP C 140 0.62 19.07 11.50
N LEU C 141 0.27 17.83 11.88
CA LEU C 141 0.98 17.10 12.89
C LEU C 141 2.38 16.96 12.31
N GLY C 142 3.39 16.71 13.14
CA GLY C 142 4.73 16.58 12.61
C GLY C 142 5.01 15.44 11.64
N ASN C 143 5.87 15.70 10.66
CA ASN C 143 6.22 14.66 9.70
C ASN C 143 6.79 13.49 10.46
N GLU C 144 7.69 13.80 11.38
CA GLU C 144 8.32 12.76 12.19
C GLU C 144 7.24 11.97 12.89
N LYS C 145 6.30 12.71 13.51
CA LYS C 145 5.20 12.08 14.23
C LYS C 145 4.46 11.14 13.29
N ILE C 146 4.16 11.62 12.10
CA ILE C 146 3.45 10.80 11.12
C ILE C 146 4.31 9.58 10.78
N HIS C 147 5.60 9.81 10.59
CA HIS C 147 6.51 8.71 10.27
C HIS C 147 6.41 7.62 11.32
N LEU C 148 6.58 8.01 12.58
CA LEU C 148 6.53 7.11 13.72
C LEU C 148 5.24 6.29 13.79
N ILE C 149 4.12 7.00 13.67
CA ILE C 149 2.82 6.37 13.74
C ILE C 149 2.63 5.32 12.64
N SER C 150 2.79 5.75 11.38
CA SER C 150 2.58 4.86 10.23
C SER C 150 3.54 3.69 10.08
N THR C 151 4.75 3.83 10.62
CA THR C 151 5.76 2.78 10.52
C THR C 151 6.04 2.08 11.86
N GLN C 152 5.41 2.58 12.92
CA GLN C 152 5.61 2.04 14.27
C GLN C 152 5.65 0.52 14.43
N SER C 153 4.88 -0.20 13.63
CA SER C 153 4.85 -1.66 13.76
C SER C 153 4.49 -2.38 12.46
N ALA C 154 4.58 -3.70 12.50
CA ALA C 154 4.27 -4.56 11.37
C ALA C 154 2.96 -4.15 10.70
N ILE C 155 1.85 -4.31 11.41
CA ILE C 155 0.54 -3.94 10.87
C ILE C 155 0.62 -2.70 9.97
N PRO C 156 -0.05 -2.75 8.80
CA PRO C 156 -0.06 -1.65 7.85
C PRO C 156 -1.17 -0.64 8.11
N TYR C 157 -0.94 0.58 7.66
CA TYR C 157 -1.92 1.66 7.81
C TYR C 157 -2.64 1.99 6.52
N ALA C 158 -3.68 2.80 6.63
CA ALA C 158 -4.46 3.22 5.49
C ALA C 158 -4.66 4.71 5.64
N LEU C 159 -4.67 5.43 4.51
CA LEU C 159 -4.88 6.86 4.56
C LEU C 159 -6.18 7.24 3.90
N ARG C 160 -6.90 8.15 4.53
CA ARG C 160 -8.14 8.62 3.94
C ARG C 160 -8.08 10.12 3.75
N VAL C 161 -8.00 10.55 2.49
CA VAL C 161 -7.98 11.96 2.19
C VAL C 161 -9.46 12.31 2.06
N GLU C 162 -9.89 13.34 2.77
CA GLU C 162 -11.31 13.74 2.71
C GLU C 162 -11.44 15.22 2.39
N LEU C 163 -12.09 15.48 1.27
CA LEU C 163 -12.28 16.83 0.77
C LEU C 163 -13.72 17.29 0.80
N GLU C 164 -13.91 18.61 0.69
CA GLU C 164 -15.23 19.22 0.68
C GLU C 164 -15.13 20.51 -0.11
N ASP C 165 -16.02 20.72 -1.08
CA ASP C 165 -15.98 21.93 -1.89
C ASP C 165 -16.79 23.04 -1.22
N TRP C 166 -17.04 24.11 -1.96
CA TRP C 166 -17.79 25.20 -1.40
C TRP C 166 -19.29 25.06 -1.65
N ASN C 167 -19.74 23.85 -1.98
CA ASN C 167 -21.16 23.60 -2.22
C ASN C 167 -21.68 22.61 -1.22
N GLY C 168 -20.81 22.19 -0.30
CA GLY C 168 -21.23 21.23 0.70
C GLY C 168 -21.00 19.80 0.30
N ARG C 169 -20.52 19.58 -0.92
CA ARG C 169 -20.27 18.22 -1.35
C ARG C 169 -18.92 17.75 -0.79
N THR C 170 -18.82 16.46 -0.52
CA THR C 170 -17.58 15.89 0.02
C THR C 170 -17.22 14.60 -0.67
N SER C 171 -15.93 14.34 -0.82
CA SER C 171 -15.45 13.13 -1.46
C SER C 171 -14.23 12.62 -0.68
N THR C 172 -13.80 11.39 -0.96
CA THR C 172 -12.65 10.82 -0.26
C THR C 172 -11.83 9.99 -1.21
N ALA C 173 -10.58 9.76 -0.82
CA ALA C 173 -9.65 8.94 -1.59
C ALA C 173 -8.92 8.14 -0.54
N ASP C 174 -8.94 6.81 -0.66
CA ASP C 174 -8.27 5.95 0.31
C ASP C 174 -7.02 5.31 -0.26
N TYR C 175 -5.99 5.18 0.57
CA TYR C 175 -4.76 4.55 0.12
C TYR C 175 -4.30 3.53 1.15
N ALA C 176 -3.94 2.33 0.66
CA ALA C 176 -3.51 1.22 1.52
C ALA C 176 -2.01 1.16 1.73
N MET C 177 -1.60 0.62 2.88
CA MET C 177 -0.17 0.49 3.22
C MET C 177 0.51 1.83 3.22
N PHE C 178 -0.17 2.81 3.80
CA PHE C 178 0.38 4.15 3.90
C PHE C 178 1.50 4.20 4.92
N LYS C 179 2.67 4.61 4.44
CA LYS C 179 3.84 4.74 5.28
C LYS C 179 4.54 6.05 4.91
N VAL C 180 5.29 6.59 5.87
CA VAL C 180 6.05 7.80 5.66
C VAL C 180 7.48 7.51 6.10
N GLY C 181 8.41 7.55 5.15
CA GLY C 181 9.80 7.28 5.46
C GLY C 181 10.36 8.17 6.54
N PRO C 182 11.57 7.83 7.05
CA PRO C 182 12.27 8.57 8.10
C PRO C 182 12.84 9.87 7.52
N GLU C 183 13.27 10.77 8.40
CA GLU C 183 13.84 12.02 7.92
C GLU C 183 15.07 11.77 7.06
N ALA C 184 15.77 10.66 7.31
CA ALA C 184 16.97 10.32 6.54
C ALA C 184 16.61 10.14 5.07
N ASP C 185 15.35 9.79 4.81
CA ASP C 185 14.85 9.60 3.46
C ASP C 185 13.79 10.65 3.14
N LYS C 186 14.02 11.87 3.64
CA LYS C 186 13.13 12.99 3.40
C LYS C 186 11.65 12.66 3.58
N TYR C 187 11.34 11.86 4.59
CA TYR C 187 9.95 11.51 4.86
C TYR C 187 9.18 11.15 3.58
N ARG C 188 9.74 10.24 2.80
CA ARG C 188 9.11 9.81 1.56
C ARG C 188 7.71 9.25 1.77
N LEU C 189 6.81 9.56 0.85
CA LEU C 189 5.44 9.09 0.89
C LEU C 189 5.33 7.81 0.08
N THR C 190 4.78 6.77 0.70
CA THR C 190 4.64 5.50 0.02
C THR C 190 3.32 4.84 0.37
N TYR C 191 2.61 4.38 -0.65
CA TYR C 191 1.35 3.67 -0.47
C TYR C 191 1.37 2.51 -1.45
N ALA C 192 0.72 1.41 -1.08
CA ALA C 192 0.70 0.22 -1.94
C ALA C 192 -0.22 0.42 -3.13
N TYR C 193 -1.36 1.05 -2.93
CA TYR C 193 -2.28 1.26 -4.03
C TYR C 193 -3.52 2.05 -3.62
N PHE C 194 -4.13 2.68 -4.61
CA PHE C 194 -5.35 3.45 -4.40
C PHE C 194 -6.40 2.44 -3.98
N ALA C 195 -7.24 2.80 -3.02
CA ALA C 195 -8.28 1.88 -2.56
C ALA C 195 -9.68 2.43 -2.86
N GLY C 196 -9.79 3.24 -3.90
CA GLY C 196 -11.08 3.79 -4.26
C GLY C 196 -11.53 4.99 -3.44
N GLY C 197 -12.55 5.68 -3.95
CA GLY C 197 -13.09 6.85 -3.29
C GLY C 197 -13.56 7.80 -4.38
N ASP C 198 -14.69 8.47 -4.17
CA ASP C 198 -15.24 9.38 -5.19
C ASP C 198 -14.43 10.65 -5.49
N ALA C 199 -13.27 10.79 -4.88
CA ALA C 199 -12.44 11.94 -5.13
C ALA C 199 -11.39 11.55 -6.17
N GLY C 200 -11.32 10.27 -6.49
CA GLY C 200 -10.35 9.83 -7.47
C GLY C 200 -8.95 9.63 -6.90
N ASP C 201 -8.04 9.12 -7.72
CA ASP C 201 -6.69 8.87 -7.26
C ASP C 201 -5.72 9.91 -7.79
N ALA C 202 -5.74 11.08 -7.18
CA ALA C 202 -4.86 12.17 -7.55
C ALA C 202 -3.39 11.83 -7.42
N PHE C 203 -3.05 10.91 -6.52
CA PHE C 203 -1.65 10.54 -6.34
C PHE C 203 -1.10 9.73 -7.50
N ASP C 204 -1.99 9.27 -8.35
CA ASP C 204 -1.57 8.49 -9.50
C ASP C 204 -1.08 9.44 -10.61
N GLY C 205 -1.19 10.73 -10.34
CA GLY C 205 -0.78 11.72 -11.33
C GLY C 205 -2.00 12.12 -12.13
N PHE C 206 -1.84 13.09 -13.03
CA PHE C 206 -2.97 13.51 -13.86
C PHE C 206 -2.57 14.05 -15.24
N ASP C 207 -3.23 13.54 -16.28
CA ASP C 207 -2.98 13.96 -17.66
C ASP C 207 -3.58 15.35 -17.88
N PHE C 208 -2.73 16.38 -17.94
CA PHE C 208 -3.20 17.73 -18.14
C PHE C 208 -3.32 18.15 -19.61
N GLY C 209 -2.63 17.44 -20.51
CA GLY C 209 -2.74 17.76 -21.92
C GLY C 209 -1.49 18.07 -22.71
N ASP C 210 -0.57 18.83 -22.14
CA ASP C 210 0.64 19.18 -22.85
C ASP C 210 1.56 17.98 -23.08
N ASP C 211 2.69 18.00 -22.39
CA ASP C 211 3.70 16.95 -22.47
C ASP C 211 3.06 15.63 -22.09
N PRO C 212 3.45 14.54 -22.76
CA PRO C 212 2.92 13.20 -22.48
C PRO C 212 3.43 12.68 -21.14
N SER C 213 4.14 13.51 -20.40
CA SER C 213 4.63 13.12 -19.08
C SER C 213 3.87 13.91 -18.02
N ASP C 214 2.82 14.61 -18.44
CA ASP C 214 2.01 15.38 -17.51
C ASP C 214 1.70 14.50 -16.33
N LYS C 215 1.00 13.41 -16.59
CA LYS C 215 0.58 12.45 -15.57
C LYS C 215 1.72 11.84 -14.76
N PHE C 216 2.83 11.51 -15.42
CA PHE C 216 3.95 10.94 -14.71
C PHE C 216 4.52 11.94 -13.71
N PHE C 217 4.88 13.14 -14.17
CA PHE C 217 5.45 14.18 -13.31
C PHE C 217 4.53 14.78 -12.27
N THR C 218 3.28 14.34 -12.22
CA THR C 218 2.39 14.89 -11.24
C THR C 218 1.87 13.80 -10.28
N SER C 219 2.51 12.63 -10.30
CA SER C 219 2.13 11.53 -9.40
C SER C 219 2.90 11.73 -8.08
N HIS C 220 2.40 11.17 -6.97
CA HIS C 220 3.08 11.35 -5.69
C HIS C 220 3.64 10.13 -5.00
N ASN C 221 3.07 8.96 -5.30
CA ASN C 221 3.58 7.77 -4.67
C ASN C 221 5.09 7.73 -4.83
N GLY C 222 5.81 7.46 -3.75
CA GLY C 222 7.26 7.41 -3.83
C GLY C 222 8.01 8.72 -3.74
N MET C 223 7.28 9.82 -3.85
CA MET C 223 7.92 11.13 -3.78
C MET C 223 8.37 11.47 -2.36
N GLN C 224 9.39 12.30 -2.24
CA GLN C 224 9.90 12.72 -0.94
C GLN C 224 9.30 14.07 -0.58
N PHE C 225 9.37 14.43 0.70
CA PHE C 225 8.83 15.70 1.14
C PHE C 225 9.74 16.84 0.70
N SER C 226 9.15 18.02 0.51
CA SER C 226 9.92 19.19 0.12
C SER C 226 9.29 20.46 0.71
N THR C 227 10.14 21.37 1.16
CA THR C 227 9.72 22.64 1.73
C THR C 227 10.61 23.62 0.98
N TRP C 228 10.37 24.92 1.07
CA TRP C 228 11.23 25.83 0.32
C TRP C 228 12.70 25.68 0.66
N ASP C 229 13.02 25.43 1.93
CA ASP C 229 14.41 25.30 2.35
C ASP C 229 14.99 23.89 2.28
N ASN C 230 14.29 22.96 1.67
CA ASN C 230 14.80 21.59 1.57
C ASN C 230 14.18 20.93 0.35
N ASP C 231 14.82 21.14 -0.79
CA ASP C 231 14.34 20.63 -2.07
C ASP C 231 14.63 19.15 -2.32
N ASN C 232 13.57 18.40 -2.59
CA ASN C 232 13.67 16.97 -2.87
C ASN C 232 12.63 16.60 -3.92
N ASP C 233 12.25 17.59 -4.73
CA ASP C 233 11.26 17.35 -5.78
C ASP C 233 11.98 16.90 -7.04
N LYS C 234 11.22 16.52 -8.04
CA LYS C 234 11.78 16.05 -9.30
C LYS C 234 11.78 17.14 -10.35
N PHE C 235 11.65 18.37 -9.90
CA PHE C 235 11.64 19.54 -10.77
C PHE C 235 13.00 20.20 -10.61
N GLU C 236 13.64 20.57 -11.70
CA GLU C 236 14.95 21.22 -11.61
C GLU C 236 14.82 22.50 -10.80
N GLY C 237 13.57 22.91 -10.57
CA GLY C 237 13.31 24.09 -9.77
C GLY C 237 12.79 23.68 -8.41
N ASN C 238 12.19 24.61 -7.68
CA ASN C 238 11.67 24.31 -6.36
C ASN C 238 10.16 24.46 -6.27
N CYS C 239 9.45 23.33 -6.40
CA CYS C 239 8.00 23.33 -6.32
C CYS C 239 7.54 23.91 -4.99
N ALA C 240 8.02 23.33 -3.91
CA ALA C 240 7.67 23.80 -2.57
C ALA C 240 7.80 25.31 -2.41
N GLU C 241 8.86 25.87 -2.99
CA GLU C 241 9.13 27.29 -2.90
C GLU C 241 8.14 28.08 -3.76
N GLN C 242 7.87 27.63 -4.98
CA GLN C 242 6.93 28.34 -5.85
C GLN C 242 5.49 28.28 -5.34
N ASP C 243 4.97 27.06 -5.23
CA ASP C 243 3.61 26.80 -4.75
C ASP C 243 3.52 27.18 -3.28
N GLY C 244 4.68 27.54 -2.70
CA GLY C 244 4.78 27.95 -1.31
C GLY C 244 4.09 27.12 -0.25
N SER C 245 4.56 25.89 -0.08
CA SER C 245 3.99 25.00 0.92
C SER C 245 5.01 23.95 1.34
N GLY C 246 4.51 22.82 1.80
CA GLY C 246 5.34 21.70 2.21
C GLY C 246 4.56 20.51 1.71
N TRP C 247 5.19 19.68 0.90
CA TRP C 247 4.45 18.56 0.36
C TRP C 247 5.39 17.62 -0.40
N TRP C 248 4.86 16.47 -0.82
CA TRP C 248 5.63 15.49 -1.57
C TRP C 248 5.61 15.87 -3.05
N MET C 249 6.48 16.81 -3.41
CA MET C 249 6.57 17.35 -4.78
C MET C 249 7.28 16.47 -5.78
N ASN C 250 6.89 16.62 -7.05
CA ASN C 250 7.41 15.81 -8.14
C ASN C 250 7.40 16.50 -9.51
N LYS C 251 7.44 17.83 -9.52
CA LYS C 251 7.42 18.59 -10.78
C LYS C 251 6.06 18.68 -11.50
N CYS C 252 4.99 19.00 -10.78
CA CYS C 252 5.04 19.27 -9.35
C CYS C 252 4.02 18.47 -8.54
N HIS C 253 2.74 18.54 -8.93
CA HIS C 253 1.70 17.84 -8.18
C HIS C 253 0.35 17.78 -8.88
N ALA C 254 -0.50 16.86 -8.42
CA ALA C 254 -1.86 16.64 -8.91
C ALA C 254 -2.83 16.65 -7.71
N GLY C 255 -2.22 16.62 -6.52
CA GLY C 255 -2.92 16.66 -5.24
C GLY C 255 -2.03 17.54 -4.36
N HIS C 256 -2.56 18.65 -3.87
CA HIS C 256 -1.76 19.60 -3.08
C HIS C 256 -2.59 20.12 -1.89
N LEU C 257 -2.86 19.26 -0.93
CA LEU C 257 -3.67 19.65 0.23
C LEU C 257 -3.01 20.64 1.20
N ASN C 258 -1.75 20.97 0.99
CA ASN C 258 -1.09 21.91 1.88
C ASN C 258 -0.88 23.28 1.24
N GLY C 259 -1.59 23.51 0.14
CA GLY C 259 -1.47 24.77 -0.57
C GLY C 259 -2.23 25.95 0.00
N VAL C 260 -2.12 27.07 -0.70
CA VAL C 260 -2.77 28.31 -0.30
C VAL C 260 -4.27 28.13 -0.19
N TYR C 261 -4.86 28.71 0.84
CA TYR C 261 -6.29 28.64 1.02
C TYR C 261 -6.94 29.75 0.20
N TYR C 262 -7.90 29.40 -0.66
CA TYR C 262 -8.58 30.41 -1.47
C TYR C 262 -10.05 30.45 -1.13
N GLN C 263 -10.46 31.56 -0.51
CA GLN C 263 -11.84 31.76 -0.11
C GLN C 263 -12.76 31.59 -1.32
N GLY C 264 -13.77 30.73 -1.19
CA GLY C 264 -14.69 30.52 -2.29
C GLY C 264 -14.29 29.43 -3.27
N GLY C 265 -13.07 28.93 -3.11
CA GLY C 265 -12.56 27.86 -3.96
C GLY C 265 -12.00 28.27 -5.30
N THR C 266 -12.75 29.06 -6.05
CA THR C 266 -12.30 29.45 -7.36
C THR C 266 -11.22 30.51 -7.33
N TYR C 267 -10.18 30.28 -8.11
CA TYR C 267 -9.06 31.20 -8.21
C TYR C 267 -8.44 31.14 -9.60
N SER C 268 -7.69 32.18 -9.97
CA SER C 268 -7.06 32.26 -11.29
C SER C 268 -5.54 32.19 -11.22
N LYS C 269 -4.90 32.08 -12.39
CA LYS C 269 -3.45 32.03 -12.44
C LYS C 269 -2.95 33.46 -12.29
N ALA C 270 -3.90 34.36 -12.04
CA ALA C 270 -3.60 35.78 -11.87
C ALA C 270 -3.37 36.07 -10.39
N SER C 271 -4.27 35.56 -9.56
CA SER C 271 -4.16 35.75 -8.12
C SER C 271 -2.92 35.04 -7.56
N THR C 272 -2.32 34.17 -8.38
CA THR C 272 -1.13 33.42 -7.98
C THR C 272 0.12 34.26 -8.09
N PRO C 273 1.04 34.08 -7.13
CA PRO C 273 2.31 34.82 -7.09
C PRO C 273 3.15 34.55 -8.33
N ASN C 274 3.33 33.27 -8.65
CA ASN C 274 4.15 32.85 -9.79
C ASN C 274 3.36 32.39 -11.00
N GLY C 275 2.05 32.62 -11.00
CA GLY C 275 1.22 32.20 -12.12
C GLY C 275 0.92 30.71 -12.13
N TYR C 276 1.36 30.00 -11.10
CA TYR C 276 1.16 28.57 -10.98
C TYR C 276 0.13 28.22 -9.93
N ASP C 277 -0.71 27.26 -10.25
CA ASP C 277 -1.75 26.79 -9.36
C ASP C 277 -1.07 26.33 -8.09
N ASN C 278 -1.30 27.04 -6.99
CA ASN C 278 -0.71 26.68 -5.70
C ASN C 278 -1.76 26.51 -4.61
N GLY C 279 -3.01 26.40 -5.04
CA GLY C 279 -4.10 26.24 -4.09
C GLY C 279 -4.17 24.82 -3.57
N ILE C 280 -5.23 24.52 -2.84
CA ILE C 280 -5.46 23.21 -2.26
C ILE C 280 -6.24 22.39 -3.28
N ILE C 281 -5.53 21.73 -4.18
CA ILE C 281 -6.15 20.95 -5.25
C ILE C 281 -6.15 19.42 -5.17
N TRP C 282 -7.06 18.83 -5.95
CA TRP C 282 -7.21 17.39 -6.08
C TRP C 282 -7.76 17.27 -7.50
N ALA C 283 -6.85 17.32 -8.46
CA ALA C 283 -7.20 17.26 -9.87
C ALA C 283 -8.22 16.20 -10.29
N THR C 284 -8.18 15.03 -9.64
CA THR C 284 -9.10 13.95 -9.97
C THR C 284 -10.52 14.22 -9.49
N TRP C 285 -10.74 15.38 -8.87
CA TRP C 285 -12.08 15.69 -8.39
C TRP C 285 -12.52 17.09 -8.82
N LYS C 286 -11.56 18.01 -8.94
CA LYS C 286 -11.85 19.38 -9.35
C LYS C 286 -10.65 20.01 -10.08
N THR C 287 -10.96 20.96 -10.96
CA THR C 287 -9.94 21.66 -11.75
C THR C 287 -8.85 22.23 -10.86
N ARG C 288 -7.62 22.24 -11.35
CA ARG C 288 -6.52 22.75 -10.52
C ARG C 288 -6.67 24.21 -10.16
N TRP C 289 -7.74 24.83 -10.64
CA TRP C 289 -8.00 26.23 -10.37
C TRP C 289 -9.21 26.35 -9.45
N TYR C 290 -9.38 25.31 -8.65
CA TYR C 290 -10.45 25.26 -7.68
C TYR C 290 -9.83 24.68 -6.41
N SER C 291 -9.83 25.47 -5.34
CA SER C 291 -9.25 25.08 -4.05
C SER C 291 -10.34 24.64 -3.08
N MET C 292 -10.15 23.44 -2.51
CA MET C 292 -11.12 22.87 -1.58
C MET C 292 -11.46 23.81 -0.43
N LYS C 293 -12.63 23.61 0.15
CA LYS C 293 -13.09 24.44 1.24
C LYS C 293 -12.65 23.82 2.57
N LYS C 294 -12.60 22.48 2.61
CA LYS C 294 -12.16 21.72 3.78
C LYS C 294 -11.35 20.50 3.33
N THR C 295 -10.35 20.13 4.13
CA THR C 295 -9.49 18.99 3.81
C THR C 295 -9.14 18.21 5.06
N THR C 296 -9.05 16.89 4.93
CA THR C 296 -8.68 16.06 6.06
C THR C 296 -7.79 14.91 5.64
N MET C 297 -6.75 14.66 6.42
CA MET C 297 -5.83 13.56 6.16
C MET C 297 -5.72 12.79 7.46
N LYS C 298 -6.24 11.60 7.45
CA LYS C 298 -6.23 10.79 8.62
C LYS C 298 -5.88 9.36 8.25
N ILE C 299 -5.21 8.68 9.17
CA ILE C 299 -4.83 7.28 8.96
C ILE C 299 -5.44 6.42 10.05
N ILE C 300 -5.58 5.14 9.73
CA ILE C 300 -6.17 4.16 10.64
C ILE C 300 -5.63 2.80 10.20
N PRO C 301 -5.42 1.87 11.15
CA PRO C 301 -4.91 0.56 10.74
C PRO C 301 -5.74 0.02 9.58
N PHE C 302 -5.09 -0.61 8.62
CA PHE C 302 -5.76 -1.13 7.43
C PHE C 302 -6.90 -2.10 7.74
N ASN C 303 -6.63 -3.05 8.62
CA ASN C 303 -7.60 -4.05 9.03
C ASN C 303 -8.92 -3.45 9.50
N ARG C 304 -8.98 -2.12 9.60
CA ARG C 304 -10.18 -1.47 10.10
C ARG C 304 -11.23 -1.20 9.02
N LEU C 305 -10.87 -1.48 7.78
CA LEU C 305 -11.76 -1.28 6.67
C LEU C 305 -11.84 -2.60 5.89
N THR C 306 -13.05 -3.11 5.68
CA THR C 306 -13.23 -4.37 4.94
C THR C 306 -14.70 -4.62 4.57
N LEU D 25 0.98 -77.79 -65.83
CA LEU D 25 0.00 -78.48 -64.94
C LEU D 25 0.26 -78.12 -63.46
N LEU D 26 1.03 -78.97 -62.78
CA LEU D 26 1.37 -78.77 -61.37
C LEU D 26 2.22 -77.53 -61.16
N GLN D 27 3.43 -77.56 -61.73
CA GLN D 27 4.37 -76.47 -61.66
C GLN D 27 3.67 -75.11 -61.63
N LYS D 28 2.60 -74.99 -62.41
CA LYS D 28 1.83 -73.75 -62.52
C LYS D 28 1.18 -73.27 -61.21
N ASN D 29 1.01 -74.18 -60.24
CA ASN D 29 0.42 -73.82 -58.94
C ASN D 29 1.38 -72.93 -58.20
N VAL D 30 2.63 -73.38 -58.19
CA VAL D 30 3.69 -72.66 -57.52
C VAL D 30 3.80 -71.24 -58.11
N ARG D 31 3.49 -71.08 -59.40
CA ARG D 31 3.56 -69.77 -60.05
C ARG D 31 2.68 -68.73 -59.34
N ALA D 32 1.38 -69.00 -59.28
CA ALA D 32 0.43 -68.09 -58.64
C ALA D 32 0.54 -68.10 -57.10
N GLN D 33 0.95 -69.23 -56.55
CA GLN D 33 1.09 -69.36 -55.10
C GLN D 33 2.28 -68.58 -54.56
N LEU D 34 3.40 -68.66 -55.28
CA LEU D 34 4.61 -67.96 -54.89
C LEU D 34 4.40 -66.45 -54.87
N VAL D 35 3.59 -65.94 -55.79
CA VAL D 35 3.34 -64.50 -55.80
C VAL D 35 2.42 -64.20 -54.61
N ASP D 36 1.80 -65.25 -54.06
CA ASP D 36 0.91 -65.13 -52.91
C ASP D 36 1.76 -64.91 -51.65
N MET D 37 2.76 -65.76 -51.47
CA MET D 37 3.68 -65.70 -50.34
C MET D 37 4.46 -64.38 -50.41
N LYS D 38 4.62 -63.86 -51.63
CA LYS D 38 5.32 -62.61 -51.88
C LYS D 38 4.47 -61.47 -51.30
N ARG D 39 3.18 -61.51 -51.63
CA ARG D 39 2.24 -60.51 -51.14
C ARG D 39 2.07 -60.69 -49.65
N LEU D 40 2.16 -61.93 -49.19
CA LEU D 40 1.99 -62.25 -47.78
C LEU D 40 3.17 -61.83 -46.91
N GLU D 41 4.40 -62.04 -47.39
CA GLU D 41 5.57 -61.67 -46.62
C GLU D 41 5.59 -60.16 -46.49
N VAL D 42 5.13 -59.47 -47.53
CA VAL D 42 5.07 -58.01 -47.53
C VAL D 42 4.04 -57.53 -46.53
N ASP D 43 2.80 -57.97 -46.74
CA ASP D 43 1.68 -57.64 -45.87
C ASP D 43 2.20 -57.69 -44.43
N ILE D 44 2.73 -58.86 -44.06
CA ILE D 44 3.28 -59.04 -42.72
C ILE D 44 4.34 -57.96 -42.41
N ASP D 45 5.30 -57.79 -43.29
CA ASP D 45 6.33 -56.77 -43.10
C ASP D 45 5.65 -55.46 -42.69
N ILE D 46 4.73 -55.00 -43.54
CA ILE D 46 3.96 -53.75 -43.32
C ILE D 46 3.14 -53.73 -42.03
N LYS D 47 2.39 -54.80 -41.80
CA LYS D 47 1.54 -54.93 -40.63
C LYS D 47 2.32 -54.98 -39.33
N ILE D 48 3.53 -55.53 -39.36
CA ILE D 48 4.36 -55.57 -38.15
C ILE D 48 4.93 -54.19 -37.88
N ARG D 49 5.35 -53.50 -38.94
CA ARG D 49 5.89 -52.17 -38.79
C ARG D 49 4.82 -51.25 -38.22
N SER D 50 3.57 -51.60 -38.44
CA SER D 50 2.45 -50.81 -37.95
C SER D 50 2.23 -50.94 -36.44
N CYS D 51 2.88 -51.92 -35.79
CA CYS D 51 2.67 -52.07 -34.36
C CYS D 51 3.51 -51.12 -33.53
N ARG D 52 4.54 -50.53 -34.12
CA ARG D 52 5.38 -49.60 -33.35
C ARG D 52 4.53 -48.52 -32.71
N GLY D 53 3.40 -48.26 -33.35
CA GLY D 53 2.49 -47.25 -32.88
C GLY D 53 1.75 -47.63 -31.63
N SER D 54 1.55 -48.92 -31.38
CA SER D 54 0.81 -49.33 -30.17
C SER D 54 1.42 -50.36 -29.22
N CYS D 55 2.47 -51.06 -29.62
CA CYS D 55 3.10 -52.06 -28.76
C CYS D 55 4.47 -51.63 -28.24
N SER D 56 4.99 -52.37 -27.26
CA SER D 56 6.30 -52.07 -26.67
C SER D 56 7.36 -51.70 -27.72
N ARG D 57 7.33 -52.39 -28.86
CA ARG D 57 8.26 -52.11 -29.97
C ARG D 57 7.91 -53.00 -31.16
N ALA D 58 8.58 -52.81 -32.29
CA ALA D 58 8.31 -53.64 -33.46
C ALA D 58 9.57 -54.37 -33.93
N LEU D 59 9.38 -55.63 -34.31
CA LEU D 59 10.45 -56.50 -34.77
C LEU D 59 11.24 -55.94 -35.94
N ALA D 60 12.54 -55.80 -35.78
CA ALA D 60 13.40 -55.27 -36.84
C ALA D 60 13.55 -56.36 -37.88
N ARG D 61 13.04 -56.12 -39.09
CA ARG D 61 13.14 -57.14 -40.14
C ARG D 61 13.35 -56.64 -41.55
N GLU D 62 13.63 -57.60 -42.43
CA GLU D 62 13.88 -57.36 -43.84
C GLU D 62 13.08 -58.36 -44.69
N VAL D 63 12.73 -57.95 -45.90
CA VAL D 63 11.98 -58.80 -46.81
C VAL D 63 12.86 -59.07 -48.02
N ASP D 64 13.25 -60.33 -48.19
CA ASP D 64 14.09 -60.69 -49.31
C ASP D 64 13.21 -60.83 -50.53
N LEU D 65 12.77 -59.68 -51.03
CA LEU D 65 11.90 -59.59 -52.21
C LEU D 65 12.65 -60.02 -53.46
N LYS D 66 13.97 -59.79 -53.46
CA LYS D 66 14.83 -60.14 -54.59
C LYS D 66 14.80 -61.63 -54.81
N ASP D 67 15.07 -62.35 -53.72
CA ASP D 67 15.09 -63.80 -53.75
C ASP D 67 13.76 -64.37 -54.28
N TYR D 68 12.66 -63.66 -54.02
CA TYR D 68 11.36 -64.11 -54.50
C TYR D 68 11.29 -64.05 -56.02
N GLU D 69 11.71 -62.91 -56.57
CA GLU D 69 11.73 -62.71 -58.01
C GLU D 69 12.57 -63.78 -58.68
N ASP D 70 13.81 -63.92 -58.21
CA ASP D 70 14.70 -64.92 -58.74
C ASP D 70 13.92 -66.22 -58.79
N GLN D 71 13.56 -66.74 -57.61
CA GLN D 71 12.81 -67.99 -57.53
C GLN D 71 11.58 -68.02 -58.43
N GLN D 72 11.14 -66.84 -58.86
CA GLN D 72 10.00 -66.80 -59.77
C GLN D 72 10.50 -66.52 -61.17
N LYS D 73 11.70 -67.05 -61.43
CA LYS D 73 12.38 -66.98 -62.71
C LYS D 73 12.58 -68.42 -63.16
N GLN D 74 13.11 -69.27 -62.29
CA GLN D 74 13.30 -70.68 -62.65
C GLN D 74 11.91 -71.17 -63.01
N LEU D 75 10.95 -70.76 -62.18
CA LEU D 75 9.54 -71.12 -62.35
C LEU D 75 8.85 -70.14 -63.29
N GLU D 76 9.53 -69.85 -64.40
CA GLU D 76 9.06 -68.93 -65.42
C GLU D 76 9.95 -69.21 -66.62
N GLN D 77 11.27 -69.09 -66.40
CA GLN D 77 12.29 -69.34 -67.41
C GLN D 77 12.04 -70.74 -67.96
N VAL D 78 11.29 -71.51 -67.20
CA VAL D 78 10.92 -72.86 -67.60
C VAL D 78 9.42 -72.83 -67.94
N ASN E 31 15.68 -82.94 -64.57
CA ASN E 31 16.17 -81.53 -64.71
C ASN E 31 15.51 -80.57 -63.73
N LEU E 32 14.18 -80.40 -63.85
CA LEU E 32 13.48 -79.48 -62.98
C LEU E 32 13.22 -79.96 -61.57
N ARG E 33 14.23 -79.71 -60.74
CA ARG E 33 14.22 -80.04 -59.33
C ARG E 33 14.22 -78.66 -58.65
N VAL E 34 14.07 -77.61 -59.47
CA VAL E 34 14.03 -76.24 -58.96
C VAL E 34 12.72 -76.06 -58.21
N LEU E 35 11.77 -76.95 -58.47
CA LEU E 35 10.48 -76.92 -57.81
C LEU E 35 10.57 -77.56 -56.43
N ARG E 36 11.55 -78.44 -56.24
CA ARG E 36 11.74 -79.10 -54.95
C ARG E 36 12.77 -78.32 -54.13
N SER E 37 13.47 -77.40 -54.78
CA SER E 37 14.46 -76.57 -54.11
C SER E 37 13.86 -75.20 -53.81
N ILE E 38 12.84 -74.82 -54.57
CA ILE E 38 12.15 -73.54 -54.35
C ILE E 38 11.26 -73.71 -53.13
N LEU E 39 10.54 -74.83 -53.10
CA LEU E 39 9.63 -75.15 -52.00
C LEU E 39 10.32 -75.11 -50.65
N GLU E 40 11.65 -75.14 -50.67
CA GLU E 40 12.43 -75.07 -49.44
C GLU E 40 12.12 -73.71 -48.85
N ASN E 41 12.30 -72.68 -49.68
CA ASN E 41 12.05 -71.28 -49.29
C ASN E 41 10.59 -71.05 -48.97
N LEU E 42 9.72 -71.56 -49.83
CA LEU E 42 8.30 -71.42 -49.60
C LEU E 42 7.93 -72.43 -48.52
N ARG E 43 8.78 -72.48 -47.50
CA ARG E 43 8.59 -73.36 -46.36
C ARG E 43 9.53 -72.87 -45.28
N SER E 44 10.80 -72.64 -45.65
CA SER E 44 11.79 -72.14 -44.69
C SER E 44 11.36 -70.73 -44.28
N LYS E 45 10.82 -69.99 -45.25
CA LYS E 45 10.36 -68.63 -45.04
C LYS E 45 9.12 -68.62 -44.16
N ILE E 46 8.19 -69.53 -44.40
CA ILE E 46 6.99 -69.58 -43.59
C ILE E 46 7.41 -69.90 -42.17
N GLN E 47 8.39 -70.80 -42.03
CA GLN E 47 8.89 -71.22 -40.72
C GLN E 47 9.75 -70.17 -40.07
N LYS E 48 9.70 -68.99 -40.69
CA LYS E 48 10.42 -67.82 -40.25
C LYS E 48 9.36 -66.75 -39.99
N LEU E 49 8.38 -66.67 -40.89
CA LEU E 49 7.30 -65.69 -40.78
C LEU E 49 6.57 -65.82 -39.46
N GLU E 50 5.96 -66.99 -39.24
CA GLU E 50 5.25 -67.24 -38.00
C GLU E 50 6.18 -67.03 -36.79
N SER E 51 7.47 -67.18 -37.05
CA SER E 51 8.47 -66.99 -36.01
C SER E 51 8.48 -65.51 -35.69
N ASP E 52 8.40 -64.71 -36.75
CA ASP E 52 8.37 -63.27 -36.65
C ASP E 52 7.02 -62.82 -36.14
N VAL E 53 5.96 -63.41 -36.67
CA VAL E 53 4.61 -63.06 -36.24
C VAL E 53 4.44 -63.37 -34.76
N SER E 54 4.79 -64.59 -34.35
CA SER E 54 4.65 -64.94 -32.94
C SER E 54 5.47 -63.99 -32.07
N ALA E 55 6.62 -63.58 -32.59
CA ALA E 55 7.49 -62.65 -31.89
C ALA E 55 6.76 -61.35 -31.62
N GLN E 56 6.39 -60.65 -32.69
CA GLN E 56 5.68 -59.38 -32.57
C GLN E 56 4.47 -59.53 -31.65
N MET E 57 3.77 -60.64 -31.81
CA MET E 57 2.60 -60.94 -31.00
C MET E 57 2.99 -60.87 -29.53
N GLU E 58 4.23 -61.25 -29.26
CA GLU E 58 4.74 -61.23 -27.90
C GLU E 58 4.86 -59.79 -27.41
N TYR E 59 5.59 -58.95 -28.15
CA TYR E 59 5.77 -57.54 -27.79
C TYR E 59 4.47 -56.83 -27.47
N CYS E 60 3.43 -57.18 -28.21
CA CYS E 60 2.14 -56.54 -28.03
C CYS E 60 1.40 -57.02 -26.80
N ARG E 61 2.13 -57.26 -25.73
CA ARG E 61 1.54 -57.69 -24.49
C ARG E 61 1.64 -56.48 -23.58
N THR E 62 2.56 -55.60 -23.94
CA THR E 62 2.78 -54.37 -23.20
C THR E 62 2.73 -53.28 -24.26
N PRO E 63 1.82 -52.34 -24.10
CA PRO E 63 1.67 -51.26 -25.06
C PRO E 63 2.79 -50.25 -24.98
N CYS E 64 3.06 -49.59 -26.11
CA CYS E 64 4.07 -48.54 -26.16
C CYS E 64 3.47 -47.41 -25.34
N THR E 65 4.32 -46.59 -24.75
CA THR E 65 3.82 -45.50 -23.92
C THR E 65 4.62 -44.25 -24.15
N VAL E 66 3.99 -43.12 -23.86
CA VAL E 66 4.61 -41.81 -24.01
C VAL E 66 4.26 -41.02 -22.76
N SER E 67 4.76 -39.80 -22.66
CA SER E 67 4.47 -38.96 -21.51
C SER E 67 4.55 -37.51 -21.97
N CYS E 68 3.47 -37.04 -22.60
CA CYS E 68 3.42 -35.68 -23.11
C CYS E 68 2.88 -34.65 -22.15
N ASN E 69 3.79 -34.03 -21.40
CA ASN E 69 3.38 -33.01 -20.46
C ASN E 69 2.85 -31.91 -21.35
N ILE E 70 1.72 -31.35 -20.93
CA ILE E 70 1.05 -30.33 -21.71
C ILE E 70 1.64 -28.93 -21.59
N PRO E 71 2.04 -28.33 -22.72
CA PRO E 71 2.62 -26.99 -22.74
C PRO E 71 1.59 -26.03 -22.17
N VAL E 72 2.03 -25.05 -21.41
CA VAL E 72 1.09 -24.12 -20.76
C VAL E 72 0.22 -23.37 -21.76
N VAL E 73 0.87 -22.75 -22.74
CA VAL E 73 0.18 -21.98 -23.75
C VAL E 73 -0.77 -22.80 -24.64
N SER E 74 -1.98 -22.29 -24.82
CA SER E 74 -3.00 -22.94 -25.63
C SER E 74 -3.69 -21.91 -26.55
N GLY E 75 -4.61 -22.37 -27.39
CA GLY E 75 -5.29 -21.46 -28.30
C GLY E 75 -6.48 -22.10 -28.99
N LYS E 76 -6.79 -21.64 -30.20
CA LYS E 76 -7.92 -22.17 -30.97
C LYS E 76 -7.36 -23.13 -32.01
N GLU E 77 -6.09 -22.93 -32.35
CA GLU E 77 -5.36 -23.74 -33.31
C GLU E 77 -3.89 -23.32 -33.26
N CYS E 78 -3.02 -24.07 -33.94
CA CYS E 78 -1.58 -23.77 -33.91
C CYS E 78 -1.16 -22.34 -34.24
N GLU E 79 -1.73 -21.77 -35.30
CA GLU E 79 -1.40 -20.39 -35.71
C GLU E 79 -1.48 -19.48 -34.50
N GLU E 80 -2.66 -19.39 -33.89
CA GLU E 80 -2.84 -18.53 -32.73
C GLU E 80 -1.78 -18.78 -31.67
N ILE E 81 -1.53 -20.06 -31.36
CA ILE E 81 -0.54 -20.42 -30.36
C ILE E 81 0.85 -19.82 -30.65
N ILE E 82 1.30 -19.93 -31.89
CA ILE E 82 2.60 -19.38 -32.19
C ILE E 82 2.57 -17.88 -31.91
N ARG E 83 1.41 -17.27 -32.11
CA ARG E 83 1.32 -15.84 -31.86
C ARG E 83 1.30 -15.54 -30.37
N LYS E 84 1.19 -16.58 -29.54
CA LYS E 84 1.16 -16.41 -28.10
C LYS E 84 2.43 -16.90 -27.45
N GLY E 85 3.50 -16.98 -28.23
CA GLY E 85 4.76 -17.43 -27.67
C GLY E 85 5.15 -18.87 -27.96
N GLY E 86 4.21 -19.70 -28.44
CA GLY E 86 4.56 -21.07 -28.75
C GLY E 86 5.63 -21.13 -29.82
N GLU E 87 6.90 -20.98 -29.42
CA GLU E 87 8.01 -20.99 -30.37
C GLU E 87 8.43 -22.38 -30.89
N THR E 88 8.29 -23.40 -30.06
CA THR E 88 8.70 -24.74 -30.45
C THR E 88 7.64 -25.63 -31.10
N SER E 89 8.10 -26.56 -31.95
CA SER E 89 7.22 -27.50 -32.64
C SER E 89 7.03 -28.71 -31.75
N GLU E 90 5.82 -28.88 -31.22
CA GLU E 90 5.55 -30.02 -30.37
C GLU E 90 4.05 -30.16 -30.21
N MET E 91 3.64 -31.04 -29.31
CA MET E 91 2.21 -31.20 -29.10
C MET E 91 1.71 -30.10 -28.20
N TYR E 92 0.57 -29.55 -28.57
CA TYR E 92 -0.08 -28.49 -27.83
C TYR E 92 -1.48 -28.95 -27.63
N LEU E 93 -2.23 -28.15 -26.91
CA LEU E 93 -3.60 -28.46 -26.63
C LEU E 93 -4.36 -27.29 -27.20
N ILE E 94 -5.28 -27.53 -28.13
CA ILE E 94 -6.05 -26.42 -28.71
C ILE E 94 -7.52 -26.68 -28.48
N GLN E 95 -8.30 -25.60 -28.52
CA GLN E 95 -9.76 -25.69 -28.36
C GLN E 95 -10.35 -24.75 -29.40
N PRO E 96 -10.48 -25.23 -30.64
CA PRO E 96 -11.02 -24.48 -31.77
C PRO E 96 -12.29 -23.73 -31.40
N ASP E 97 -13.12 -24.37 -30.60
CA ASP E 97 -14.37 -23.76 -30.21
C ASP E 97 -14.74 -24.04 -28.76
N SER E 98 -15.39 -23.07 -28.11
CA SER E 98 -15.80 -23.21 -26.72
C SER E 98 -16.60 -24.48 -26.46
N SER E 99 -17.39 -24.92 -27.45
CA SER E 99 -18.21 -26.13 -27.29
C SER E 99 -17.35 -27.39 -27.43
N VAL E 100 -16.27 -27.29 -28.19
CA VAL E 100 -15.39 -28.43 -28.41
C VAL E 100 -14.49 -28.69 -27.19
N LYS E 101 -14.36 -29.94 -26.83
CA LYS E 101 -13.49 -30.30 -25.72
C LYS E 101 -12.06 -30.07 -26.24
N PRO E 102 -11.23 -29.33 -25.50
CA PRO E 102 -9.86 -29.09 -25.98
C PRO E 102 -9.18 -30.42 -26.28
N TYR E 103 -8.50 -30.50 -27.41
CA TYR E 103 -7.82 -31.74 -27.78
C TYR E 103 -6.36 -31.55 -28.17
N ARG E 104 -5.64 -32.67 -28.18
CA ARG E 104 -4.23 -32.68 -28.52
C ARG E 104 -4.00 -32.69 -30.03
N VAL E 105 -2.97 -31.97 -30.45
CA VAL E 105 -2.61 -31.89 -31.85
C VAL E 105 -1.15 -31.51 -31.90
N TYR E 106 -0.48 -31.77 -33.01
CA TYR E 106 0.92 -31.39 -33.10
C TYR E 106 1.04 -30.11 -33.91
N CYS E 107 1.83 -29.15 -33.40
CA CYS E 107 2.04 -27.88 -34.11
C CYS E 107 3.42 -27.78 -34.74
N ASP E 108 3.48 -27.40 -36.01
CA ASP E 108 4.77 -27.24 -36.67
C ASP E 108 5.01 -25.75 -36.71
N MET E 109 5.87 -25.27 -35.82
CA MET E 109 6.15 -23.83 -35.75
C MET E 109 7.44 -23.46 -36.46
N ASN E 110 7.90 -24.32 -37.36
CA ASN E 110 9.14 -24.02 -38.09
C ASN E 110 8.90 -23.89 -39.58
N THR E 111 8.36 -24.95 -40.18
CA THR E 111 8.07 -24.97 -41.60
C THR E 111 7.32 -23.72 -42.04
N GLU E 112 7.95 -22.96 -42.93
CA GLU E 112 7.35 -21.75 -43.47
C GLU E 112 6.50 -20.88 -42.54
N ASN E 113 7.12 -20.22 -41.56
CA ASN E 113 6.42 -19.32 -40.64
C ASN E 113 5.65 -19.94 -39.48
N GLY E 114 5.60 -21.27 -39.43
CA GLY E 114 4.89 -21.94 -38.34
C GLY E 114 3.40 -21.69 -38.26
N GLY E 115 2.77 -22.19 -37.19
CA GLY E 115 1.34 -21.99 -37.02
C GLY E 115 0.60 -23.08 -37.77
N TRP E 116 1.37 -24.09 -38.16
CA TRP E 116 0.82 -25.21 -38.89
C TRP E 116 0.27 -26.25 -37.95
N THR E 117 -1.00 -26.59 -38.18
CA THR E 117 -1.68 -27.59 -37.39
C THR E 117 -1.64 -28.87 -38.22
N VAL E 118 -0.84 -29.85 -37.78
CA VAL E 118 -0.75 -31.10 -38.53
C VAL E 118 -2.04 -31.89 -38.44
N ILE E 119 -2.58 -32.24 -39.61
CA ILE E 119 -3.84 -32.95 -39.75
C ILE E 119 -3.65 -34.44 -40.02
N GLN E 120 -2.60 -34.74 -40.76
CA GLN E 120 -2.28 -36.11 -41.12
C GLN E 120 -0.77 -36.18 -41.15
N ASN E 121 -0.21 -37.34 -40.84
CA ASN E 121 1.24 -37.50 -40.89
C ASN E 121 1.73 -38.95 -41.02
N ARG E 122 2.70 -39.13 -41.91
CA ARG E 122 3.31 -40.42 -42.15
C ARG E 122 4.82 -40.19 -42.14
N GLN E 123 5.56 -41.14 -41.59
CA GLN E 123 7.01 -40.98 -41.54
C GLN E 123 7.76 -42.29 -41.26
N ASP E 124 7.11 -43.23 -40.59
CA ASP E 124 7.74 -44.50 -40.24
C ASP E 124 6.85 -45.74 -40.35
N GLY E 125 5.64 -45.57 -40.87
CA GLY E 125 4.74 -46.71 -41.01
C GLY E 125 4.36 -47.38 -39.69
N SER E 126 4.44 -46.62 -38.60
CA SER E 126 4.12 -47.15 -37.28
C SER E 126 2.62 -47.20 -36.99
N VAL E 127 1.83 -46.57 -37.83
CA VAL E 127 0.39 -46.55 -37.63
C VAL E 127 -0.39 -47.13 -38.80
N ASP E 128 -1.39 -47.92 -38.49
CA ASP E 128 -2.26 -48.53 -39.48
C ASP E 128 -3.20 -47.45 -40.03
N PHE E 129 -3.10 -47.15 -41.32
CA PHE E 129 -3.98 -46.14 -41.89
C PHE E 129 -5.20 -46.68 -42.61
N GLY E 130 -5.33 -48.00 -42.64
CA GLY E 130 -6.47 -48.63 -43.29
C GLY E 130 -7.49 -49.01 -42.23
N ARG E 131 -8.27 -48.03 -41.78
CA ARG E 131 -9.28 -48.25 -40.76
C ARG E 131 -10.70 -47.91 -41.26
N LYS E 132 -11.70 -48.33 -40.50
CA LYS E 132 -13.09 -48.10 -40.86
C LYS E 132 -13.50 -46.64 -40.78
N TRP E 133 -14.80 -46.41 -40.93
CA TRP E 133 -15.33 -45.07 -40.91
C TRP E 133 -15.30 -44.36 -39.57
N ASP E 134 -15.67 -45.06 -38.51
CA ASP E 134 -15.69 -44.44 -37.19
C ASP E 134 -14.30 -43.96 -36.78
N PRO E 135 -13.27 -44.78 -36.99
CA PRO E 135 -11.88 -44.43 -36.64
C PRO E 135 -11.36 -43.22 -37.39
N TYR E 136 -11.82 -43.03 -38.61
CA TYR E 136 -11.39 -41.88 -39.40
C TYR E 136 -12.13 -40.63 -38.97
N LYS E 137 -13.36 -40.83 -38.53
CA LYS E 137 -14.22 -39.75 -38.05
C LYS E 137 -13.68 -39.24 -36.71
N GLN E 138 -13.39 -40.18 -35.80
CA GLN E 138 -12.83 -39.86 -34.48
C GLN E 138 -11.37 -39.42 -34.56
N GLY E 139 -10.65 -39.99 -35.53
CA GLY E 139 -9.24 -39.69 -35.67
C GLY E 139 -8.51 -40.81 -34.94
N PHE E 140 -7.32 -41.13 -35.41
CA PHE E 140 -6.54 -42.19 -34.81
C PHE E 140 -5.05 -41.93 -34.94
N GLY E 141 -4.25 -42.74 -34.26
CA GLY E 141 -2.81 -42.58 -34.33
C GLY E 141 -2.20 -41.97 -33.10
N ASN E 142 -0.92 -41.63 -33.20
CA ASN E 142 -0.20 -41.00 -32.10
C ASN E 142 0.13 -39.57 -32.47
N VAL E 143 -0.46 -38.62 -31.74
CA VAL E 143 -0.23 -37.21 -32.02
C VAL E 143 1.24 -36.85 -31.86
N ALA E 144 1.90 -37.45 -30.87
CA ALA E 144 3.32 -37.18 -30.63
C ALA E 144 4.02 -38.13 -29.66
N THR E 145 5.35 -38.11 -29.66
CA THR E 145 6.16 -38.95 -28.79
C THR E 145 7.28 -38.10 -28.16
N ASN E 146 7.89 -38.60 -27.09
CA ASN E 146 8.94 -37.85 -26.41
C ASN E 146 10.25 -37.78 -27.15
N THR E 147 10.91 -36.63 -27.03
CA THR E 147 12.20 -36.42 -27.69
C THR E 147 13.26 -36.85 -26.69
N ASP E 148 13.88 -38.00 -26.91
CA ASP E 148 14.92 -38.51 -26.03
C ASP E 148 14.70 -38.10 -24.56
N GLY E 149 15.68 -37.40 -23.99
CA GLY E 149 15.58 -36.97 -22.60
C GLY E 149 14.33 -36.19 -22.27
N LYS E 150 14.27 -34.94 -22.75
CA LYS E 150 13.13 -34.03 -22.54
C LYS E 150 11.79 -34.66 -22.09
N ASN E 151 11.07 -33.90 -21.27
CA ASN E 151 9.77 -34.33 -20.73
C ASN E 151 8.55 -34.06 -21.62
N TYR E 152 8.74 -33.32 -22.71
CA TYR E 152 7.63 -33.04 -23.62
C TYR E 152 7.78 -33.84 -24.90
N CYS E 153 6.66 -34.07 -25.59
CA CYS E 153 6.68 -34.80 -26.84
C CYS E 153 6.90 -33.84 -28.00
N GLY E 154 8.17 -33.71 -28.41
CA GLY E 154 8.51 -32.80 -29.50
C GLY E 154 8.57 -33.42 -30.88
N LEU E 155 8.39 -34.73 -30.95
CA LEU E 155 8.41 -35.40 -32.24
C LEU E 155 6.95 -35.73 -32.56
N PRO E 156 6.57 -35.66 -33.84
CA PRO E 156 5.19 -35.96 -34.20
C PRO E 156 5.09 -37.46 -34.39
N GLY E 157 3.87 -37.98 -34.35
CA GLY E 157 3.69 -39.41 -34.56
C GLY E 157 2.91 -39.55 -35.85
N GLU E 158 2.60 -40.78 -36.26
CA GLU E 158 1.80 -40.97 -37.47
C GLU E 158 0.36 -40.91 -36.97
N TYR E 159 -0.47 -40.07 -37.57
CA TYR E 159 -1.83 -40.00 -37.12
C TYR E 159 -2.74 -39.27 -38.07
N TRP E 160 -4.04 -39.39 -37.80
CA TRP E 160 -5.08 -38.76 -38.57
C TRP E 160 -5.97 -38.06 -37.54
N LEU E 161 -5.84 -36.74 -37.44
CA LEU E 161 -6.59 -35.91 -36.48
C LEU E 161 -8.04 -36.30 -36.22
N GLY E 162 -8.77 -36.56 -37.29
CA GLY E 162 -10.16 -36.93 -37.15
C GLY E 162 -11.01 -36.07 -38.08
N ASN E 163 -11.77 -36.72 -38.94
CA ASN E 163 -12.61 -36.02 -39.89
C ASN E 163 -13.45 -34.89 -39.33
N ASP E 164 -13.93 -35.04 -38.11
CA ASP E 164 -14.75 -33.98 -37.54
C ASP E 164 -13.91 -32.80 -37.12
N LYS E 165 -12.88 -33.07 -36.33
CA LYS E 165 -12.01 -31.98 -35.87
C LYS E 165 -11.50 -31.21 -37.08
N ILE E 166 -11.06 -31.97 -38.09
CA ILE E 166 -10.52 -31.39 -39.32
C ILE E 166 -11.54 -30.45 -39.94
N SER E 167 -12.69 -31.00 -40.25
CA SER E 167 -13.76 -30.22 -40.85
C SER E 167 -13.96 -28.92 -40.08
N GLN E 168 -14.40 -29.05 -38.83
CA GLN E 168 -14.65 -27.90 -37.97
C GLN E 168 -13.55 -26.85 -38.06
N LEU E 169 -12.32 -27.29 -38.26
CA LEU E 169 -11.19 -26.37 -38.35
C LEU E 169 -11.19 -25.58 -39.65
N THR E 170 -11.27 -26.29 -40.77
CA THR E 170 -11.27 -25.66 -42.07
C THR E 170 -12.47 -24.74 -42.21
N ARG E 171 -13.54 -25.06 -41.47
CA ARG E 171 -14.77 -24.29 -41.52
C ARG E 171 -14.83 -23.11 -40.56
N MET E 172 -13.76 -22.88 -39.80
CA MET E 172 -13.72 -21.76 -38.87
C MET E 172 -13.57 -20.46 -39.65
N GLY E 173 -12.82 -20.55 -40.74
CA GLY E 173 -12.57 -19.40 -41.58
C GLY E 173 -11.59 -19.78 -42.67
N PRO E 174 -11.23 -18.83 -43.55
CA PRO E 174 -10.30 -19.16 -44.62
C PRO E 174 -9.13 -19.98 -44.09
N THR E 175 -9.01 -21.20 -44.60
CA THR E 175 -7.96 -22.11 -44.19
C THR E 175 -7.15 -22.58 -45.39
N GLU E 176 -5.83 -22.55 -45.26
CA GLU E 176 -4.97 -23.03 -46.32
C GLU E 176 -4.43 -24.40 -45.92
N LEU E 177 -4.01 -25.18 -46.90
CA LEU E 177 -3.50 -26.54 -46.70
C LEU E 177 -2.13 -26.82 -47.28
N LEU E 178 -1.17 -27.22 -46.46
CA LEU E 178 0.17 -27.54 -46.95
C LEU E 178 0.50 -29.01 -46.87
N ILE E 179 0.69 -29.62 -48.02
CA ILE E 179 1.00 -31.03 -48.07
C ILE E 179 2.45 -31.24 -48.40
N GLU E 180 3.12 -32.13 -47.67
CA GLU E 180 4.53 -32.39 -47.92
C GLU E 180 4.80 -33.88 -48.01
N MET E 181 5.85 -34.24 -48.73
CA MET E 181 6.21 -35.62 -48.88
C MET E 181 7.71 -35.68 -49.13
N GLU E 182 8.30 -36.83 -48.86
CA GLU E 182 9.73 -37.02 -49.06
C GLU E 182 9.97 -38.45 -49.52
N ASP E 183 10.79 -38.60 -50.57
CA ASP E 183 11.08 -39.93 -51.08
C ASP E 183 12.17 -40.59 -50.25
N TRP E 184 12.49 -41.84 -50.56
CA TRP E 184 13.51 -42.57 -49.84
C TRP E 184 14.91 -42.19 -50.31
N LYS E 185 15.01 -41.10 -51.06
CA LYS E 185 16.30 -40.66 -51.59
C LYS E 185 16.72 -39.34 -50.93
N GLY E 186 15.82 -38.76 -50.12
CA GLY E 186 16.13 -37.52 -49.44
C GLY E 186 15.44 -36.31 -50.05
N ASP E 187 15.05 -36.44 -51.31
CA ASP E 187 14.37 -35.37 -52.04
C ASP E 187 12.96 -35.18 -51.51
N LYS E 188 12.45 -33.96 -51.64
CA LYS E 188 11.09 -33.67 -51.18
C LYS E 188 10.43 -32.66 -52.10
N VAL E 189 9.10 -32.65 -52.08
CA VAL E 189 8.32 -31.71 -52.87
C VAL E 189 7.07 -31.42 -52.04
N LYS E 190 6.43 -30.29 -52.30
CA LYS E 190 5.23 -29.93 -51.55
C LYS E 190 4.07 -29.61 -52.49
N ALA E 191 2.90 -29.47 -51.89
CA ALA E 191 1.67 -29.12 -52.60
C ALA E 191 0.91 -28.21 -51.64
N HIS E 192 0.74 -26.97 -52.09
CA HIS E 192 0.07 -25.93 -51.33
C HIS E 192 -1.35 -25.66 -51.90
N TYR E 193 -2.33 -25.44 -51.03
CA TYR E 193 -3.68 -25.14 -51.47
C TYR E 193 -4.18 -24.02 -50.59
N GLY E 194 -4.03 -22.78 -51.05
CA GLY E 194 -4.45 -21.63 -50.29
C GLY E 194 -5.86 -21.71 -49.73
N GLY E 195 -6.65 -22.63 -50.29
CA GLY E 195 -8.01 -22.81 -49.83
C GLY E 195 -8.30 -24.28 -49.64
N PHE E 196 -8.73 -24.64 -48.44
CA PHE E 196 -9.02 -26.04 -48.14
C PHE E 196 -10.29 -26.10 -47.32
N THR E 197 -11.15 -27.05 -47.66
CA THR E 197 -12.44 -27.18 -46.98
C THR E 197 -13.04 -28.56 -46.96
N VAL E 198 -13.30 -29.03 -45.74
CA VAL E 198 -13.90 -30.33 -45.52
C VAL E 198 -15.26 -30.12 -44.84
N GLN E 199 -16.33 -30.56 -45.48
CA GLN E 199 -17.67 -30.43 -44.94
C GLN E 199 -17.87 -31.44 -43.84
N ASN E 200 -18.99 -31.34 -43.14
CA ASN E 200 -19.30 -32.24 -42.04
C ASN E 200 -19.71 -33.63 -42.50
N GLU E 201 -19.74 -34.58 -41.57
CA GLU E 201 -20.10 -35.97 -41.88
C GLU E 201 -21.41 -36.09 -42.68
N ALA E 202 -22.33 -35.18 -42.40
CA ALA E 202 -23.60 -35.16 -43.09
C ALA E 202 -23.33 -34.96 -44.58
N ASN E 203 -22.33 -34.14 -44.87
CA ASN E 203 -21.93 -33.85 -46.24
C ASN E 203 -20.79 -34.76 -46.68
N LYS E 204 -20.65 -35.88 -45.98
CA LYS E 204 -19.61 -36.88 -46.26
C LYS E 204 -18.19 -36.28 -46.35
N TYR E 205 -17.94 -35.26 -45.53
CA TYR E 205 -16.64 -34.60 -45.49
C TYR E 205 -16.19 -34.24 -46.88
N GLN E 206 -17.09 -33.65 -47.66
CA GLN E 206 -16.74 -33.30 -49.02
C GLN E 206 -15.58 -32.32 -49.08
N ILE E 207 -14.47 -32.80 -49.65
CA ILE E 207 -13.27 -31.99 -49.73
C ILE E 207 -13.33 -30.94 -50.83
N SER E 208 -12.84 -29.77 -50.48
CA SER E 208 -12.80 -28.67 -51.40
C SER E 208 -11.44 -28.01 -51.25
N VAL E 209 -10.71 -27.90 -52.35
CA VAL E 209 -9.39 -27.26 -52.35
C VAL E 209 -9.26 -26.37 -53.57
N ASN E 210 -8.41 -25.34 -53.45
CA ASN E 210 -8.15 -24.42 -54.55
C ASN E 210 -6.86 -23.65 -54.28
N LYS E 211 -6.51 -22.71 -55.17
CA LYS E 211 -5.28 -21.92 -55.05
C LYS E 211 -4.01 -22.79 -54.90
N TYR E 212 -3.81 -23.73 -55.82
CA TYR E 212 -2.65 -24.61 -55.79
C TYR E 212 -1.34 -23.90 -56.16
N ARG E 213 -0.23 -24.51 -55.76
CA ARG E 213 1.12 -24.04 -56.06
C ARG E 213 2.11 -24.99 -55.37
N GLY E 214 3.19 -25.36 -56.05
CA GLY E 214 4.13 -26.27 -55.42
C GLY E 214 5.11 -26.98 -56.33
N THR E 215 5.70 -28.06 -55.81
CA THR E 215 6.68 -28.86 -56.56
C THR E 215 6.20 -30.29 -56.83
N ALA E 216 5.24 -30.77 -56.06
CA ALA E 216 4.66 -32.09 -56.29
C ALA E 216 3.59 -31.73 -57.31
N GLY E 217 3.08 -32.69 -58.07
CA GLY E 217 2.05 -32.32 -59.02
C GLY E 217 0.75 -31.87 -58.38
N ASN E 218 -0.12 -31.20 -59.14
CA ASN E 218 -1.40 -30.76 -58.60
C ASN E 218 -2.38 -31.93 -58.69
N ALA E 219 -2.04 -33.00 -57.99
CA ALA E 219 -2.85 -34.22 -57.99
C ALA E 219 -4.27 -34.02 -57.50
N LEU E 220 -4.45 -33.20 -56.48
CA LEU E 220 -5.77 -32.97 -55.92
C LEU E 220 -6.79 -32.35 -56.86
N MET E 221 -6.37 -31.28 -57.53
CA MET E 221 -7.25 -30.56 -58.44
C MET E 221 -7.26 -31.02 -59.89
N ASP E 222 -6.15 -31.59 -60.36
CA ASP E 222 -6.05 -32.03 -61.75
C ASP E 222 -6.01 -33.52 -62.03
N GLY E 223 -5.50 -34.32 -61.10
CA GLY E 223 -5.43 -35.74 -61.35
C GLY E 223 -4.07 -36.08 -61.92
N ALA E 224 -3.78 -37.37 -62.02
CA ALA E 224 -2.49 -37.85 -62.51
C ALA E 224 -2.08 -37.40 -63.89
N SER E 225 -0.96 -36.68 -63.96
CA SER E 225 -0.40 -36.19 -65.21
C SER E 225 -0.09 -37.36 -66.14
N GLN E 226 0.24 -38.52 -65.57
CA GLN E 226 0.53 -39.71 -66.39
C GLN E 226 -0.68 -39.99 -67.28
N LEU E 227 -1.86 -39.93 -66.67
CA LEU E 227 -3.11 -40.23 -67.35
C LEU E 227 -3.61 -39.18 -68.36
N MET E 228 -4.52 -39.63 -69.24
CA MET E 228 -5.10 -38.78 -70.28
C MET E 228 -6.62 -38.93 -70.32
N GLY E 229 -7.25 -38.16 -71.21
CA GLY E 229 -8.70 -38.23 -71.36
C GLY E 229 -9.47 -38.20 -70.06
N GLU E 230 -10.52 -39.01 -69.95
CA GLU E 230 -11.29 -39.05 -68.72
C GLU E 230 -10.53 -39.85 -67.66
N ASN E 231 -9.50 -40.59 -68.08
CA ASN E 231 -8.70 -41.37 -67.13
C ASN E 231 -8.13 -40.44 -66.09
N ARG E 232 -7.67 -39.28 -66.57
CA ARG E 232 -7.09 -38.24 -65.73
C ARG E 232 -8.12 -37.63 -64.81
N THR E 233 -9.12 -37.01 -65.40
CA THR E 233 -10.16 -36.35 -64.60
C THR E 233 -10.82 -37.25 -63.57
N MET E 234 -10.77 -38.57 -63.76
CA MET E 234 -11.42 -39.43 -62.77
C MET E 234 -10.51 -39.72 -61.60
N THR E 235 -9.32 -39.12 -61.61
CA THR E 235 -8.37 -39.29 -60.52
C THR E 235 -8.26 -37.97 -59.76
N ILE E 236 -9.21 -37.07 -60.01
CA ILE E 236 -9.25 -35.78 -59.35
C ILE E 236 -9.93 -35.95 -58.00
N HIS E 237 -9.39 -35.31 -56.98
CA HIS E 237 -9.94 -35.43 -55.63
C HIS E 237 -10.78 -34.26 -55.21
N ASN E 238 -10.54 -33.12 -55.82
CA ASN E 238 -11.31 -31.93 -55.47
C ASN E 238 -12.80 -32.20 -55.60
N GLY E 239 -13.56 -31.89 -54.54
CA GLY E 239 -15.00 -32.10 -54.57
C GLY E 239 -15.49 -33.49 -54.24
N MET E 240 -14.58 -34.44 -54.11
CA MET E 240 -14.99 -35.81 -53.78
C MET E 240 -15.48 -35.96 -52.35
N PHE E 241 -15.99 -37.15 -52.07
CA PHE E 241 -16.50 -37.50 -50.76
C PHE E 241 -15.45 -38.39 -50.09
N PHE E 242 -15.50 -38.47 -48.77
CA PHE E 242 -14.55 -39.30 -48.06
C PHE E 242 -15.04 -40.74 -47.95
N SER E 243 -14.19 -41.69 -48.32
CA SER E 243 -14.57 -43.11 -48.27
C SER E 243 -13.61 -43.97 -47.43
N THR E 244 -14.19 -44.95 -46.71
CA THR E 244 -13.44 -45.91 -45.89
C THR E 244 -13.89 -47.28 -46.41
N TYR E 245 -13.16 -48.36 -46.12
CA TYR E 245 -13.57 -49.66 -46.68
C TYR E 245 -14.92 -50.21 -46.22
N ASP E 246 -15.52 -49.60 -45.19
CA ASP E 246 -16.82 -50.04 -44.73
C ASP E 246 -17.86 -48.94 -45.01
N ARG E 247 -17.51 -48.02 -45.91
CA ARG E 247 -18.38 -46.90 -46.31
C ARG E 247 -18.01 -46.37 -47.70
N ASP E 248 -18.70 -46.85 -48.74
CA ASP E 248 -18.41 -46.46 -50.12
C ASP E 248 -18.97 -45.08 -50.48
N ASN E 249 -18.12 -44.19 -50.96
CA ASN E 249 -18.55 -42.86 -51.36
C ASN E 249 -17.72 -42.36 -52.53
N ASP E 250 -16.93 -43.27 -53.10
CA ASP E 250 -16.08 -42.95 -54.23
C ASP E 250 -16.96 -42.86 -55.47
N GLY E 251 -16.46 -42.12 -56.46
CA GLY E 251 -17.17 -41.95 -57.71
C GLY E 251 -17.02 -43.12 -58.66
N TRP E 252 -16.81 -44.29 -58.08
CA TRP E 252 -16.66 -45.49 -58.89
C TRP E 252 -17.97 -46.21 -58.79
N LEU E 253 -18.96 -45.68 -59.51
CA LEU E 253 -20.31 -46.26 -59.51
C LEU E 253 -20.39 -47.70 -60.03
N THR E 254 -20.50 -48.64 -59.10
CA THR E 254 -20.59 -50.07 -59.43
C THR E 254 -21.37 -50.77 -58.34
N SER E 255 -22.07 -51.83 -58.74
CA SER E 255 -22.86 -52.61 -57.80
C SER E 255 -22.00 -53.68 -57.16
N ASP E 256 -20.84 -53.95 -57.75
CA ASP E 256 -19.92 -54.94 -57.23
C ASP E 256 -19.39 -54.45 -55.87
N PRO E 257 -19.61 -55.25 -54.80
CA PRO E 257 -19.14 -54.90 -53.45
C PRO E 257 -17.62 -54.96 -53.31
N ARG E 258 -16.99 -55.59 -54.29
CA ARG E 258 -15.54 -55.74 -54.31
C ARG E 258 -14.87 -54.53 -54.95
N LYS E 259 -15.54 -53.92 -55.93
CA LYS E 259 -14.99 -52.77 -56.65
C LYS E 259 -15.35 -51.40 -56.06
N GLN E 260 -14.58 -51.05 -55.04
CA GLN E 260 -14.70 -49.80 -54.31
C GLN E 260 -13.26 -49.38 -54.12
N CYS E 261 -12.98 -48.08 -54.29
CA CYS E 261 -11.62 -47.57 -54.14
C CYS E 261 -10.98 -47.85 -52.79
N SER E 262 -11.56 -47.31 -51.72
CA SER E 262 -11.00 -47.49 -50.39
C SER E 262 -10.55 -48.92 -50.10
N LYS E 263 -11.47 -49.87 -50.29
CA LYS E 263 -11.15 -51.27 -50.05
C LYS E 263 -9.87 -51.70 -50.74
N GLU E 264 -9.75 -51.35 -52.02
CA GLU E 264 -8.59 -51.71 -52.82
C GLU E 264 -7.33 -50.89 -52.60
N ASP E 265 -7.47 -49.56 -52.67
CA ASP E 265 -6.33 -48.66 -52.55
C ASP E 265 -5.73 -48.30 -51.19
N GLY E 266 -6.11 -48.98 -50.12
CA GLY E 266 -5.49 -48.69 -48.83
C GLY E 266 -6.30 -48.39 -47.57
N GLY E 267 -6.73 -47.14 -47.47
CA GLY E 267 -7.50 -46.73 -46.32
C GLY E 267 -8.42 -45.60 -46.71
N GLY E 268 -8.83 -44.82 -45.72
CA GLY E 268 -9.73 -43.70 -45.97
C GLY E 268 -9.12 -42.56 -46.74
N TRP E 269 -9.94 -41.94 -47.60
CA TRP E 269 -9.47 -40.83 -48.41
C TRP E 269 -10.58 -40.37 -49.33
N TRP E 270 -10.44 -39.17 -49.86
CA TRP E 270 -11.42 -38.60 -50.78
C TRP E 270 -11.23 -39.23 -52.16
N TYR E 271 -11.65 -40.48 -52.27
CA TYR E 271 -11.52 -41.22 -53.51
C TYR E 271 -12.52 -40.81 -54.57
N ASN E 272 -12.06 -40.79 -55.80
CA ASN E 272 -12.89 -40.48 -56.95
C ASN E 272 -13.05 -41.85 -57.61
N ARG E 273 -12.22 -42.14 -58.60
CA ARG E 273 -12.23 -43.43 -59.29
C ARG E 273 -10.91 -43.69 -60.03
N CYS E 274 -9.81 -43.85 -59.29
CA CYS E 274 -9.81 -43.79 -57.83
C CYS E 274 -8.99 -42.65 -57.24
N HIS E 275 -7.73 -42.53 -57.65
CA HIS E 275 -6.90 -41.46 -57.10
C HIS E 275 -5.75 -40.98 -57.98
N ALA E 276 -5.05 -39.96 -57.49
CA ALA E 276 -3.88 -39.40 -58.14
C ALA E 276 -2.86 -39.30 -57.00
N ALA E 277 -3.38 -39.13 -55.79
CA ALA E 277 -2.60 -39.04 -54.58
C ALA E 277 -3.31 -39.95 -53.58
N ASN E 278 -2.56 -40.53 -52.66
CA ASN E 278 -3.20 -41.41 -51.69
C ASN E 278 -2.41 -41.36 -50.38
N PRO E 279 -2.39 -40.18 -49.75
CA PRO E 279 -1.66 -39.96 -48.49
C PRO E 279 -1.89 -40.98 -47.39
N ASN E 280 -3.04 -41.63 -47.39
CA ASN E 280 -3.29 -42.60 -46.32
C ASN E 280 -3.19 -44.04 -46.76
N GLY E 281 -2.34 -44.30 -47.75
CA GLY E 281 -2.20 -45.65 -48.23
C GLY E 281 -1.39 -46.54 -47.31
N ARG E 282 -0.84 -47.61 -47.88
CA ARG E 282 -0.03 -48.59 -47.18
C ARG E 282 1.42 -48.09 -47.20
N TYR E 283 2.10 -48.18 -46.06
CA TYR E 283 3.48 -47.71 -46.00
C TYR E 283 4.48 -48.75 -46.50
N TYR E 284 4.72 -48.72 -47.80
CA TYR E 284 5.68 -49.62 -48.44
C TYR E 284 7.08 -49.10 -48.12
N TRP E 285 7.92 -49.99 -47.63
CA TRP E 285 9.29 -49.66 -47.26
C TRP E 285 10.18 -49.68 -48.49
N GLY E 286 11.07 -48.70 -48.59
CA GLY E 286 11.94 -48.64 -49.74
C GLY E 286 11.32 -47.84 -50.87
N GLY E 287 10.05 -47.47 -50.70
CA GLY E 287 9.34 -46.69 -51.70
C GLY E 287 8.85 -47.52 -52.87
N GLN E 288 9.80 -47.94 -53.69
CA GLN E 288 9.50 -48.74 -54.86
C GLN E 288 8.73 -50.02 -54.51
N TYR E 289 7.57 -50.22 -55.13
CA TYR E 289 6.78 -51.43 -54.91
C TYR E 289 6.11 -51.88 -56.21
N THR E 290 5.52 -53.07 -56.20
CA THR E 290 4.87 -53.60 -57.39
C THR E 290 3.51 -54.22 -57.09
N TRP E 291 2.73 -54.42 -58.15
CA TRP E 291 1.39 -54.99 -58.05
C TRP E 291 1.35 -56.38 -57.44
N ASP E 292 2.37 -57.20 -57.73
CA ASP E 292 2.41 -58.57 -57.20
C ASP E 292 2.81 -58.58 -55.74
N MET E 293 2.95 -57.38 -55.17
CA MET E 293 3.28 -57.20 -53.77
C MET E 293 2.04 -56.66 -53.08
N ALA E 294 1.30 -55.86 -53.82
CA ALA E 294 0.07 -55.24 -53.32
C ALA E 294 -1.03 -56.26 -53.04
N LYS E 295 -1.65 -56.14 -51.87
CA LYS E 295 -2.74 -57.01 -51.44
C LYS E 295 -3.83 -57.20 -52.48
N HIS E 296 -4.15 -56.14 -53.21
CA HIS E 296 -5.19 -56.17 -54.22
C HIS E 296 -4.67 -55.81 -55.62
N GLY E 297 -3.38 -55.96 -55.84
CA GLY E 297 -2.83 -55.64 -57.14
C GLY E 297 -2.96 -54.19 -57.58
N THR E 298 -3.52 -53.33 -56.72
CA THR E 298 -3.67 -51.91 -57.07
C THR E 298 -2.54 -51.11 -56.44
N ASP E 299 -2.44 -49.83 -56.77
CA ASP E 299 -1.39 -49.01 -56.16
C ASP E 299 -1.92 -48.42 -54.86
N ASP E 300 -1.93 -49.25 -53.83
CA ASP E 300 -2.42 -48.82 -52.52
C ASP E 300 -1.34 -48.22 -51.62
N GLY E 301 -0.20 -47.85 -52.20
CA GLY E 301 0.88 -47.27 -51.41
C GLY E 301 0.65 -45.82 -51.03
N VAL E 302 1.63 -45.20 -50.39
CA VAL E 302 1.51 -43.79 -50.01
C VAL E 302 1.94 -43.01 -51.24
N VAL E 303 1.04 -42.97 -52.20
CA VAL E 303 1.30 -42.35 -53.50
C VAL E 303 0.93 -40.90 -53.76
N TRP E 304 1.62 -40.35 -54.74
CA TRP E 304 1.38 -39.01 -55.24
C TRP E 304 1.87 -39.10 -56.67
N MET E 305 1.11 -39.86 -57.47
CA MET E 305 1.41 -40.09 -58.87
C MET E 305 2.09 -38.94 -59.56
N ASN E 306 1.50 -37.76 -59.44
CA ASN E 306 2.06 -36.57 -60.08
C ASN E 306 3.53 -36.31 -59.80
N TRP E 307 4.14 -37.06 -58.89
CA TRP E 307 5.56 -36.85 -58.62
C TRP E 307 6.41 -38.12 -58.83
N LYS E 308 5.98 -39.26 -58.30
CA LYS E 308 6.78 -40.46 -58.47
C LYS E 308 6.02 -41.64 -59.01
N GLY E 309 5.08 -41.39 -59.92
CA GLY E 309 4.30 -42.46 -60.49
C GLY E 309 3.42 -43.11 -59.44
N SER E 310 2.75 -44.17 -59.82
CA SER E 310 1.86 -44.85 -58.89
C SER E 310 2.48 -46.04 -58.14
N TRP E 311 3.66 -46.47 -58.57
CA TRP E 311 4.31 -47.58 -57.89
C TRP E 311 5.47 -47.13 -57.02
N TYR E 312 5.22 -46.08 -56.25
CA TYR E 312 6.21 -45.53 -55.35
C TYR E 312 5.50 -44.97 -54.14
N SER E 313 5.80 -45.53 -52.97
CA SER E 313 5.22 -45.13 -51.69
C SER E 313 6.20 -44.25 -50.94
N MET E 314 5.84 -42.98 -50.76
CA MET E 314 6.68 -42.00 -50.07
C MET E 314 7.23 -42.50 -48.71
N ARG E 315 8.26 -41.81 -48.20
CA ARG E 315 8.83 -42.17 -46.89
C ARG E 315 8.25 -41.22 -45.86
N LYS E 316 7.97 -39.99 -46.30
CA LYS E 316 7.37 -38.96 -45.45
C LYS E 316 6.16 -38.40 -46.20
N MET E 317 5.07 -38.15 -45.49
CA MET E 317 3.87 -37.60 -46.11
C MET E 317 3.08 -36.91 -45.02
N SER E 318 2.84 -35.60 -45.17
CA SER E 318 2.10 -34.85 -44.16
C SER E 318 1.15 -33.78 -44.71
N MET E 319 0.08 -33.52 -43.95
CA MET E 319 -0.94 -32.53 -44.28
C MET E 319 -1.11 -31.61 -43.09
N LYS E 320 -0.82 -30.33 -43.31
CA LYS E 320 -0.93 -29.33 -42.25
C LYS E 320 -1.91 -28.27 -42.71
N ILE E 321 -2.56 -27.59 -41.77
CA ILE E 321 -3.51 -26.54 -42.12
C ILE E 321 -3.22 -25.28 -41.32
N ARG E 322 -3.70 -24.16 -41.83
CA ARG E 322 -3.46 -22.91 -41.14
C ARG E 322 -4.39 -21.82 -41.65
N PRO E 323 -4.77 -20.87 -40.79
CA PRO E 323 -5.66 -19.79 -41.24
C PRO E 323 -4.94 -19.11 -42.39
N PHE E 324 -5.69 -18.80 -43.44
CA PHE E 324 -5.13 -18.19 -44.63
C PHE E 324 -4.55 -16.77 -44.60
N PHE E 325 -5.33 -15.78 -44.99
CA PHE E 325 -4.84 -14.41 -45.07
C PHE E 325 -6.00 -13.40 -44.83
N PRO E 326 -7.02 -13.37 -45.71
CA PRO E 326 -8.12 -12.42 -45.48
C PRO E 326 -9.17 -12.95 -44.48
N TYR F 22 8.01 -84.37 -49.30
CA TYR F 22 8.48 -85.25 -50.43
C TYR F 22 8.14 -84.64 -51.81
N LEU F 23 7.29 -85.31 -52.59
CA LEU F 23 6.91 -84.79 -53.90
C LEU F 23 5.95 -83.61 -53.72
N GLN F 24 4.74 -83.72 -54.25
CA GLN F 24 3.75 -82.64 -54.14
C GLN F 24 3.14 -82.58 -52.74
N GLU F 25 3.61 -83.47 -51.87
CA GLU F 25 3.11 -83.56 -50.49
C GLU F 25 3.62 -82.46 -49.55
N ILE F 26 4.46 -81.57 -50.07
CA ILE F 26 5.00 -80.47 -49.27
C ILE F 26 4.27 -79.20 -49.66
N TYR F 27 4.01 -79.02 -50.96
CA TYR F 27 3.27 -77.85 -51.42
C TYR F 27 1.98 -77.90 -50.62
N ASN F 28 1.52 -79.12 -50.38
CA ASN F 28 0.30 -79.36 -49.63
C ASN F 28 0.49 -78.92 -48.17
N SER F 29 1.46 -79.52 -47.50
CA SER F 29 1.75 -79.24 -46.10
C SER F 29 2.02 -77.76 -45.74
N ASN F 30 2.78 -77.06 -46.57
CA ASN F 30 3.12 -75.65 -46.29
C ASN F 30 2.14 -74.61 -46.85
N ASN F 31 1.23 -75.06 -47.72
CA ASN F 31 0.23 -74.16 -48.30
C ASN F 31 -0.89 -74.05 -47.27
N GLN F 32 -0.81 -74.89 -46.25
CA GLN F 32 -1.80 -74.88 -45.19
C GLN F 32 -1.36 -73.88 -44.14
N LYS F 33 -0.04 -73.83 -43.93
CA LYS F 33 0.58 -72.93 -42.97
C LYS F 33 0.03 -71.52 -43.19
N ILE F 34 0.21 -71.01 -44.41
CA ILE F 34 -0.24 -69.68 -44.77
C ILE F 34 -1.60 -69.30 -44.19
N VAL F 35 -2.55 -70.24 -44.20
CA VAL F 35 -3.89 -69.98 -43.67
C VAL F 35 -3.80 -69.67 -42.18
N ASN F 36 -3.18 -70.58 -41.43
CA ASN F 36 -3.00 -70.44 -39.99
C ASN F 36 -2.19 -69.19 -39.68
N LEU F 37 -1.32 -68.82 -40.61
CA LEU F 37 -0.49 -67.64 -40.48
C LEU F 37 -1.39 -66.44 -40.63
N LYS F 38 -2.20 -66.45 -41.69
CA LYS F 38 -3.14 -65.38 -41.96
C LYS F 38 -4.13 -65.25 -40.82
N GLU F 39 -4.25 -66.31 -40.03
CA GLU F 39 -5.13 -66.29 -38.87
C GLU F 39 -4.40 -65.49 -37.81
N LYS F 40 -3.21 -65.96 -37.43
CA LYS F 40 -2.40 -65.30 -36.43
C LYS F 40 -1.94 -63.95 -36.96
N VAL F 41 -1.94 -63.79 -38.28
CA VAL F 41 -1.55 -62.52 -38.88
C VAL F 41 -2.71 -61.55 -38.72
N ALA F 42 -3.93 -62.08 -38.75
CA ALA F 42 -5.11 -61.23 -38.56
C ALA F 42 -5.21 -60.99 -37.06
N GLN F 43 -4.92 -62.01 -36.27
CA GLN F 43 -4.95 -61.91 -34.81
C GLN F 43 -4.04 -60.78 -34.36
N LEU F 44 -2.90 -60.68 -35.04
CA LEU F 44 -1.95 -59.64 -34.73
C LEU F 44 -2.51 -58.31 -35.14
N GLU F 45 -3.05 -58.27 -36.35
CA GLU F 45 -3.61 -57.03 -36.88
C GLU F 45 -4.51 -56.34 -35.86
N ALA F 46 -5.42 -57.11 -35.28
CA ALA F 46 -6.35 -56.55 -34.30
C ALA F 46 -5.72 -56.25 -32.95
N GLN F 47 -4.45 -56.62 -32.77
CA GLN F 47 -3.78 -56.36 -31.51
C GLN F 47 -2.89 -55.12 -31.60
N CYS F 48 -2.90 -54.49 -32.77
CA CYS F 48 -2.10 -53.29 -33.00
C CYS F 48 -2.96 -52.17 -33.57
N GLN F 49 -3.96 -51.73 -32.82
CA GLN F 49 -4.82 -50.64 -33.30
C GLN F 49 -4.80 -49.43 -32.36
N GLU F 50 -4.40 -49.65 -31.11
CA GLU F 50 -4.36 -48.59 -30.14
C GLU F 50 -3.14 -47.71 -30.33
N PRO F 51 -3.03 -46.65 -29.54
CA PRO F 51 -1.92 -45.68 -29.56
C PRO F 51 -1.06 -45.81 -28.27
N CYS F 52 0.21 -45.36 -28.33
CA CYS F 52 1.07 -45.47 -27.15
C CYS F 52 0.36 -44.82 -25.98
N LYS F 53 0.38 -45.49 -24.84
CA LYS F 53 -0.27 -44.99 -23.64
C LYS F 53 0.50 -43.79 -23.13
N ASP F 54 -0.17 -42.64 -23.04
CA ASP F 54 0.47 -41.42 -22.55
C ASP F 54 0.28 -41.36 -21.04
N THR F 55 1.38 -41.29 -20.30
CA THR F 55 1.33 -41.24 -18.85
C THR F 55 0.61 -40.00 -18.35
N VAL F 56 0.62 -38.90 -19.12
CA VAL F 56 -0.08 -37.71 -18.66
C VAL F 56 -1.57 -37.73 -19.01
N GLN F 57 -2.39 -37.66 -17.98
CA GLN F 57 -3.83 -37.66 -18.16
C GLN F 57 -4.43 -36.45 -17.47
N ILE F 58 -5.54 -35.98 -18.03
CA ILE F 58 -6.25 -34.83 -17.51
C ILE F 58 -7.54 -35.31 -16.88
N HIS F 59 -7.78 -34.90 -15.65
CA HIS F 59 -8.98 -35.31 -14.96
C HIS F 59 -10.23 -34.67 -15.53
N ASP F 60 -11.35 -35.37 -15.37
CA ASP F 60 -12.63 -34.92 -15.87
C ASP F 60 -13.39 -33.89 -15.05
N ILE F 61 -12.87 -33.54 -13.88
CA ILE F 61 -13.56 -32.55 -13.07
C ILE F 61 -13.16 -31.14 -13.47
N THR F 62 -14.15 -30.25 -13.43
CA THR F 62 -13.95 -28.84 -13.75
C THR F 62 -14.58 -27.98 -12.65
N GLY F 63 -13.99 -26.80 -12.46
CA GLY F 63 -14.48 -25.87 -11.46
C GLY F 63 -13.98 -24.49 -11.78
N LYS F 64 -14.23 -23.54 -10.89
CA LYS F 64 -13.78 -22.17 -11.10
C LYS F 64 -12.34 -22.06 -10.66
N ASP F 65 -11.85 -23.09 -9.99
CA ASP F 65 -10.48 -23.12 -9.52
C ASP F 65 -10.19 -24.44 -8.78
N CYS F 66 -8.92 -24.66 -8.43
CA CYS F 66 -8.56 -25.90 -7.75
C CYS F 66 -9.35 -26.15 -6.48
N GLN F 67 -9.79 -25.08 -5.81
CA GLN F 67 -10.58 -25.29 -4.61
C GLN F 67 -11.94 -25.85 -5.00
N ASP F 68 -12.63 -25.14 -5.89
CA ASP F 68 -13.95 -25.55 -6.37
C ASP F 68 -13.89 -27.03 -6.76
N ILE F 69 -12.89 -27.37 -7.59
CA ILE F 69 -12.69 -28.74 -8.06
C ILE F 69 -12.52 -29.71 -6.89
N ALA F 70 -11.79 -29.27 -5.88
CA ALA F 70 -11.56 -30.09 -4.69
C ALA F 70 -12.88 -30.31 -3.98
N ASN F 71 -13.59 -29.21 -3.71
CA ASN F 71 -14.89 -29.29 -3.04
C ASN F 71 -15.83 -30.21 -3.78
N LYS F 72 -15.63 -30.30 -5.10
CA LYS F 72 -16.47 -31.14 -5.94
C LYS F 72 -16.18 -32.62 -5.74
N GLY F 73 -15.10 -32.95 -5.04
CA GLY F 73 -14.80 -34.35 -4.81
C GLY F 73 -13.40 -34.81 -5.16
N ALA F 74 -12.78 -34.17 -6.15
CA ALA F 74 -11.41 -34.54 -6.57
C ALA F 74 -10.53 -34.86 -5.36
N LYS F 75 -9.69 -35.89 -5.47
CA LYS F 75 -8.85 -36.26 -4.33
C LYS F 75 -7.32 -36.28 -4.48
N GLN F 76 -6.80 -36.22 -5.70
CA GLN F 76 -5.36 -36.24 -5.90
C GLN F 76 -4.86 -35.05 -6.70
N SER F 77 -3.57 -34.77 -6.59
CA SER F 77 -2.96 -33.66 -7.32
C SER F 77 -2.79 -34.05 -8.79
N GLY F 78 -2.93 -33.08 -9.69
CA GLY F 78 -2.78 -33.36 -11.10
C GLY F 78 -3.27 -32.24 -11.98
N LEU F 79 -3.36 -32.51 -13.28
CA LEU F 79 -3.78 -31.51 -14.25
C LEU F 79 -5.30 -31.49 -14.42
N TYR F 80 -5.90 -30.31 -14.34
CA TYR F 80 -7.34 -30.18 -14.49
C TYR F 80 -7.67 -28.95 -15.34
N PHE F 81 -8.92 -28.90 -15.77
CA PHE F 81 -9.38 -27.77 -16.56
C PHE F 81 -10.22 -26.90 -15.64
N ILE F 82 -9.88 -25.62 -15.57
CA ILE F 82 -10.67 -24.72 -14.75
C ILE F 82 -11.15 -23.62 -15.66
N LYS F 83 -12.31 -23.07 -15.35
CA LYS F 83 -12.85 -21.96 -16.11
C LYS F 83 -13.42 -20.98 -15.11
N PRO F 84 -12.60 -20.00 -14.69
CA PRO F 84 -13.06 -19.00 -13.73
C PRO F 84 -14.30 -18.32 -14.29
N LEU F 85 -14.93 -17.48 -13.46
CA LEU F 85 -16.13 -16.79 -13.89
C LEU F 85 -16.02 -15.98 -15.16
N LYS F 86 -15.44 -14.79 -15.06
CA LYS F 86 -15.34 -13.90 -16.22
C LYS F 86 -14.39 -14.32 -17.35
N ALA F 87 -14.15 -15.63 -17.45
CA ALA F 87 -13.26 -16.17 -18.50
C ALA F 87 -14.07 -16.80 -19.62
N ASN F 88 -13.64 -16.54 -20.84
CA ASN F 88 -14.32 -17.06 -22.02
C ASN F 88 -13.73 -18.34 -22.58
N GLN F 89 -13.00 -19.07 -21.77
CA GLN F 89 -12.40 -20.30 -22.26
C GLN F 89 -11.78 -21.08 -21.09
N GLN F 90 -12.15 -22.35 -20.97
CA GLN F 90 -11.58 -23.17 -19.92
C GLN F 90 -10.11 -23.39 -20.28
N PHE F 91 -9.24 -23.48 -19.29
CA PHE F 91 -7.82 -23.73 -19.57
C PHE F 91 -7.25 -24.64 -18.49
N LEU F 92 -6.20 -25.38 -18.85
CA LEU F 92 -5.57 -26.32 -17.94
C LEU F 92 -4.68 -25.70 -16.87
N VAL F 93 -4.67 -26.32 -15.69
CA VAL F 93 -3.84 -25.85 -14.57
C VAL F 93 -3.39 -27.06 -13.76
N TYR F 94 -2.42 -26.85 -12.88
CA TYR F 94 -1.96 -27.94 -12.02
C TYR F 94 -2.56 -27.72 -10.64
N CYS F 95 -3.35 -28.68 -10.17
CA CYS F 95 -3.96 -28.57 -8.86
C CYS F 95 -3.22 -29.36 -7.79
N GLU F 96 -3.10 -28.75 -6.61
CA GLU F 96 -2.45 -29.38 -5.48
C GLU F 96 -3.54 -29.66 -4.48
N ILE F 97 -3.80 -30.95 -4.24
CA ILE F 97 -4.82 -31.36 -3.31
C ILE F 97 -4.27 -32.27 -2.20
N ASP F 98 -4.42 -31.83 -0.95
CA ASP F 98 -3.96 -32.56 0.23
C ASP F 98 -5.13 -33.30 0.88
N GLY F 99 -4.84 -34.11 1.88
CA GLY F 99 -5.88 -34.87 2.56
C GLY F 99 -7.00 -34.00 3.10
N SER F 100 -6.64 -32.90 3.75
CA SER F 100 -7.61 -31.96 4.35
C SER F 100 -8.59 -31.39 3.32
N GLY F 101 -8.36 -31.71 2.06
CA GLY F 101 -9.25 -31.23 1.01
C GLY F 101 -9.07 -29.78 0.61
N ASN F 102 -7.84 -29.39 0.30
CA ASN F 102 -7.57 -28.04 -0.12
C ASN F 102 -7.11 -28.02 -1.57
N GLY F 103 -7.69 -27.11 -2.35
CA GLY F 103 -7.35 -26.99 -3.76
C GLY F 103 -6.51 -25.78 -4.14
N TRP F 104 -5.20 -25.94 -4.03
CA TRP F 104 -4.29 -24.86 -4.39
C TRP F 104 -4.11 -24.82 -5.89
N THR F 105 -4.47 -23.70 -6.51
CA THR F 105 -4.28 -23.58 -7.93
C THR F 105 -2.88 -23.02 -8.08
N VAL F 106 -1.96 -23.84 -8.59
CA VAL F 106 -0.58 -23.40 -8.72
C VAL F 106 -0.33 -22.64 -10.02
N PHE F 107 0.35 -21.50 -9.93
CA PHE F 107 0.63 -20.70 -11.12
C PHE F 107 2.09 -20.47 -11.50
N GLN F 108 3.01 -20.93 -10.65
CA GLN F 108 4.45 -20.81 -10.90
C GLN F 108 5.16 -22.02 -10.28
N LYS F 109 6.31 -22.37 -10.82
CA LYS F 109 7.05 -23.50 -10.29
C LYS F 109 8.48 -23.57 -10.82
N ARG F 110 9.42 -23.74 -9.91
CA ARG F 110 10.81 -23.86 -10.29
C ARG F 110 11.36 -25.02 -9.49
N LEU F 111 12.21 -25.84 -10.12
CA LEU F 111 12.81 -27.00 -9.45
C LEU F 111 14.16 -27.36 -10.06
N ASP F 112 14.30 -27.18 -11.36
CA ASP F 112 15.57 -27.43 -12.04
C ASP F 112 15.61 -26.39 -13.14
N GLY F 113 16.80 -25.93 -13.52
CA GLY F 113 16.86 -24.89 -14.55
C GLY F 113 16.30 -25.30 -15.90
N SER F 114 15.36 -26.23 -15.93
CA SER F 114 14.78 -26.72 -17.18
C SER F 114 14.23 -25.67 -18.14
N VAL F 115 13.24 -24.89 -17.68
CA VAL F 115 12.61 -23.87 -18.51
C VAL F 115 13.30 -22.51 -18.45
N ASP F 116 13.48 -21.88 -19.60
CA ASP F 116 14.12 -20.57 -19.68
C ASP F 116 13.05 -19.53 -19.35
N PHE F 117 13.27 -18.76 -18.29
CA PHE F 117 12.31 -17.75 -17.88
C PHE F 117 12.53 -16.36 -18.47
N LYS F 118 13.56 -16.19 -19.29
CA LYS F 118 13.75 -14.88 -19.90
C LYS F 118 12.78 -14.80 -21.09
N LYS F 119 11.53 -14.44 -20.80
CA LYS F 119 10.49 -14.34 -21.83
C LYS F 119 9.97 -12.91 -21.99
N ASN F 120 9.06 -12.73 -22.94
CA ASN F 120 8.47 -11.42 -23.19
C ASN F 120 7.08 -11.26 -22.61
N TRP F 121 6.49 -10.09 -22.86
CA TRP F 121 5.18 -9.75 -22.35
C TRP F 121 4.13 -10.78 -22.72
N ILE F 122 4.00 -11.06 -24.01
CA ILE F 122 3.02 -12.03 -24.52
C ILE F 122 3.19 -13.41 -23.90
N GLN F 123 4.44 -13.88 -23.85
CA GLN F 123 4.78 -15.18 -23.29
C GLN F 123 4.40 -15.28 -21.83
N TYR F 124 4.57 -14.20 -21.08
CA TYR F 124 4.21 -14.19 -19.67
C TYR F 124 2.72 -13.98 -19.49
N LYS F 125 2.11 -13.30 -20.45
CA LYS F 125 0.69 -13.02 -20.41
C LYS F 125 -0.06 -14.31 -20.71
N GLU F 126 0.49 -15.09 -21.64
CA GLU F 126 -0.14 -16.34 -22.05
C GLU F 126 0.30 -17.56 -21.25
N GLY F 127 1.56 -17.52 -20.78
CA GLY F 127 2.10 -18.62 -20.01
C GLY F 127 3.10 -19.45 -20.79
N PHE F 128 4.03 -20.08 -20.09
CA PHE F 128 5.02 -20.93 -20.75
C PHE F 128 5.40 -22.10 -19.86
N GLY F 129 6.28 -22.96 -20.35
CA GLY F 129 6.66 -24.11 -19.58
C GLY F 129 5.59 -25.17 -19.81
N HIS F 130 5.67 -26.29 -19.10
CA HIS F 130 4.70 -27.37 -19.27
C HIS F 130 4.05 -27.75 -17.95
N LEU F 131 2.98 -28.54 -18.04
CA LEU F 131 2.25 -28.99 -16.87
C LEU F 131 2.35 -30.51 -16.74
N SER F 132 2.79 -30.98 -15.58
CA SER F 132 2.91 -32.42 -15.35
C SER F 132 1.95 -32.83 -14.25
N PRO F 133 1.37 -34.03 -14.36
CA PRO F 133 0.42 -34.55 -13.36
C PRO F 133 1.13 -34.80 -12.05
N THR F 134 2.44 -34.97 -12.15
CA THR F 134 3.30 -35.23 -11.01
C THR F 134 3.87 -33.92 -10.47
N GLY F 135 3.58 -32.82 -11.17
CA GLY F 135 4.05 -31.51 -10.75
C GLY F 135 5.55 -31.45 -10.55
N THR F 136 6.30 -32.12 -11.42
CA THR F 136 7.77 -32.11 -11.33
C THR F 136 8.25 -31.30 -12.52
N THR F 137 7.35 -30.45 -12.98
CA THR F 137 7.58 -29.64 -14.15
C THR F 137 7.59 -28.14 -13.84
N GLU F 138 8.51 -27.40 -14.45
CA GLU F 138 8.64 -25.94 -14.26
C GLU F 138 7.70 -25.19 -15.17
N PHE F 139 7.08 -24.12 -14.67
CA PHE F 139 6.20 -23.36 -15.52
C PHE F 139 5.78 -21.99 -14.98
N TRP F 140 4.93 -21.34 -15.76
CA TRP F 140 4.36 -20.04 -15.42
C TRP F 140 3.03 -20.00 -16.14
N LEU F 141 1.95 -20.13 -15.39
CA LEU F 141 0.61 -20.09 -15.95
C LEU F 141 0.46 -18.69 -16.52
N GLY F 142 -0.47 -18.46 -17.44
CA GLY F 142 -0.58 -17.10 -17.97
C GLY F 142 -0.91 -16.00 -16.97
N ASN F 143 -0.36 -14.80 -17.17
CA ASN F 143 -0.68 -13.66 -16.29
C ASN F 143 -2.19 -13.42 -16.36
N GLU F 144 -2.72 -13.41 -17.58
CA GLU F 144 -4.14 -13.21 -17.84
C GLU F 144 -4.93 -14.26 -17.07
N LYS F 145 -4.48 -15.51 -17.16
CA LYS F 145 -5.10 -16.64 -16.47
C LYS F 145 -5.11 -16.37 -14.97
N ILE F 146 -3.98 -15.91 -14.45
CA ILE F 146 -3.84 -15.59 -13.04
C ILE F 146 -4.79 -14.46 -12.66
N HIS F 147 -4.86 -13.46 -13.53
CA HIS F 147 -5.73 -12.32 -13.29
C HIS F 147 -7.17 -12.79 -13.11
N LEU F 148 -7.65 -13.56 -14.08
CA LEU F 148 -9.00 -14.10 -14.09
C LEU F 148 -9.34 -14.92 -12.85
N ILE F 149 -8.43 -15.80 -12.47
CA ILE F 149 -8.63 -16.65 -11.30
C ILE F 149 -8.75 -15.81 -10.02
N SER F 150 -7.73 -14.99 -9.78
CA SER F 150 -7.65 -14.15 -8.59
C SER F 150 -8.71 -13.08 -8.46
N THR F 151 -9.25 -12.63 -9.59
CA THR F 151 -10.25 -11.58 -9.53
C THR F 151 -11.65 -12.06 -9.93
N GLN F 152 -11.74 -13.32 -10.36
CA GLN F 152 -12.99 -13.88 -10.83
C GLN F 152 -14.26 -13.57 -10.05
N SER F 153 -14.14 -13.35 -8.74
CA SER F 153 -15.33 -13.08 -7.96
C SER F 153 -15.05 -12.40 -6.64
N ALA F 154 -16.13 -12.01 -5.96
CA ALA F 154 -16.07 -11.33 -4.67
C ALA F 154 -15.02 -11.96 -3.76
N ILE F 155 -15.27 -13.19 -3.34
CA ILE F 155 -14.34 -13.92 -2.46
C ILE F 155 -12.87 -13.66 -2.77
N PRO F 156 -12.07 -13.37 -1.73
CA PRO F 156 -10.64 -13.10 -1.88
C PRO F 156 -9.77 -14.34 -1.89
N TYR F 157 -8.60 -14.22 -2.50
CA TYR F 157 -7.64 -15.31 -2.56
C TYR F 157 -6.47 -15.05 -1.65
N ALA F 158 -5.62 -16.05 -1.53
CA ALA F 158 -4.44 -15.92 -0.71
C ALA F 158 -3.33 -16.58 -1.49
N LEU F 159 -2.16 -16.01 -1.42
CA LEU F 159 -1.05 -16.58 -2.14
C LEU F 159 -0.05 -17.20 -1.18
N ARG F 160 0.50 -18.34 -1.57
CA ARG F 160 1.53 -18.97 -0.76
C ARG F 160 2.78 -19.18 -1.59
N VAL F 161 3.82 -18.45 -1.25
CA VAL F 161 5.11 -18.57 -1.91
C VAL F 161 5.84 -19.65 -1.14
N GLU F 162 6.28 -20.69 -1.83
CA GLU F 162 6.98 -21.78 -1.17
C GLU F 162 8.35 -22.00 -1.78
N LEU F 163 9.35 -21.90 -0.92
CA LEU F 163 10.74 -22.05 -1.31
C LEU F 163 11.42 -23.26 -0.68
N GLU F 164 12.58 -23.61 -1.23
CA GLU F 164 13.40 -24.72 -0.75
C GLU F 164 14.83 -24.44 -1.18
N ASP F 165 15.77 -24.55 -0.25
CA ASP F 165 17.18 -24.32 -0.56
C ASP F 165 17.83 -25.61 -1.05
N TRP F 166 19.15 -25.58 -1.14
CA TRP F 166 19.87 -26.75 -1.59
C TRP F 166 20.30 -27.65 -0.43
N ASN F 167 19.65 -27.50 0.72
CA ASN F 167 19.94 -28.32 1.90
C ASN F 167 18.71 -29.11 2.28
N GLY F 168 17.65 -28.91 1.50
CA GLY F 168 16.40 -29.60 1.78
C GLY F 168 15.48 -28.84 2.70
N ARG F 169 15.90 -27.66 3.14
CA ARG F 169 15.06 -26.85 4.01
C ARG F 169 14.05 -26.08 3.19
N THR F 170 12.86 -25.88 3.73
CA THR F 170 11.82 -25.15 3.02
C THR F 170 11.12 -24.15 3.94
N SER F 171 10.68 -23.04 3.36
CA SER F 171 9.98 -21.99 4.09
C SER F 171 8.83 -21.49 3.25
N THR F 172 7.98 -20.67 3.83
CA THR F 172 6.86 -20.13 3.07
C THR F 172 6.52 -18.72 3.49
N ALA F 173 5.80 -18.02 2.62
CA ALA F 173 5.34 -16.65 2.85
C ALA F 173 3.90 -16.63 2.34
N ASP F 174 2.96 -16.18 3.15
CA ASP F 174 1.56 -16.15 2.73
C ASP F 174 1.09 -14.71 2.63
N TYR F 175 0.30 -14.43 1.61
CA TYR F 175 -0.23 -13.08 1.41
C TYR F 175 -1.73 -13.13 1.19
N ALA F 176 -2.44 -12.29 1.94
CA ALA F 176 -3.90 -12.20 1.91
C ALA F 176 -4.45 -11.23 0.87
N MET F 177 -5.63 -11.53 0.34
CA MET F 177 -6.27 -10.71 -0.68
C MET F 177 -5.39 -10.54 -1.90
N PHE F 178 -4.81 -11.64 -2.35
CA PHE F 178 -3.95 -11.61 -3.52
C PHE F 178 -4.83 -11.46 -4.75
N LYS F 179 -4.52 -10.43 -5.55
CA LYS F 179 -5.23 -10.14 -6.78
C LYS F 179 -4.17 -9.73 -7.77
N VAL F 180 -4.48 -9.91 -9.05
CA VAL F 180 -3.57 -9.49 -10.09
C VAL F 180 -4.44 -8.68 -11.05
N GLY F 181 -4.06 -7.42 -11.24
CA GLY F 181 -4.82 -6.53 -12.11
C GLY F 181 -4.90 -6.95 -13.56
N PRO F 182 -5.81 -6.33 -14.34
CA PRO F 182 -5.97 -6.66 -15.75
C PRO F 182 -4.80 -6.12 -16.58
N GLU F 183 -4.68 -6.62 -17.80
CA GLU F 183 -3.59 -6.19 -18.67
C GLU F 183 -3.55 -4.69 -18.85
N ALA F 184 -4.72 -4.06 -18.84
CA ALA F 184 -4.80 -2.62 -19.03
C ALA F 184 -4.00 -1.91 -17.93
N ASP F 185 -3.86 -2.61 -16.80
CA ASP F 185 -3.12 -2.06 -15.68
C ASP F 185 -1.84 -2.87 -15.48
N LYS F 186 -1.27 -3.36 -16.58
CA LYS F 186 -0.03 -4.13 -16.56
C LYS F 186 -0.03 -5.23 -15.53
N TYR F 187 -1.15 -5.92 -15.37
CA TYR F 187 -1.24 -7.02 -14.42
C TYR F 187 -0.60 -6.68 -13.06
N ARG F 188 -1.00 -5.57 -12.47
CA ARG F 188 -0.44 -5.15 -11.19
C ARG F 188 -0.64 -6.17 -10.08
N LEU F 189 0.35 -6.27 -9.20
CA LEU F 189 0.27 -7.21 -8.08
C LEU F 189 -0.19 -6.48 -6.84
N THR F 190 -1.22 -7.00 -6.18
CA THR F 190 -1.73 -6.36 -4.99
C THR F 190 -2.11 -7.38 -3.94
N TYR F 191 -1.66 -7.13 -2.71
CA TYR F 191 -2.01 -7.99 -1.60
C TYR F 191 -2.35 -7.06 -0.44
N ALA F 192 -3.26 -7.51 0.42
CA ALA F 192 -3.70 -6.72 1.58
C ALA F 192 -2.64 -6.65 2.69
N TYR F 193 -1.98 -7.77 2.95
CA TYR F 193 -0.95 -7.81 3.98
C TYR F 193 -0.29 -9.19 4.04
N PHE F 194 0.93 -9.21 4.57
CA PHE F 194 1.68 -10.44 4.74
C PHE F 194 0.96 -11.21 5.84
N ALA F 195 0.79 -12.51 5.65
CA ALA F 195 0.10 -13.32 6.64
C ALA F 195 1.06 -14.28 7.33
N GLY F 196 2.34 -13.91 7.39
CA GLY F 196 3.30 -14.77 8.05
C GLY F 196 3.90 -15.89 7.21
N GLY F 197 4.97 -16.47 7.71
CA GLY F 197 5.66 -17.54 7.02
C GLY F 197 7.12 -17.44 7.42
N ASP F 198 7.77 -18.57 7.60
CA ASP F 198 9.17 -18.58 7.99
C ASP F 198 10.15 -18.13 6.91
N ALA F 199 9.61 -17.67 5.77
CA ALA F 199 10.45 -17.20 4.68
C ALA F 199 10.57 -15.69 4.78
N GLY F 200 9.71 -15.09 5.62
CA GLY F 200 9.72 -13.64 5.80
C GLY F 200 8.86 -12.93 4.76
N ASP F 201 8.75 -11.61 4.87
CA ASP F 201 7.95 -10.84 3.91
C ASP F 201 8.84 -10.05 2.96
N ALA F 202 9.34 -10.74 1.92
CA ALA F 202 10.21 -10.12 0.91
C ALA F 202 9.48 -9.06 0.12
N PHE F 203 8.16 -9.20 0.00
CA PHE F 203 7.38 -8.22 -0.74
C PHE F 203 7.30 -6.86 -0.07
N ASP F 204 7.70 -6.82 1.19
CA ASP F 204 7.67 -5.59 1.92
C ASP F 204 8.88 -4.73 1.57
N GLY F 205 9.81 -5.34 0.84
CA GLY F 205 11.03 -4.65 0.48
C GLY F 205 12.12 -5.08 1.44
N PHE F 206 13.35 -4.65 1.21
CA PHE F 206 14.43 -5.03 2.10
C PHE F 206 15.53 -3.98 2.23
N ASP F 207 15.89 -3.67 3.47
CA ASP F 207 16.94 -2.69 3.74
C ASP F 207 18.30 -3.31 3.44
N PHE F 208 18.86 -2.96 2.29
CA PHE F 208 20.15 -3.50 1.88
C PHE F 208 21.37 -2.81 2.46
N GLY F 209 21.21 -1.59 2.96
CA GLY F 209 22.35 -0.92 3.56
C GLY F 209 22.82 0.38 2.94
N ASP F 210 22.70 0.52 1.62
CA ASP F 210 23.13 1.75 0.99
C ASP F 210 22.17 2.93 1.21
N ASP F 211 21.46 3.34 0.16
CA ASP F 211 20.53 4.46 0.27
C ASP F 211 19.42 4.06 1.24
N PRO F 212 18.89 5.04 1.99
CA PRO F 212 17.82 4.79 2.96
C PRO F 212 16.48 4.42 2.30
N SER F 213 16.48 4.25 0.99
CA SER F 213 15.27 3.89 0.27
C SER F 213 15.38 2.46 -0.25
N ASP F 214 16.50 1.81 0.05
CA ASP F 214 16.73 0.45 -0.40
C ASP F 214 15.46 -0.36 -0.24
N LYS F 215 14.97 -0.43 1.00
CA LYS F 215 13.77 -1.19 1.33
C LYS F 215 12.56 -0.75 0.54
N PHE F 216 12.37 0.56 0.39
CA PHE F 216 11.23 1.05 -0.36
C PHE F 216 11.26 0.56 -1.77
N PHE F 217 12.34 0.87 -2.48
CA PHE F 217 12.48 0.49 -3.87
C PHE F 217 12.58 -1.00 -4.15
N THR F 218 12.55 -1.81 -3.11
CA THR F 218 12.64 -3.23 -3.36
C THR F 218 11.37 -3.95 -2.91
N SER F 219 10.31 -3.18 -2.63
CA SER F 219 9.02 -3.74 -2.21
C SER F 219 8.21 -4.05 -3.47
N HIS F 220 7.29 -5.00 -3.40
CA HIS F 220 6.51 -5.36 -4.59
C HIS F 220 5.04 -5.08 -4.55
N ASN F 221 4.47 -4.92 -3.36
CA ASN F 221 3.04 -4.65 -3.30
C ASN F 221 2.74 -3.41 -4.13
N GLY F 222 1.76 -3.53 -5.03
CA GLY F 222 1.35 -2.43 -5.88
C GLY F 222 2.10 -2.29 -7.20
N MET F 223 3.25 -2.95 -7.31
CA MET F 223 4.06 -2.90 -8.52
C MET F 223 3.36 -3.53 -9.69
N GLN F 224 3.70 -3.08 -10.90
CA GLN F 224 3.13 -3.65 -12.11
C GLN F 224 4.14 -4.64 -12.66
N PHE F 225 3.68 -5.48 -13.58
CA PHE F 225 4.53 -6.49 -14.20
C PHE F 225 5.41 -5.86 -15.28
N SER F 226 6.58 -6.45 -15.50
CA SER F 226 7.51 -5.97 -16.49
C SER F 226 8.30 -7.12 -17.10
N THR F 227 8.55 -7.01 -18.40
CA THR F 227 9.33 -7.98 -19.17
C THR F 227 10.27 -7.05 -19.93
N TRP F 228 11.31 -7.59 -20.55
CA TRP F 228 12.22 -6.68 -21.25
C TRP F 228 11.52 -5.78 -22.26
N ASP F 229 10.50 -6.30 -22.97
CA ASP F 229 9.79 -5.52 -23.99
C ASP F 229 8.60 -4.68 -23.51
N ASN F 230 8.41 -4.60 -22.21
CA ASN F 230 7.31 -3.82 -21.65
C ASN F 230 7.74 -3.35 -20.28
N ASP F 231 8.39 -2.19 -20.25
CA ASP F 231 8.88 -1.64 -19.00
C ASP F 231 7.84 -0.91 -18.16
N ASN F 232 7.61 -1.39 -16.95
CA ASN F 232 6.65 -0.77 -16.05
C ASN F 232 7.22 -0.80 -14.64
N ASP F 233 8.54 -0.78 -14.54
CA ASP F 233 9.19 -0.78 -13.23
C ASP F 233 9.39 0.67 -12.80
N LYS F 234 9.87 0.85 -11.58
CA LYS F 234 10.07 2.18 -11.02
C LYS F 234 11.52 2.61 -11.16
N PHE F 235 12.25 1.90 -12.02
CA PHE F 235 13.66 2.17 -12.28
C PHE F 235 13.76 2.89 -13.63
N GLU F 236 14.49 4.01 -13.70
CA GLU F 236 14.64 4.73 -14.98
C GLU F 236 15.21 3.79 -16.06
N GLY F 237 15.78 2.67 -15.61
CA GLY F 237 16.32 1.67 -16.52
C GLY F 237 15.34 0.52 -16.61
N ASN F 238 15.79 -0.62 -17.13
CA ASN F 238 14.90 -1.76 -17.25
C ASN F 238 15.32 -2.95 -16.40
N CYS F 239 14.66 -3.11 -15.26
CA CYS F 239 14.99 -4.21 -14.39
C CYS F 239 14.78 -5.55 -15.10
N ALA F 240 13.59 -5.75 -15.67
CA ALA F 240 13.27 -6.99 -16.36
C ALA F 240 14.28 -7.37 -17.42
N GLU F 241 14.83 -6.37 -18.08
CA GLU F 241 15.78 -6.63 -19.13
C GLU F 241 17.10 -7.04 -18.53
N GLN F 242 17.56 -6.27 -17.54
CA GLN F 242 18.82 -6.55 -16.88
C GLN F 242 18.83 -7.90 -16.16
N ASP F 243 17.96 -8.05 -15.16
CA ASP F 243 17.87 -9.30 -14.38
C ASP F 243 17.34 -10.44 -15.28
N GLY F 244 16.94 -10.07 -16.48
CA GLY F 244 16.45 -11.02 -17.47
C GLY F 244 15.33 -11.95 -17.09
N SER F 245 14.15 -11.39 -16.80
CA SER F 245 12.98 -12.20 -16.43
C SER F 245 11.67 -11.45 -16.67
N GLY F 246 10.63 -11.90 -15.98
CA GLY F 246 9.33 -11.28 -16.07
C GLY F 246 8.87 -11.23 -14.63
N TRP F 247 8.52 -10.06 -14.12
CA TRP F 247 8.15 -9.99 -12.71
C TRP F 247 7.67 -8.58 -12.36
N TRP F 248 7.14 -8.43 -11.15
CA TRP F 248 6.67 -7.14 -10.67
C TRP F 248 7.85 -6.31 -10.16
N MET F 249 8.52 -5.63 -11.08
CA MET F 249 9.71 -4.83 -10.76
C MET F 249 9.42 -3.45 -10.18
N ASN F 250 10.37 -2.97 -9.36
CA ASN F 250 10.26 -1.70 -8.66
C ASN F 250 11.62 -1.05 -8.38
N LYS F 251 12.63 -1.35 -9.17
CA LYS F 251 13.96 -0.75 -8.97
C LYS F 251 14.75 -1.35 -7.78
N CYS F 252 14.84 -2.68 -7.67
CA CYS F 252 14.22 -3.61 -8.62
C CYS F 252 13.42 -4.70 -7.90
N HIS F 253 14.04 -5.38 -6.95
CA HIS F 253 13.32 -6.45 -6.25
C HIS F 253 13.98 -6.96 -4.97
N ALA F 254 13.16 -7.61 -4.13
CA ALA F 254 13.61 -8.21 -2.89
C ALA F 254 13.15 -9.66 -2.93
N GLY F 255 12.29 -9.96 -3.91
CA GLY F 255 11.77 -11.30 -4.13
C GLY F 255 11.78 -11.48 -5.63
N HIS F 256 12.54 -12.43 -6.15
CA HIS F 256 12.65 -12.60 -7.59
C HIS F 256 12.54 -14.06 -8.01
N LEU F 257 11.39 -14.67 -7.77
CA LEU F 257 11.18 -16.09 -8.07
C LEU F 257 11.25 -16.48 -9.55
N ASN F 258 11.21 -15.51 -10.43
CA ASN F 258 11.27 -15.81 -11.87
C ASN F 258 12.66 -15.53 -12.43
N GLY F 259 13.65 -15.42 -11.57
CA GLY F 259 15.01 -15.16 -12.01
C GLY F 259 15.79 -16.34 -12.54
N VAL F 260 17.03 -16.09 -12.97
CA VAL F 260 17.90 -17.14 -13.50
C VAL F 260 18.03 -18.28 -12.51
N TYR F 261 18.05 -19.51 -13.00
CA TYR F 261 18.21 -20.64 -12.11
C TYR F 261 19.71 -20.83 -11.92
N TYR F 262 20.16 -20.89 -10.66
CA TYR F 262 21.57 -21.09 -10.39
C TYR F 262 21.75 -22.43 -9.67
N GLN F 263 22.47 -23.34 -10.32
CA GLN F 263 22.72 -24.67 -9.77
C GLN F 263 23.53 -24.51 -8.48
N GLY F 264 23.04 -25.10 -7.40
CA GLY F 264 23.73 -25.03 -6.13
C GLY F 264 23.35 -23.88 -5.22
N GLY F 265 22.47 -23.01 -5.70
CA GLY F 265 22.04 -21.88 -4.89
C GLY F 265 22.98 -20.69 -4.84
N THR F 266 24.22 -20.91 -4.44
CA THR F 266 25.17 -19.81 -4.34
C THR F 266 25.71 -19.33 -5.67
N TYR F 267 25.76 -18.01 -5.82
CA TYR F 267 26.29 -17.40 -7.04
C TYR F 267 26.93 -16.04 -6.74
N SER F 268 27.70 -15.54 -7.70
CA SER F 268 28.39 -14.28 -7.54
C SER F 268 27.90 -13.20 -8.49
N LYS F 269 28.38 -11.99 -8.30
CA LYS F 269 28.00 -10.89 -9.16
C LYS F 269 28.91 -10.96 -10.37
N ALA F 270 29.74 -11.99 -10.41
CA ALA F 270 30.67 -12.20 -11.52
C ALA F 270 29.98 -13.05 -12.57
N SER F 271 29.30 -14.10 -12.12
CA SER F 271 28.58 -15.00 -13.01
C SER F 271 27.34 -14.31 -13.56
N THR F 272 27.05 -13.11 -13.08
CA THR F 272 25.88 -12.37 -13.55
C THR F 272 26.25 -11.60 -14.82
N PRO F 273 25.29 -11.47 -15.74
CA PRO F 273 25.49 -10.77 -17.01
C PRO F 273 25.78 -9.29 -16.83
N ASN F 274 25.02 -8.64 -15.96
CA ASN F 274 25.19 -7.22 -15.74
C ASN F 274 25.73 -6.86 -14.35
N GLY F 275 26.23 -7.88 -13.64
CA GLY F 275 26.78 -7.64 -12.31
C GLY F 275 25.71 -7.49 -11.24
N TYR F 276 24.45 -7.62 -11.63
CA TYR F 276 23.34 -7.50 -10.70
C TYR F 276 22.74 -8.86 -10.39
N ASP F 277 22.37 -9.04 -9.13
CA ASP F 277 21.75 -10.28 -8.69
C ASP F 277 20.48 -10.50 -9.49
N ASN F 278 20.47 -11.55 -10.31
CA ASN F 278 19.30 -11.86 -11.12
C ASN F 278 18.84 -13.28 -10.87
N GLY F 279 19.29 -13.84 -9.75
CA GLY F 279 18.90 -15.20 -9.41
C GLY F 279 17.51 -15.26 -8.82
N ILE F 280 17.11 -16.44 -8.40
CA ILE F 280 15.79 -16.67 -7.80
C ILE F 280 15.91 -16.41 -6.31
N ILE F 281 15.82 -15.14 -5.93
CA ILE F 281 16.00 -14.74 -4.53
C ILE F 281 14.75 -14.41 -3.71
N TRP F 282 14.96 -14.38 -2.40
CA TRP F 282 13.95 -14.01 -1.41
C TRP F 282 14.78 -13.51 -0.23
N ALA F 283 15.16 -12.24 -0.31
CA ALA F 283 16.01 -11.57 0.67
C ALA F 283 15.70 -11.75 2.14
N THR F 284 14.43 -11.93 2.49
CA THR F 284 14.03 -12.12 3.87
C THR F 284 14.33 -13.52 4.41
N TRP F 285 14.84 -14.40 3.55
CA TRP F 285 15.16 -15.75 3.96
C TRP F 285 16.60 -16.11 3.58
N LYS F 286 17.09 -15.60 2.47
CA LYS F 286 18.45 -15.89 2.03
C LYS F 286 19.06 -14.72 1.28
N THR F 287 20.38 -14.58 1.42
CA THR F 287 21.12 -13.51 0.76
C THR F 287 20.76 -13.44 -0.73
N ARG F 288 20.88 -12.25 -1.32
CA ARG F 288 20.55 -12.10 -2.73
C ARG F 288 21.54 -12.81 -3.64
N TRP F 289 22.58 -13.36 -3.03
CA TRP F 289 23.60 -14.09 -3.79
C TRP F 289 23.40 -15.58 -3.57
N TYR F 290 22.15 -15.94 -3.33
CA TYR F 290 21.75 -17.31 -3.13
C TYR F 290 20.40 -17.51 -3.83
N SER F 291 20.38 -18.41 -4.82
CA SER F 291 19.20 -18.74 -5.61
C SER F 291 18.55 -20.03 -5.10
N MET F 292 17.25 -19.98 -4.82
CA MET F 292 16.55 -21.16 -4.31
C MET F 292 16.73 -22.37 -5.24
N LYS F 293 16.45 -23.55 -4.70
CA LYS F 293 16.56 -24.78 -5.48
C LYS F 293 15.19 -25.14 -6.01
N LYS F 294 14.14 -24.77 -5.28
CA LYS F 294 12.77 -25.04 -5.71
C LYS F 294 11.84 -23.88 -5.30
N THR F 295 10.86 -23.57 -6.15
CA THR F 295 9.94 -22.47 -5.90
C THR F 295 8.53 -22.84 -6.27
N THR F 296 7.56 -22.29 -5.54
CA THR F 296 6.17 -22.55 -5.84
C THR F 296 5.30 -21.36 -5.52
N MET F 297 4.42 -21.03 -6.44
CA MET F 297 3.51 -19.93 -6.23
C MET F 297 2.15 -20.51 -6.50
N LYS F 298 1.32 -20.52 -5.46
CA LYS F 298 0.00 -21.09 -5.59
C LYS F 298 -0.95 -20.26 -4.77
N ILE F 299 -2.19 -20.16 -5.24
CA ILE F 299 -3.20 -19.43 -4.52
C ILE F 299 -4.36 -20.34 -4.18
N ILE F 300 -5.13 -19.92 -3.20
CA ILE F 300 -6.27 -20.70 -2.76
C ILE F 300 -7.17 -19.66 -2.12
N PRO F 301 -8.50 -19.85 -2.21
CA PRO F 301 -9.42 -18.88 -1.60
C PRO F 301 -8.96 -18.63 -0.18
N PHE F 302 -9.09 -17.40 0.29
CA PHE F 302 -8.64 -17.04 1.63
C PHE F 302 -9.26 -17.87 2.77
N ASN F 303 -10.59 -17.99 2.75
CA ASN F 303 -11.34 -18.74 3.76
C ASN F 303 -10.80 -20.14 4.05
N ARG F 304 -9.89 -20.60 3.20
CA ARG F 304 -9.32 -21.93 3.34
C ARG F 304 -8.21 -21.97 4.39
N LEU F 305 -7.79 -20.79 4.83
CA LEU F 305 -6.76 -20.68 5.86
C LEU F 305 -7.43 -20.21 7.16
N THR F 306 -7.24 -21.02 8.21
CA THR F 306 -7.83 -20.77 9.53
C THR F 306 -9.34 -20.99 9.43
N GLY G 1 0.53 22.41 -10.58
CA GLY G 1 0.34 21.19 -11.44
C GLY G 1 1.64 20.74 -12.09
N HIS G 2 1.62 20.52 -13.40
CA HIS G 2 2.84 20.11 -14.10
C HIS G 2 3.63 21.34 -14.51
N ARG G 3 4.95 21.23 -14.35
CA ARG G 3 5.85 22.31 -14.70
C ARG G 3 6.61 21.86 -15.96
N PRO G 4 6.17 22.32 -17.15
CA PRO G 4 6.80 21.95 -18.42
C PRO G 4 8.27 22.33 -18.54
N GLY H 1 18.18 -7.03 -6.94
CA GLY H 1 17.91 -6.40 -5.62
C GLY H 1 17.59 -4.93 -5.81
N HIS H 2 18.44 -4.06 -5.28
CA HIS H 2 18.25 -2.63 -5.41
C HIS H 2 19.13 -2.08 -6.53
N ARG H 3 18.99 -0.78 -6.83
CA ARG H 3 19.76 -0.15 -7.90
C ARG H 3 20.36 1.18 -7.47
N PRO H 4 21.62 1.17 -7.02
CA PRO H 4 22.30 2.39 -6.58
C PRO H 4 22.58 3.31 -7.76
N MET I 1 10.92 47.25 50.71
CA MET I 1 10.70 47.89 52.02
C MET I 1 11.38 47.11 53.14
N HIS I 2 11.93 47.83 54.11
CA HIS I 2 12.63 47.23 55.24
C HIS I 2 11.85 47.33 56.55
N ARG I 3 12.42 46.71 57.57
CA ARG I 3 11.89 46.70 58.94
C ARG I 3 13.09 46.91 59.87
N PRO I 4 13.34 48.17 60.27
CA PRO I 4 14.44 48.60 61.15
C PRO I 4 14.63 47.76 62.40
N TYR I 5 15.89 47.55 62.78
CA TYR I 5 16.18 46.79 63.99
C TYR I 5 16.01 47.77 65.15
N MET J 1 -4.25 -43.64 -59.33
CA MET J 1 -4.67 -44.65 -60.33
C MET J 1 -6.16 -44.57 -60.68
N HIS J 2 -6.45 -44.89 -61.94
CA HIS J 2 -7.81 -44.86 -62.50
C HIS J 2 -8.42 -46.26 -62.57
N ARG J 3 -9.55 -46.36 -63.25
CA ARG J 3 -10.24 -47.63 -63.45
C ARG J 3 -10.80 -47.60 -64.87
N PRO J 4 -10.07 -48.18 -65.83
CA PRO J 4 -10.44 -48.25 -67.24
C PRO J 4 -11.82 -48.89 -67.49
N TYR J 5 -12.58 -48.32 -68.42
CA TYR J 5 -13.90 -48.81 -68.77
C TYR J 5 -13.84 -50.06 -69.68
C1 NAG K . 17.64 52.30 58.73
C2 NAG K . 18.54 53.52 58.84
C3 NAG K . 18.53 53.96 60.30
C4 NAG K . 17.10 54.25 60.77
C5 NAG K . 16.11 53.11 60.37
C6 NAG K . 14.64 53.51 60.47
C7 NAG K . 20.49 54.07 57.55
C8 NAG K . 21.20 55.28 58.13
N2 NAG K . 19.90 53.23 58.40
O3 NAG K . 19.35 55.12 60.45
O4 NAG K . 17.15 54.39 62.22
O5 NAG K . 16.29 52.69 59.00
O6 NAG K . 13.96 53.23 59.25
O7 NAG K . 20.43 53.92 56.33
C1 NAG K . 16.72 55.56 62.85
C2 NAG K . 16.69 56.80 61.91
C3 NAG K . 16.26 58.00 62.77
C4 NAG K . 14.96 57.72 63.57
C5 NAG K . 14.99 56.35 64.27
C6 NAG K . 13.62 55.95 64.78
C7 NAG K . 18.10 57.99 60.33
C8 NAG K . 18.62 59.36 60.73
N2 NAG K . 17.97 57.05 61.29
O3 NAG K . 16.08 59.14 61.93
O4 NAG K . 14.79 58.74 64.54
O5 NAG K . 15.42 55.31 63.38
O6 NAG K . 13.00 55.01 63.89
O7 NAG K . 17.82 57.77 59.14
C1 NAG L . -7.48 -44.64 -70.55
C2 NAG L . -6.70 -44.06 -71.75
C3 NAG L . -6.95 -44.87 -73.04
C4 NAG L . -6.85 -46.40 -72.82
C5 NAG L . -7.70 -46.80 -71.59
C6 NAG L . -7.67 -48.27 -71.24
C7 NAG L . -6.82 -42.02 -73.08
C8 NAG L . -8.00 -41.38 -73.82
N2 NAG L . -7.08 -42.67 -71.94
O3 NAG L . -6.01 -44.49 -74.04
O4 NAG L . -7.36 -47.05 -74.01
O5 NAG L . -7.25 -46.06 -70.43
O6 NAG L . -8.51 -49.03 -72.11
O7 NAG L . -5.67 -41.90 -73.53
C1 NAG L . -6.87 -48.27 -74.47
C2 NAG L . -6.00 -48.15 -75.77
C3 NAG L . -5.62 -49.59 -76.21
C4 NAG L . -4.99 -50.39 -75.04
C5 NAG L . -5.89 -50.32 -73.79
C6 NAG L . -5.30 -50.98 -72.56
C7 NAG L . -6.22 -46.54 -77.63
C8 NAG L . -5.67 -46.99 -78.97
N2 NAG L . -6.77 -47.47 -76.82
O3 NAG L . -4.71 -49.55 -77.30
O4 NAG L . -4.84 -51.75 -75.44
O5 NAG L . -6.13 -48.95 -73.44
O6 NAG L . -6.27 -51.06 -71.53
O7 NAG L . -6.19 -45.32 -77.34
CA CA M . 9.43 35.76 60.37
CA CA N . -6.39 37.01 49.30
CA CA O . 14.77 20.64 -7.40
CA CA P . -0.41 14.62 -21.20
CA CA Q . -19.06 -46.64 -55.62
CA CA R . -6.07 -52.81 -42.01
CA CA S . 11.80 1.95 -16.48
CA CA T . 19.60 2.14 4.67
#